data_1AG2
# 
_entry.id   1AG2 
# 
_audit_conform.dict_name       mmcif_pdbx.dic 
_audit_conform.dict_version    5.398 
_audit_conform.dict_location   http://mmcif.pdb.org/dictionaries/ascii/mmcif_pdbx.dic 
# 
loop_
_database_2.database_id 
_database_2.database_code 
_database_2.pdbx_database_accession 
_database_2.pdbx_DOI 
PDB   1AG2         pdb_00001ag2 10.2210/pdb1ag2/pdb 
WWPDB D_1000170771 ?            ?                   
# 
loop_
_pdbx_audit_revision_history.ordinal 
_pdbx_audit_revision_history.data_content_type 
_pdbx_audit_revision_history.major_revision 
_pdbx_audit_revision_history.minor_revision 
_pdbx_audit_revision_history.revision_date 
1 'Structure model' 1 0 1997-10-08 
2 'Structure model' 1 1 2008-03-24 
3 'Structure model' 1 2 2011-07-13 
4 'Structure model' 1 3 2016-02-24 
5 'Structure model' 1 4 2024-06-05 
6 'Structure model' 1 5 2024-11-06 
# 
_pdbx_audit_revision_details.ordinal             1 
_pdbx_audit_revision_details.revision_ordinal    1 
_pdbx_audit_revision_details.data_content_type   'Structure model' 
_pdbx_audit_revision_details.provider            repository 
_pdbx_audit_revision_details.type                'Initial release' 
_pdbx_audit_revision_details.description         ? 
_pdbx_audit_revision_details.details             ? 
# 
loop_
_pdbx_audit_revision_group.ordinal 
_pdbx_audit_revision_group.revision_ordinal 
_pdbx_audit_revision_group.data_content_type 
_pdbx_audit_revision_group.group 
1 2 'Structure model' 'Version format compliance' 
2 3 'Structure model' 'Version format compliance' 
3 4 'Structure model' 'Database references'       
4 5 'Structure model' 'Data collection'           
5 5 'Structure model' 'Database references'       
6 5 'Structure model' Other                       
7 6 'Structure model' 'Structure summary'         
# 
loop_
_pdbx_audit_revision_category.ordinal 
_pdbx_audit_revision_category.revision_ordinal 
_pdbx_audit_revision_category.data_content_type 
_pdbx_audit_revision_category.category 
1 5 'Structure model' chem_comp_atom            
2 5 'Structure model' chem_comp_bond            
3 5 'Structure model' database_2                
4 5 'Structure model' pdbx_database_status      
5 6 'Structure model' pdbx_entry_details        
6 6 'Structure model' pdbx_modification_feature 
# 
loop_
_pdbx_audit_revision_item.ordinal 
_pdbx_audit_revision_item.revision_ordinal 
_pdbx_audit_revision_item.data_content_type 
_pdbx_audit_revision_item.item 
1 5 'Structure model' '_database_2.pdbx_DOI'                
2 5 'Structure model' '_database_2.pdbx_database_accession' 
3 5 'Structure model' '_pdbx_database_status.process_site'  
# 
_pdbx_database_status.status_code                     REL 
_pdbx_database_status.entry_id                        1AG2 
_pdbx_database_status.recvd_initial_deposition_date   1997-03-31 
_pdbx_database_status.deposit_site                    ? 
_pdbx_database_status.process_site                    BNL 
_pdbx_database_status.SG_entry                        . 
_pdbx_database_status.status_code_sf                  ? 
_pdbx_database_status.status_code_mr                  ? 
_pdbx_database_status.status_code_cs                  ? 
_pdbx_database_status.methods_development_category    ? 
_pdbx_database_status.pdb_format_compatible           Y 
_pdbx_database_status.status_code_nmr_data            ? 
# 
loop_
_audit_author.name 
_audit_author.pdbx_ordinal 
'Billeter, M.'    1 
'Riek, R.'        2 
'Wider, G.'       3 
'Wuthrich, K.'    4 
'Hornemann, S.'   5 
'Glockshuber, R.' 6 
# 
_citation.id                        primary 
_citation.title                     'NMR structure of the mouse prion protein domain PrP(121-231).' 
_citation.journal_abbrev            Nature 
_citation.journal_volume            382 
_citation.page_first                180 
_citation.page_last                 182 
_citation.year                      1996 
_citation.journal_id_ASTM           NATUAS 
_citation.country                   UK 
_citation.journal_id_ISSN           0028-0836 
_citation.journal_id_CSD            0006 
_citation.book_publisher            ? 
_citation.pdbx_database_id_PubMed   8700211 
_citation.pdbx_database_id_DOI      10.1038/382180a0 
# 
loop_
_citation_author.citation_id 
_citation_author.name 
_citation_author.ordinal 
_citation_author.identifier_ORCID 
primary 'Riek, R.'        1 ? 
primary 'Hornemann, S.'   2 ? 
primary 'Wider, G.'       3 ? 
primary 'Billeter, M.'    4 ? 
primary 'Glockshuber, R.' 5 ? 
primary 'Wuthrich, K.'    6 ? 
# 
_entity.id                         1 
_entity.type                       polymer 
_entity.src_method                 man 
_entity.pdbx_description           'MAJOR PRION PROTEIN' 
_entity.formula_weight             12348.751 
_entity.pdbx_number_of_molecules   1 
_entity.pdbx_ec                    ? 
_entity.pdbx_mutation              ? 
_entity.pdbx_fragment              'DOMAIN 121 - 231' 
_entity.details                    ? 
# 
_entity_name_com.entity_id   1 
_entity_name_com.name        'PRP(121-231)' 
# 
_entity_poly.entity_id                      1 
_entity_poly.type                           'polypeptide(L)' 
_entity_poly.nstd_linkage                   no 
_entity_poly.nstd_monomer                   no 
_entity_poly.pdbx_seq_one_letter_code       
;GLGGYMLGSAMSRPMIHFGNDWEDRYYRENMYRYPNQVYYRPVDQYSNQNNFVHDCVNITIKQHTVTTTTKGENFTETDV
KMMERVVEQMCVTQYQKESQAYY
;
_entity_poly.pdbx_seq_one_letter_code_can   
;GLGGYMLGSAMSRPMIHFGNDWEDRYYRENMYRYPNQVYYRPVDQYSNQNNFVHDCVNITIKQHTVTTTTKGENFTETDV
KMMERVVEQMCVTQYQKESQAYY
;
_entity_poly.pdbx_strand_id                 A 
_entity_poly.pdbx_target_identifier         ? 
# 
loop_
_entity_poly_seq.entity_id 
_entity_poly_seq.num 
_entity_poly_seq.mon_id 
_entity_poly_seq.hetero 
1 1   GLY n 
1 2   LEU n 
1 3   GLY n 
1 4   GLY n 
1 5   TYR n 
1 6   MET n 
1 7   LEU n 
1 8   GLY n 
1 9   SER n 
1 10  ALA n 
1 11  MET n 
1 12  SER n 
1 13  ARG n 
1 14  PRO n 
1 15  MET n 
1 16  ILE n 
1 17  HIS n 
1 18  PHE n 
1 19  GLY n 
1 20  ASN n 
1 21  ASP n 
1 22  TRP n 
1 23  GLU n 
1 24  ASP n 
1 25  ARG n 
1 26  TYR n 
1 27  TYR n 
1 28  ARG n 
1 29  GLU n 
1 30  ASN n 
1 31  MET n 
1 32  TYR n 
1 33  ARG n 
1 34  TYR n 
1 35  PRO n 
1 36  ASN n 
1 37  GLN n 
1 38  VAL n 
1 39  TYR n 
1 40  TYR n 
1 41  ARG n 
1 42  PRO n 
1 43  VAL n 
1 44  ASP n 
1 45  GLN n 
1 46  TYR n 
1 47  SER n 
1 48  ASN n 
1 49  GLN n 
1 50  ASN n 
1 51  ASN n 
1 52  PHE n 
1 53  VAL n 
1 54  HIS n 
1 55  ASP n 
1 56  CYS n 
1 57  VAL n 
1 58  ASN n 
1 59  ILE n 
1 60  THR n 
1 61  ILE n 
1 62  LYS n 
1 63  GLN n 
1 64  HIS n 
1 65  THR n 
1 66  VAL n 
1 67  THR n 
1 68  THR n 
1 69  THR n 
1 70  THR n 
1 71  LYS n 
1 72  GLY n 
1 73  GLU n 
1 74  ASN n 
1 75  PHE n 
1 76  THR n 
1 77  GLU n 
1 78  THR n 
1 79  ASP n 
1 80  VAL n 
1 81  LYS n 
1 82  MET n 
1 83  MET n 
1 84  GLU n 
1 85  ARG n 
1 86  VAL n 
1 87  VAL n 
1 88  GLU n 
1 89  GLN n 
1 90  MET n 
1 91  CYS n 
1 92  VAL n 
1 93  THR n 
1 94  GLN n 
1 95  TYR n 
1 96  GLN n 
1 97  LYS n 
1 98  GLU n 
1 99  SER n 
1 100 GLN n 
1 101 ALA n 
1 102 TYR n 
1 103 TYR n 
# 
_entity_src_gen.entity_id                          1 
_entity_src_gen.pdbx_src_id                        1 
_entity_src_gen.pdbx_alt_source_flag               sample 
_entity_src_gen.pdbx_seq_type                      ? 
_entity_src_gen.pdbx_beg_seq_num                   ? 
_entity_src_gen.pdbx_end_seq_num                   ? 
_entity_src_gen.gene_src_common_name               'house mouse' 
_entity_src_gen.gene_src_genus                     Mus 
_entity_src_gen.pdbx_gene_src_gene                 T7 
_entity_src_gen.gene_src_species                   ? 
_entity_src_gen.gene_src_strain                    ? 
_entity_src_gen.gene_src_tissue                    ? 
_entity_src_gen.gene_src_tissue_fraction           ? 
_entity_src_gen.gene_src_details                   ? 
_entity_src_gen.pdbx_gene_src_fragment             ? 
_entity_src_gen.pdbx_gene_src_scientific_name      'Mus musculus' 
_entity_src_gen.pdbx_gene_src_ncbi_taxonomy_id     10090 
_entity_src_gen.pdbx_gene_src_variant              ? 
_entity_src_gen.pdbx_gene_src_cell_line            'BL21 (DE3)' 
_entity_src_gen.pdbx_gene_src_atcc                 ? 
_entity_src_gen.pdbx_gene_src_organ                ? 
_entity_src_gen.pdbx_gene_src_organelle            ? 
_entity_src_gen.pdbx_gene_src_cell                 ? 
_entity_src_gen.pdbx_gene_src_cellular_location    ? 
_entity_src_gen.host_org_common_name               ? 
_entity_src_gen.pdbx_host_org_scientific_name      'Escherichia coli' 
_entity_src_gen.pdbx_host_org_ncbi_taxonomy_id     562 
_entity_src_gen.host_org_genus                     Escherichia 
_entity_src_gen.pdbx_host_org_gene                 T7 
_entity_src_gen.pdbx_host_org_organ                ? 
_entity_src_gen.host_org_species                   ? 
_entity_src_gen.pdbx_host_org_tissue               ? 
_entity_src_gen.pdbx_host_org_tissue_fraction      ? 
_entity_src_gen.pdbx_host_org_strain               ? 
_entity_src_gen.pdbx_host_org_variant              ? 
_entity_src_gen.pdbx_host_org_cell_line            'BL21 (DE3)' 
_entity_src_gen.pdbx_host_org_atcc                 ? 
_entity_src_gen.pdbx_host_org_culture_collection   ? 
_entity_src_gen.pdbx_host_org_cell                 ? 
_entity_src_gen.pdbx_host_org_organelle            ? 
_entity_src_gen.pdbx_host_org_cellular_location    ? 
_entity_src_gen.pdbx_host_org_vector_type          T7 
_entity_src_gen.pdbx_host_org_vector               ? 
_entity_src_gen.host_org_details                   ? 
_entity_src_gen.expression_system_id               ? 
_entity_src_gen.plasmid_name                       'T7 PPRP-C6' 
_entity_src_gen.plasmid_details                    ? 
_entity_src_gen.pdbx_description                   ? 
# 
loop_
_chem_comp.id 
_chem_comp.type 
_chem_comp.mon_nstd_flag 
_chem_comp.name 
_chem_comp.pdbx_synonyms 
_chem_comp.formula 
_chem_comp.formula_weight 
ALA 'L-peptide linking' y ALANINE         ? 'C3 H7 N O2'     89.093  
ARG 'L-peptide linking' y ARGININE        ? 'C6 H15 N4 O2 1' 175.209 
ASN 'L-peptide linking' y ASPARAGINE      ? 'C4 H8 N2 O3'    132.118 
ASP 'L-peptide linking' y 'ASPARTIC ACID' ? 'C4 H7 N O4'     133.103 
CYS 'L-peptide linking' y CYSTEINE        ? 'C3 H7 N O2 S'   121.158 
GLN 'L-peptide linking' y GLUTAMINE       ? 'C5 H10 N2 O3'   146.144 
GLU 'L-peptide linking' y 'GLUTAMIC ACID' ? 'C5 H9 N O4'     147.129 
GLY 'peptide linking'   y GLYCINE         ? 'C2 H5 N O2'     75.067  
HIS 'L-peptide linking' y HISTIDINE       ? 'C6 H10 N3 O2 1' 156.162 
ILE 'L-peptide linking' y ISOLEUCINE      ? 'C6 H13 N O2'    131.173 
LEU 'L-peptide linking' y LEUCINE         ? 'C6 H13 N O2'    131.173 
LYS 'L-peptide linking' y LYSINE          ? 'C6 H15 N2 O2 1' 147.195 
MET 'L-peptide linking' y METHIONINE      ? 'C5 H11 N O2 S'  149.211 
PHE 'L-peptide linking' y PHENYLALANINE   ? 'C9 H11 N O2'    165.189 
PRO 'L-peptide linking' y PROLINE         ? 'C5 H9 N O2'     115.130 
SER 'L-peptide linking' y SERINE          ? 'C3 H7 N O3'     105.093 
THR 'L-peptide linking' y THREONINE       ? 'C4 H9 N O3'     119.119 
TRP 'L-peptide linking' y TRYPTOPHAN      ? 'C11 H12 N2 O2'  204.225 
TYR 'L-peptide linking' y TYROSINE        ? 'C9 H11 N O3'    181.189 
VAL 'L-peptide linking' y VALINE          ? 'C5 H11 N O2'    117.146 
# 
loop_
_pdbx_poly_seq_scheme.asym_id 
_pdbx_poly_seq_scheme.entity_id 
_pdbx_poly_seq_scheme.seq_id 
_pdbx_poly_seq_scheme.mon_id 
_pdbx_poly_seq_scheme.ndb_seq_num 
_pdbx_poly_seq_scheme.pdb_seq_num 
_pdbx_poly_seq_scheme.auth_seq_num 
_pdbx_poly_seq_scheme.pdb_mon_id 
_pdbx_poly_seq_scheme.auth_mon_id 
_pdbx_poly_seq_scheme.pdb_strand_id 
_pdbx_poly_seq_scheme.pdb_ins_code 
_pdbx_poly_seq_scheme.hetero 
A 1 1   GLY 1   124 124 GLY GLY A . n 
A 1 2   LEU 2   125 125 LEU LEU A . n 
A 1 3   GLY 3   126 126 GLY GLY A . n 
A 1 4   GLY 4   127 127 GLY GLY A . n 
A 1 5   TYR 5   128 128 TYR TYR A . n 
A 1 6   MET 6   129 129 MET MET A . n 
A 1 7   LEU 7   130 130 LEU LEU A . n 
A 1 8   GLY 8   131 131 GLY GLY A . n 
A 1 9   SER 9   132 132 SER SER A . n 
A 1 10  ALA 10  133 133 ALA ALA A . n 
A 1 11  MET 11  134 134 MET MET A . n 
A 1 12  SER 12  135 135 SER SER A . n 
A 1 13  ARG 13  136 136 ARG ARG A . n 
A 1 14  PRO 14  137 137 PRO PRO A . n 
A 1 15  MET 15  138 138 MET MET A . n 
A 1 16  ILE 16  139 139 ILE ILE A . n 
A 1 17  HIS 17  140 140 HIS HIS A . n 
A 1 18  PHE 18  141 141 PHE PHE A . n 
A 1 19  GLY 19  142 142 GLY GLY A . n 
A 1 20  ASN 20  143 143 ASN ASN A . n 
A 1 21  ASP 21  144 144 ASP ASP A . n 
A 1 22  TRP 22  145 145 TRP TRP A . n 
A 1 23  GLU 23  146 146 GLU GLU A . n 
A 1 24  ASP 24  147 147 ASP ASP A . n 
A 1 25  ARG 25  148 148 ARG ARG A . n 
A 1 26  TYR 26  149 149 TYR TYR A . n 
A 1 27  TYR 27  150 150 TYR TYR A . n 
A 1 28  ARG 28  151 151 ARG ARG A . n 
A 1 29  GLU 29  152 152 GLU GLU A . n 
A 1 30  ASN 30  153 153 ASN ASN A . n 
A 1 31  MET 31  154 154 MET MET A . n 
A 1 32  TYR 32  155 155 TYR TYR A . n 
A 1 33  ARG 33  156 156 ARG ARG A . n 
A 1 34  TYR 34  157 157 TYR TYR A . n 
A 1 35  PRO 35  158 158 PRO PRO A . n 
A 1 36  ASN 36  159 159 ASN ASN A . n 
A 1 37  GLN 37  160 160 GLN GLN A . n 
A 1 38  VAL 38  161 161 VAL VAL A . n 
A 1 39  TYR 39  162 162 TYR TYR A . n 
A 1 40  TYR 40  163 163 TYR TYR A . n 
A 1 41  ARG 41  164 164 ARG ARG A . n 
A 1 42  PRO 42  165 165 PRO PRO A . n 
A 1 43  VAL 43  166 166 VAL VAL A . n 
A 1 44  ASP 44  167 167 ASP ASP A . n 
A 1 45  GLN 45  168 168 GLN GLN A . n 
A 1 46  TYR 46  169 169 TYR TYR A . n 
A 1 47  SER 47  170 170 SER SER A . n 
A 1 48  ASN 48  171 171 ASN ASN A . n 
A 1 49  GLN 49  172 172 GLN GLN A . n 
A 1 50  ASN 50  173 173 ASN ASN A . n 
A 1 51  ASN 51  174 174 ASN ASN A . n 
A 1 52  PHE 52  175 175 PHE PHE A . n 
A 1 53  VAL 53  176 176 VAL VAL A . n 
A 1 54  HIS 54  177 177 HIS HIS A . n 
A 1 55  ASP 55  178 178 ASP ASP A . n 
A 1 56  CYS 56  179 179 CYS CYS A . n 
A 1 57  VAL 57  180 180 VAL VAL A . n 
A 1 58  ASN 58  181 181 ASN ASN A . n 
A 1 59  ILE 59  182 182 ILE ILE A . n 
A 1 60  THR 60  183 183 THR THR A . n 
A 1 61  ILE 61  184 184 ILE ILE A . n 
A 1 62  LYS 62  185 185 LYS LYS A . n 
A 1 63  GLN 63  186 186 GLN GLN A . n 
A 1 64  HIS 64  187 187 HIS HIS A . n 
A 1 65  THR 65  188 188 THR THR A . n 
A 1 66  VAL 66  189 189 VAL VAL A . n 
A 1 67  THR 67  190 190 THR THR A . n 
A 1 68  THR 68  191 191 THR THR A . n 
A 1 69  THR 69  192 192 THR THR A . n 
A 1 70  THR 70  193 193 THR THR A . n 
A 1 71  LYS 71  194 194 LYS LYS A . n 
A 1 72  GLY 72  195 195 GLY GLY A . n 
A 1 73  GLU 73  196 196 GLU GLU A . n 
A 1 74  ASN 74  197 197 ASN ASN A . n 
A 1 75  PHE 75  198 198 PHE PHE A . n 
A 1 76  THR 76  199 199 THR THR A . n 
A 1 77  GLU 77  200 200 GLU GLU A . n 
A 1 78  THR 78  201 201 THR THR A . n 
A 1 79  ASP 79  202 202 ASP ASP A . n 
A 1 80  VAL 80  203 203 VAL VAL A . n 
A 1 81  LYS 81  204 204 LYS LYS A . n 
A 1 82  MET 82  205 205 MET MET A . n 
A 1 83  MET 83  206 206 MET MET A . n 
A 1 84  GLU 84  207 207 GLU GLU A . n 
A 1 85  ARG 85  208 208 ARG ARG A . n 
A 1 86  VAL 86  209 209 VAL VAL A . n 
A 1 87  VAL 87  210 210 VAL VAL A . n 
A 1 88  GLU 88  211 211 GLU GLU A . n 
A 1 89  GLN 89  212 212 GLN GLN A . n 
A 1 90  MET 90  213 213 MET MET A . n 
A 1 91  CYS 91  214 214 CYS CYS A . n 
A 1 92  VAL 92  215 215 VAL VAL A . n 
A 1 93  THR 93  216 216 THR THR A . n 
A 1 94  GLN 94  217 217 GLN GLN A . n 
A 1 95  TYR 95  218 218 TYR TYR A . n 
A 1 96  GLN 96  219 219 GLN GLN A . n 
A 1 97  LYS 97  220 220 LYS LYS A . n 
A 1 98  GLU 98  221 221 GLU GLU A . n 
A 1 99  SER 99  222 222 SER SER A . n 
A 1 100 GLN 100 223 223 GLN GLN A . n 
A 1 101 ALA 101 224 224 ALA ALA A . n 
A 1 102 TYR 102 225 225 TYR TYR A . n 
A 1 103 TYR 103 226 226 TYR TYR A . n 
# 
loop_
_software.name 
_software.classification 
_software.version 
_software.citation_id 
_software.pdbx_ordinal 
DYANA 'model building' . ? 1 
DYANA refinement       . ? 2 
# 
_cell.entry_id           1AG2 
_cell.length_a           1.000 
_cell.length_b           1.000 
_cell.length_c           1.000 
_cell.angle_alpha        90.00 
_cell.angle_beta         90.00 
_cell.angle_gamma        90.00 
_cell.Z_PDB              1 
_cell.pdbx_unique_axis   ? 
# 
_symmetry.entry_id                         1AG2 
_symmetry.space_group_name_H-M             'P 1' 
_symmetry.pdbx_full_space_group_name_H-M   ? 
_symmetry.cell_setting                     ? 
_symmetry.Int_Tables_number                1 
# 
_exptl.entry_id          1AG2 
_exptl.method            'SOLUTION NMR' 
_exptl.crystals_number   ? 
# 
_struct.entry_id                  1AG2 
_struct.title                     'PRION PROTEIN DOMAIN PRP(121-231) FROM MOUSE, NMR, 2 MINIMIZED AVERAGE STRUCTURE' 
_struct.pdbx_model_details        ? 
_struct.pdbx_CASP_flag            ? 
_struct.pdbx_model_type_details   ? 
# 
_struct_keywords.entry_id        1AG2 
_struct_keywords.pdbx_keywords   'PRION PROTEIN' 
_struct_keywords.text            'PRION PROTEIN, BRAIN, GLYCOPROTEIN, GPI-ANCHOR' 
# 
_struct_asym.id                            A 
_struct_asym.pdbx_blank_PDB_chainid_flag   Y 
_struct_asym.pdbx_modified                 N 
_struct_asym.entity_id                     1 
_struct_asym.details                       ? 
# 
_struct_ref.id                         1 
_struct_ref.db_name                    UNP 
_struct_ref.db_code                    PRIO_MOUSE 
_struct_ref.entity_id                  1 
_struct_ref.pdbx_db_accession          P04925 
_struct_ref.pdbx_align_begin           1 
_struct_ref.pdbx_seq_one_letter_code   
;MANLGYWLLALFVTMWTDVGLCKKRPKPGGWNTGGSRYPGQGSPGGNRYPPQGGTWGQPHGGGWGQPHGGSWGQPHGGSW
GQPHGGGWGQGGGTHNQWNKPSKPKTNLKHVAGAAAAGAVVGGLGGYMLGSAMSRPMIHFGNDWEDRYYRENMYRYPNQV
YYRPVDQYSNQNNFVHDCVNITIKQHTVTTTTKGENFTETDVKMMERVVEQMCVTQYQKESQAYYDGRRSSSTVLFSSPP
VILLISFLIFLIVG
;
_struct_ref.pdbx_db_isoform            ? 
# 
_struct_ref_seq.align_id                      1 
_struct_ref_seq.ref_id                        1 
_struct_ref_seq.pdbx_PDB_id_code              1AG2 
_struct_ref_seq.pdbx_strand_id                A 
_struct_ref_seq.seq_align_beg                 1 
_struct_ref_seq.pdbx_seq_align_beg_ins_code   ? 
_struct_ref_seq.seq_align_end                 103 
_struct_ref_seq.pdbx_seq_align_end_ins_code   ? 
_struct_ref_seq.pdbx_db_accession             P04925 
_struct_ref_seq.db_align_beg                  123 
_struct_ref_seq.pdbx_db_align_beg_ins_code    ? 
_struct_ref_seq.db_align_end                  225 
_struct_ref_seq.pdbx_db_align_end_ins_code    ? 
_struct_ref_seq.pdbx_auth_seq_align_beg       124 
_struct_ref_seq.pdbx_auth_seq_align_end       226 
# 
_pdbx_struct_assembly.id                   1 
_pdbx_struct_assembly.details              author_defined_assembly 
_pdbx_struct_assembly.method_details       ? 
_pdbx_struct_assembly.oligomeric_details   monomeric 
_pdbx_struct_assembly.oligomeric_count     1 
# 
_pdbx_struct_assembly_gen.assembly_id       1 
_pdbx_struct_assembly_gen.oper_expression   1 
_pdbx_struct_assembly_gen.asym_id_list      A 
# 
_pdbx_struct_oper_list.id                   1 
_pdbx_struct_oper_list.type                 'identity operation' 
_pdbx_struct_oper_list.name                 1_555 
_pdbx_struct_oper_list.symmetry_operation   x,y,z 
_pdbx_struct_oper_list.matrix[1][1]         1.0000000000 
_pdbx_struct_oper_list.matrix[1][2]         0.0000000000 
_pdbx_struct_oper_list.matrix[1][3]         0.0000000000 
_pdbx_struct_oper_list.vector[1]            0.0000000000 
_pdbx_struct_oper_list.matrix[2][1]         0.0000000000 
_pdbx_struct_oper_list.matrix[2][2]         1.0000000000 
_pdbx_struct_oper_list.matrix[2][3]         0.0000000000 
_pdbx_struct_oper_list.vector[2]            0.0000000000 
_pdbx_struct_oper_list.matrix[3][1]         0.0000000000 
_pdbx_struct_oper_list.matrix[3][2]         0.0000000000 
_pdbx_struct_oper_list.matrix[3][3]         1.0000000000 
_pdbx_struct_oper_list.vector[3]            0.0000000000 
# 
_struct_biol.id        1 
_struct_biol.details   ? 
# 
loop_
_struct_conf.conf_type_id 
_struct_conf.id 
_struct_conf.pdbx_PDB_helix_id 
_struct_conf.beg_label_comp_id 
_struct_conf.beg_label_asym_id 
_struct_conf.beg_label_seq_id 
_struct_conf.pdbx_beg_PDB_ins_code 
_struct_conf.end_label_comp_id 
_struct_conf.end_label_asym_id 
_struct_conf.end_label_seq_id 
_struct_conf.pdbx_end_PDB_ins_code 
_struct_conf.beg_auth_comp_id 
_struct_conf.beg_auth_asym_id 
_struct_conf.beg_auth_seq_id 
_struct_conf.end_auth_comp_id 
_struct_conf.end_auth_asym_id 
_struct_conf.end_auth_seq_id 
_struct_conf.pdbx_PDB_helix_class 
_struct_conf.details 
_struct_conf.pdbx_PDB_helix_length 
HELX_P HELX_P1 1 ASP A 21 ? ASN A 30  ? ASP A 144 ASN A 153 1 ? 10 
HELX_P HELX_P2 2 GLN A 49 ? LYS A 71  ? GLN A 172 LYS A 194 1 ? 23 
HELX_P HELX_P3 3 GLU A 77 ? ALA A 101 ? GLU A 200 ALA A 224 1 ? 25 
# 
_struct_conf_type.id          HELX_P 
_struct_conf_type.criteria    ? 
_struct_conf_type.reference   ? 
# 
_struct_conn.id                            disulf1 
_struct_conn.conn_type_id                  disulf 
_struct_conn.pdbx_leaving_atom_flag        ? 
_struct_conn.pdbx_PDB_id                   ? 
_struct_conn.ptnr1_label_asym_id           A 
_struct_conn.ptnr1_label_comp_id           CYS 
_struct_conn.ptnr1_label_seq_id            56 
_struct_conn.ptnr1_label_atom_id           SG 
_struct_conn.pdbx_ptnr1_label_alt_id       ? 
_struct_conn.pdbx_ptnr1_PDB_ins_code       ? 
_struct_conn.pdbx_ptnr1_standard_comp_id   ? 
_struct_conn.ptnr1_symmetry                1_555 
_struct_conn.ptnr2_label_asym_id           A 
_struct_conn.ptnr2_label_comp_id           CYS 
_struct_conn.ptnr2_label_seq_id            91 
_struct_conn.ptnr2_label_atom_id           SG 
_struct_conn.pdbx_ptnr2_label_alt_id       ? 
_struct_conn.pdbx_ptnr2_PDB_ins_code       ? 
_struct_conn.ptnr1_auth_asym_id            A 
_struct_conn.ptnr1_auth_comp_id            CYS 
_struct_conn.ptnr1_auth_seq_id             179 
_struct_conn.ptnr2_auth_asym_id            A 
_struct_conn.ptnr2_auth_comp_id            CYS 
_struct_conn.ptnr2_auth_seq_id             214 
_struct_conn.ptnr2_symmetry                1_555 
_struct_conn.pdbx_ptnr3_label_atom_id      ? 
_struct_conn.pdbx_ptnr3_label_seq_id       ? 
_struct_conn.pdbx_ptnr3_label_comp_id      ? 
_struct_conn.pdbx_ptnr3_label_asym_id      ? 
_struct_conn.pdbx_ptnr3_label_alt_id       ? 
_struct_conn.pdbx_ptnr3_PDB_ins_code       ? 
_struct_conn.details                       ? 
_struct_conn.pdbx_dist_value               2.046 
_struct_conn.pdbx_value_order              ? 
_struct_conn.pdbx_role                     ? 
# 
_struct_conn_type.id          disulf 
_struct_conn_type.criteria    ? 
_struct_conn_type.reference   ? 
# 
_pdbx_modification_feature.ordinal                            1 
_pdbx_modification_feature.label_comp_id                      CYS 
_pdbx_modification_feature.label_asym_id                      A 
_pdbx_modification_feature.label_seq_id                       56 
_pdbx_modification_feature.label_alt_id                       ? 
_pdbx_modification_feature.modified_residue_label_comp_id     CYS 
_pdbx_modification_feature.modified_residue_label_asym_id     A 
_pdbx_modification_feature.modified_residue_label_seq_id      91 
_pdbx_modification_feature.modified_residue_label_alt_id      ? 
_pdbx_modification_feature.auth_comp_id                       CYS 
_pdbx_modification_feature.auth_asym_id                       A 
_pdbx_modification_feature.auth_seq_id                        179 
_pdbx_modification_feature.PDB_ins_code                       ? 
_pdbx_modification_feature.symmetry                           1_555 
_pdbx_modification_feature.modified_residue_auth_comp_id      CYS 
_pdbx_modification_feature.modified_residue_auth_asym_id      A 
_pdbx_modification_feature.modified_residue_auth_seq_id       214 
_pdbx_modification_feature.modified_residue_PDB_ins_code      ? 
_pdbx_modification_feature.modified_residue_symmetry          1_555 
_pdbx_modification_feature.comp_id_linking_atom               SG 
_pdbx_modification_feature.modified_residue_id_linking_atom   SG 
_pdbx_modification_feature.modified_residue_id                . 
_pdbx_modification_feature.ref_pcm_id                         . 
_pdbx_modification_feature.ref_comp_id                        . 
_pdbx_modification_feature.type                               None 
_pdbx_modification_feature.category                           'Disulfide bridge' 
# 
_struct_sheet.id               S1 
_struct_sheet.type             ? 
_struct_sheet.number_strands   2 
_struct_sheet.details          ? 
# 
_struct_sheet_order.sheet_id     S1 
_struct_sheet_order.range_id_1   1 
_struct_sheet_order.range_id_2   2 
_struct_sheet_order.offset       ? 
_struct_sheet_order.sense        anti-parallel 
# 
loop_
_struct_sheet_range.sheet_id 
_struct_sheet_range.id 
_struct_sheet_range.beg_label_comp_id 
_struct_sheet_range.beg_label_asym_id 
_struct_sheet_range.beg_label_seq_id 
_struct_sheet_range.pdbx_beg_PDB_ins_code 
_struct_sheet_range.end_label_comp_id 
_struct_sheet_range.end_label_asym_id 
_struct_sheet_range.end_label_seq_id 
_struct_sheet_range.pdbx_end_PDB_ins_code 
_struct_sheet_range.beg_auth_comp_id 
_struct_sheet_range.beg_auth_asym_id 
_struct_sheet_range.beg_auth_seq_id 
_struct_sheet_range.end_auth_comp_id 
_struct_sheet_range.end_auth_asym_id 
_struct_sheet_range.end_auth_seq_id 
S1 1 TYR A 5  ? GLY A 8  ? TYR A 128 GLY A 131 
S1 2 VAL A 38 ? ARG A 41 ? VAL A 161 ARG A 164 
# 
_pdbx_entry_details.entry_id                   1AG2 
_pdbx_entry_details.compound_details           ? 
_pdbx_entry_details.source_details             ? 
_pdbx_entry_details.nonpolymer_details         ? 
_pdbx_entry_details.sequence_details           ? 
_pdbx_entry_details.has_ligand_of_interest     ? 
_pdbx_entry_details.has_protein_modification   Y 
# 
_pdbx_validate_close_contact.id               1 
_pdbx_validate_close_contact.PDB_model_num    1 
_pdbx_validate_close_contact.auth_atom_id_1   HH 
_pdbx_validate_close_contact.auth_asym_id_1   A 
_pdbx_validate_close_contact.auth_comp_id_1   TYR 
_pdbx_validate_close_contact.auth_seq_id_1    128 
_pdbx_validate_close_contact.PDB_ins_code_1   ? 
_pdbx_validate_close_contact.label_alt_id_1   ? 
_pdbx_validate_close_contact.auth_atom_id_2   OD2 
_pdbx_validate_close_contact.auth_asym_id_2   A 
_pdbx_validate_close_contact.auth_comp_id_2   ASP 
_pdbx_validate_close_contact.auth_seq_id_2    178 
_pdbx_validate_close_contact.PDB_ins_code_2   ? 
_pdbx_validate_close_contact.label_alt_id_2   ? 
_pdbx_validate_close_contact.dist             1.59 
# 
loop_
_pdbx_validate_torsion.id 
_pdbx_validate_torsion.PDB_model_num 
_pdbx_validate_torsion.auth_comp_id 
_pdbx_validate_torsion.auth_asym_id 
_pdbx_validate_torsion.auth_seq_id 
_pdbx_validate_torsion.PDB_ins_code 
_pdbx_validate_torsion.label_alt_id 
_pdbx_validate_torsion.phi 
_pdbx_validate_torsion.psi 
1 1 ALA A 133 ? ? 175.40  160.92  
2 1 GLN A 168 ? ? -143.41 -33.82  
3 1 SER A 170 ? ? 117.29  -102.62 
4 1 ASN A 181 ? ? -77.94  -83.16  
5 1 THR A 188 ? ? -99.32  -69.39  
6 1 GLN A 217 ? ? -61.87  -78.42  
7 1 SER A 222 ? ? -64.21  1.36    
# 
loop_
_pdbx_validate_planes.id 
_pdbx_validate_planes.PDB_model_num 
_pdbx_validate_planes.auth_comp_id 
_pdbx_validate_planes.auth_asym_id 
_pdbx_validate_planes.auth_seq_id 
_pdbx_validate_planes.PDB_ins_code 
_pdbx_validate_planes.label_alt_id 
_pdbx_validate_planes.rmsd 
_pdbx_validate_planes.type 
1 1 ARG A 208 ? ? 0.107 'SIDE CHAIN' 
2 1 TYR A 218 ? ? 0.076 'SIDE CHAIN' 
# 
_pdbx_nmr_ensemble.entry_id                                      1AG2 
_pdbx_nmr_ensemble.conformers_calculated_total_number            50 
_pdbx_nmr_ensemble.conformers_submitted_total_number             1 
_pdbx_nmr_ensemble.conformer_selection_criteria                  'BEST 20' 
_pdbx_nmr_ensemble.average_constraints_per_residue               ? 
_pdbx_nmr_ensemble.average_constraint_violations_per_residue     ? 
_pdbx_nmr_ensemble.maximum_distance_constraint_violation         ? 
_pdbx_nmr_ensemble.average_distance_constraint_violation         ? 
_pdbx_nmr_ensemble.maximum_upper_distance_constraint_violation   ? 
_pdbx_nmr_ensemble.maximum_lower_distance_constraint_violation   ? 
_pdbx_nmr_ensemble.distance_constraint_violation_method          ? 
_pdbx_nmr_ensemble.maximum_torsion_angle_constraint_violation    ? 
_pdbx_nmr_ensemble.average_torsion_angle_constraint_violation    ? 
_pdbx_nmr_ensemble.torsion_angle_constraint_violation_method     ? 
# 
_pdbx_nmr_exptl_sample_conditions.conditions_id       1 
_pdbx_nmr_exptl_sample_conditions.temperature         293 
_pdbx_nmr_exptl_sample_conditions.pressure            ? 
_pdbx_nmr_exptl_sample_conditions.pH                  4.5 
_pdbx_nmr_exptl_sample_conditions.ionic_strength      ? 
_pdbx_nmr_exptl_sample_conditions.pressure_units      ? 
_pdbx_nmr_exptl_sample_conditions.temperature_units   K 
# 
_pdbx_nmr_exptl.experiment_id   1 
_pdbx_nmr_exptl.conditions_id   1 
_pdbx_nmr_exptl.type            NOESY 
_pdbx_nmr_exptl.solution_id     1 
# 
_pdbx_nmr_refine.entry_id           1AG2 
_pdbx_nmr_refine.method             'simulated annealing' 
_pdbx_nmr_refine.details            ? 
_pdbx_nmr_refine.software_ordinal   1 
# 
loop_
_pdbx_nmr_software.classification 
_pdbx_nmr_software.name 
_pdbx_nmr_software.version 
_pdbx_nmr_software.authors 
_pdbx_nmr_software.ordinal 
refinement           OPAL  ? LUGINBUHL,GUNTERT,BILLETER,WUTHRICH 1 
'structure solution' DYANA ? ?                                   2 
# 
loop_
_chem_comp_atom.comp_id 
_chem_comp_atom.atom_id 
_chem_comp_atom.type_symbol 
_chem_comp_atom.pdbx_aromatic_flag 
_chem_comp_atom.pdbx_stereo_config 
_chem_comp_atom.pdbx_ordinal 
ALA N    N N N 1   
ALA CA   C N S 2   
ALA C    C N N 3   
ALA O    O N N 4   
ALA CB   C N N 5   
ALA OXT  O N N 6   
ALA H    H N N 7   
ALA H2   H N N 8   
ALA HA   H N N 9   
ALA HB1  H N N 10  
ALA HB2  H N N 11  
ALA HB3  H N N 12  
ALA HXT  H N N 13  
ARG N    N N N 14  
ARG CA   C N S 15  
ARG C    C N N 16  
ARG O    O N N 17  
ARG CB   C N N 18  
ARG CG   C N N 19  
ARG CD   C N N 20  
ARG NE   N N N 21  
ARG CZ   C N N 22  
ARG NH1  N N N 23  
ARG NH2  N N N 24  
ARG OXT  O N N 25  
ARG H    H N N 26  
ARG H2   H N N 27  
ARG HA   H N N 28  
ARG HB2  H N N 29  
ARG HB3  H N N 30  
ARG HG2  H N N 31  
ARG HG3  H N N 32  
ARG HD2  H N N 33  
ARG HD3  H N N 34  
ARG HE   H N N 35  
ARG HH11 H N N 36  
ARG HH12 H N N 37  
ARG HH21 H N N 38  
ARG HH22 H N N 39  
ARG HXT  H N N 40  
ASN N    N N N 41  
ASN CA   C N S 42  
ASN C    C N N 43  
ASN O    O N N 44  
ASN CB   C N N 45  
ASN CG   C N N 46  
ASN OD1  O N N 47  
ASN ND2  N N N 48  
ASN OXT  O N N 49  
ASN H    H N N 50  
ASN H2   H N N 51  
ASN HA   H N N 52  
ASN HB2  H N N 53  
ASN HB3  H N N 54  
ASN HD21 H N N 55  
ASN HD22 H N N 56  
ASN HXT  H N N 57  
ASP N    N N N 58  
ASP CA   C N S 59  
ASP C    C N N 60  
ASP O    O N N 61  
ASP CB   C N N 62  
ASP CG   C N N 63  
ASP OD1  O N N 64  
ASP OD2  O N N 65  
ASP OXT  O N N 66  
ASP H    H N N 67  
ASP H2   H N N 68  
ASP HA   H N N 69  
ASP HB2  H N N 70  
ASP HB3  H N N 71  
ASP HD2  H N N 72  
ASP HXT  H N N 73  
CYS N    N N N 74  
CYS CA   C N R 75  
CYS C    C N N 76  
CYS O    O N N 77  
CYS CB   C N N 78  
CYS SG   S N N 79  
CYS OXT  O N N 80  
CYS H    H N N 81  
CYS H2   H N N 82  
CYS HA   H N N 83  
CYS HB2  H N N 84  
CYS HB3  H N N 85  
CYS HG   H N N 86  
CYS HXT  H N N 87  
GLN N    N N N 88  
GLN CA   C N S 89  
GLN C    C N N 90  
GLN O    O N N 91  
GLN CB   C N N 92  
GLN CG   C N N 93  
GLN CD   C N N 94  
GLN OE1  O N N 95  
GLN NE2  N N N 96  
GLN OXT  O N N 97  
GLN H    H N N 98  
GLN H2   H N N 99  
GLN HA   H N N 100 
GLN HB2  H N N 101 
GLN HB3  H N N 102 
GLN HG2  H N N 103 
GLN HG3  H N N 104 
GLN HE21 H N N 105 
GLN HE22 H N N 106 
GLN HXT  H N N 107 
GLU N    N N N 108 
GLU CA   C N S 109 
GLU C    C N N 110 
GLU O    O N N 111 
GLU CB   C N N 112 
GLU CG   C N N 113 
GLU CD   C N N 114 
GLU OE1  O N N 115 
GLU OE2  O N N 116 
GLU OXT  O N N 117 
GLU H    H N N 118 
GLU H2   H N N 119 
GLU HA   H N N 120 
GLU HB2  H N N 121 
GLU HB3  H N N 122 
GLU HG2  H N N 123 
GLU HG3  H N N 124 
GLU HE2  H N N 125 
GLU HXT  H N N 126 
GLY N    N N N 127 
GLY CA   C N N 128 
GLY C    C N N 129 
GLY O    O N N 130 
GLY OXT  O N N 131 
GLY H    H N N 132 
GLY H2   H N N 133 
GLY HA2  H N N 134 
GLY HA3  H N N 135 
GLY HXT  H N N 136 
HIS N    N N N 137 
HIS CA   C N S 138 
HIS C    C N N 139 
HIS O    O N N 140 
HIS CB   C N N 141 
HIS CG   C Y N 142 
HIS ND1  N Y N 143 
HIS CD2  C Y N 144 
HIS CE1  C Y N 145 
HIS NE2  N Y N 146 
HIS OXT  O N N 147 
HIS H    H N N 148 
HIS H2   H N N 149 
HIS HA   H N N 150 
HIS HB2  H N N 151 
HIS HB3  H N N 152 
HIS HD1  H N N 153 
HIS HD2  H N N 154 
HIS HE1  H N N 155 
HIS HE2  H N N 156 
HIS HXT  H N N 157 
ILE N    N N N 158 
ILE CA   C N S 159 
ILE C    C N N 160 
ILE O    O N N 161 
ILE CB   C N S 162 
ILE CG1  C N N 163 
ILE CG2  C N N 164 
ILE CD1  C N N 165 
ILE OXT  O N N 166 
ILE H    H N N 167 
ILE H2   H N N 168 
ILE HA   H N N 169 
ILE HB   H N N 170 
ILE HG12 H N N 171 
ILE HG13 H N N 172 
ILE HG21 H N N 173 
ILE HG22 H N N 174 
ILE HG23 H N N 175 
ILE HD11 H N N 176 
ILE HD12 H N N 177 
ILE HD13 H N N 178 
ILE HXT  H N N 179 
LEU N    N N N 180 
LEU CA   C N S 181 
LEU C    C N N 182 
LEU O    O N N 183 
LEU CB   C N N 184 
LEU CG   C N N 185 
LEU CD1  C N N 186 
LEU CD2  C N N 187 
LEU OXT  O N N 188 
LEU H    H N N 189 
LEU H2   H N N 190 
LEU HA   H N N 191 
LEU HB2  H N N 192 
LEU HB3  H N N 193 
LEU HG   H N N 194 
LEU HD11 H N N 195 
LEU HD12 H N N 196 
LEU HD13 H N N 197 
LEU HD21 H N N 198 
LEU HD22 H N N 199 
LEU HD23 H N N 200 
LEU HXT  H N N 201 
LYS N    N N N 202 
LYS CA   C N S 203 
LYS C    C N N 204 
LYS O    O N N 205 
LYS CB   C N N 206 
LYS CG   C N N 207 
LYS CD   C N N 208 
LYS CE   C N N 209 
LYS NZ   N N N 210 
LYS OXT  O N N 211 
LYS H    H N N 212 
LYS H2   H N N 213 
LYS HA   H N N 214 
LYS HB2  H N N 215 
LYS HB3  H N N 216 
LYS HG2  H N N 217 
LYS HG3  H N N 218 
LYS HD2  H N N 219 
LYS HD3  H N N 220 
LYS HE2  H N N 221 
LYS HE3  H N N 222 
LYS HZ1  H N N 223 
LYS HZ2  H N N 224 
LYS HZ3  H N N 225 
LYS HXT  H N N 226 
MET N    N N N 227 
MET CA   C N S 228 
MET C    C N N 229 
MET O    O N N 230 
MET CB   C N N 231 
MET CG   C N N 232 
MET SD   S N N 233 
MET CE   C N N 234 
MET OXT  O N N 235 
MET H    H N N 236 
MET H2   H N N 237 
MET HA   H N N 238 
MET HB2  H N N 239 
MET HB3  H N N 240 
MET HG2  H N N 241 
MET HG3  H N N 242 
MET HE1  H N N 243 
MET HE2  H N N 244 
MET HE3  H N N 245 
MET HXT  H N N 246 
PHE N    N N N 247 
PHE CA   C N S 248 
PHE C    C N N 249 
PHE O    O N N 250 
PHE CB   C N N 251 
PHE CG   C Y N 252 
PHE CD1  C Y N 253 
PHE CD2  C Y N 254 
PHE CE1  C Y N 255 
PHE CE2  C Y N 256 
PHE CZ   C Y N 257 
PHE OXT  O N N 258 
PHE H    H N N 259 
PHE H2   H N N 260 
PHE HA   H N N 261 
PHE HB2  H N N 262 
PHE HB3  H N N 263 
PHE HD1  H N N 264 
PHE HD2  H N N 265 
PHE HE1  H N N 266 
PHE HE2  H N N 267 
PHE HZ   H N N 268 
PHE HXT  H N N 269 
PRO N    N N N 270 
PRO CA   C N S 271 
PRO C    C N N 272 
PRO O    O N N 273 
PRO CB   C N N 274 
PRO CG   C N N 275 
PRO CD   C N N 276 
PRO OXT  O N N 277 
PRO H    H N N 278 
PRO HA   H N N 279 
PRO HB2  H N N 280 
PRO HB3  H N N 281 
PRO HG2  H N N 282 
PRO HG3  H N N 283 
PRO HD2  H N N 284 
PRO HD3  H N N 285 
PRO HXT  H N N 286 
SER N    N N N 287 
SER CA   C N S 288 
SER C    C N N 289 
SER O    O N N 290 
SER CB   C N N 291 
SER OG   O N N 292 
SER OXT  O N N 293 
SER H    H N N 294 
SER H2   H N N 295 
SER HA   H N N 296 
SER HB2  H N N 297 
SER HB3  H N N 298 
SER HG   H N N 299 
SER HXT  H N N 300 
THR N    N N N 301 
THR CA   C N S 302 
THR C    C N N 303 
THR O    O N N 304 
THR CB   C N R 305 
THR OG1  O N N 306 
THR CG2  C N N 307 
THR OXT  O N N 308 
THR H    H N N 309 
THR H2   H N N 310 
THR HA   H N N 311 
THR HB   H N N 312 
THR HG1  H N N 313 
THR HG21 H N N 314 
THR HG22 H N N 315 
THR HG23 H N N 316 
THR HXT  H N N 317 
TRP N    N N N 318 
TRP CA   C N S 319 
TRP C    C N N 320 
TRP O    O N N 321 
TRP CB   C N N 322 
TRP CG   C Y N 323 
TRP CD1  C Y N 324 
TRP CD2  C Y N 325 
TRP NE1  N Y N 326 
TRP CE2  C Y N 327 
TRP CE3  C Y N 328 
TRP CZ2  C Y N 329 
TRP CZ3  C Y N 330 
TRP CH2  C Y N 331 
TRP OXT  O N N 332 
TRP H    H N N 333 
TRP H2   H N N 334 
TRP HA   H N N 335 
TRP HB2  H N N 336 
TRP HB3  H N N 337 
TRP HD1  H N N 338 
TRP HE1  H N N 339 
TRP HE3  H N N 340 
TRP HZ2  H N N 341 
TRP HZ3  H N N 342 
TRP HH2  H N N 343 
TRP HXT  H N N 344 
TYR N    N N N 345 
TYR CA   C N S 346 
TYR C    C N N 347 
TYR O    O N N 348 
TYR CB   C N N 349 
TYR CG   C Y N 350 
TYR CD1  C Y N 351 
TYR CD2  C Y N 352 
TYR CE1  C Y N 353 
TYR CE2  C Y N 354 
TYR CZ   C Y N 355 
TYR OH   O N N 356 
TYR OXT  O N N 357 
TYR H    H N N 358 
TYR H2   H N N 359 
TYR HA   H N N 360 
TYR HB2  H N N 361 
TYR HB3  H N N 362 
TYR HD1  H N N 363 
TYR HD2  H N N 364 
TYR HE1  H N N 365 
TYR HE2  H N N 366 
TYR HH   H N N 367 
TYR HXT  H N N 368 
VAL N    N N N 369 
VAL CA   C N S 370 
VAL C    C N N 371 
VAL O    O N N 372 
VAL CB   C N N 373 
VAL CG1  C N N 374 
VAL CG2  C N N 375 
VAL OXT  O N N 376 
VAL H    H N N 377 
VAL H2   H N N 378 
VAL HA   H N N 379 
VAL HB   H N N 380 
VAL HG11 H N N 381 
VAL HG12 H N N 382 
VAL HG13 H N N 383 
VAL HG21 H N N 384 
VAL HG22 H N N 385 
VAL HG23 H N N 386 
VAL HXT  H N N 387 
# 
loop_
_chem_comp_bond.comp_id 
_chem_comp_bond.atom_id_1 
_chem_comp_bond.atom_id_2 
_chem_comp_bond.value_order 
_chem_comp_bond.pdbx_aromatic_flag 
_chem_comp_bond.pdbx_stereo_config 
_chem_comp_bond.pdbx_ordinal 
ALA N   CA   sing N N 1   
ALA N   H    sing N N 2   
ALA N   H2   sing N N 3   
ALA CA  C    sing N N 4   
ALA CA  CB   sing N N 5   
ALA CA  HA   sing N N 6   
ALA C   O    doub N N 7   
ALA C   OXT  sing N N 8   
ALA CB  HB1  sing N N 9   
ALA CB  HB2  sing N N 10  
ALA CB  HB3  sing N N 11  
ALA OXT HXT  sing N N 12  
ARG N   CA   sing N N 13  
ARG N   H    sing N N 14  
ARG N   H2   sing N N 15  
ARG CA  C    sing N N 16  
ARG CA  CB   sing N N 17  
ARG CA  HA   sing N N 18  
ARG C   O    doub N N 19  
ARG C   OXT  sing N N 20  
ARG CB  CG   sing N N 21  
ARG CB  HB2  sing N N 22  
ARG CB  HB3  sing N N 23  
ARG CG  CD   sing N N 24  
ARG CG  HG2  sing N N 25  
ARG CG  HG3  sing N N 26  
ARG CD  NE   sing N N 27  
ARG CD  HD2  sing N N 28  
ARG CD  HD3  sing N N 29  
ARG NE  CZ   sing N N 30  
ARG NE  HE   sing N N 31  
ARG CZ  NH1  sing N N 32  
ARG CZ  NH2  doub N N 33  
ARG NH1 HH11 sing N N 34  
ARG NH1 HH12 sing N N 35  
ARG NH2 HH21 sing N N 36  
ARG NH2 HH22 sing N N 37  
ARG OXT HXT  sing N N 38  
ASN N   CA   sing N N 39  
ASN N   H    sing N N 40  
ASN N   H2   sing N N 41  
ASN CA  C    sing N N 42  
ASN CA  CB   sing N N 43  
ASN CA  HA   sing N N 44  
ASN C   O    doub N N 45  
ASN C   OXT  sing N N 46  
ASN CB  CG   sing N N 47  
ASN CB  HB2  sing N N 48  
ASN CB  HB3  sing N N 49  
ASN CG  OD1  doub N N 50  
ASN CG  ND2  sing N N 51  
ASN ND2 HD21 sing N N 52  
ASN ND2 HD22 sing N N 53  
ASN OXT HXT  sing N N 54  
ASP N   CA   sing N N 55  
ASP N   H    sing N N 56  
ASP N   H2   sing N N 57  
ASP CA  C    sing N N 58  
ASP CA  CB   sing N N 59  
ASP CA  HA   sing N N 60  
ASP C   O    doub N N 61  
ASP C   OXT  sing N N 62  
ASP CB  CG   sing N N 63  
ASP CB  HB2  sing N N 64  
ASP CB  HB3  sing N N 65  
ASP CG  OD1  doub N N 66  
ASP CG  OD2  sing N N 67  
ASP OD2 HD2  sing N N 68  
ASP OXT HXT  sing N N 69  
CYS N   CA   sing N N 70  
CYS N   H    sing N N 71  
CYS N   H2   sing N N 72  
CYS CA  C    sing N N 73  
CYS CA  CB   sing N N 74  
CYS CA  HA   sing N N 75  
CYS C   O    doub N N 76  
CYS C   OXT  sing N N 77  
CYS CB  SG   sing N N 78  
CYS CB  HB2  sing N N 79  
CYS CB  HB3  sing N N 80  
CYS SG  HG   sing N N 81  
CYS OXT HXT  sing N N 82  
GLN N   CA   sing N N 83  
GLN N   H    sing N N 84  
GLN N   H2   sing N N 85  
GLN CA  C    sing N N 86  
GLN CA  CB   sing N N 87  
GLN CA  HA   sing N N 88  
GLN C   O    doub N N 89  
GLN C   OXT  sing N N 90  
GLN CB  CG   sing N N 91  
GLN CB  HB2  sing N N 92  
GLN CB  HB3  sing N N 93  
GLN CG  CD   sing N N 94  
GLN CG  HG2  sing N N 95  
GLN CG  HG3  sing N N 96  
GLN CD  OE1  doub N N 97  
GLN CD  NE2  sing N N 98  
GLN NE2 HE21 sing N N 99  
GLN NE2 HE22 sing N N 100 
GLN OXT HXT  sing N N 101 
GLU N   CA   sing N N 102 
GLU N   H    sing N N 103 
GLU N   H2   sing N N 104 
GLU CA  C    sing N N 105 
GLU CA  CB   sing N N 106 
GLU CA  HA   sing N N 107 
GLU C   O    doub N N 108 
GLU C   OXT  sing N N 109 
GLU CB  CG   sing N N 110 
GLU CB  HB2  sing N N 111 
GLU CB  HB3  sing N N 112 
GLU CG  CD   sing N N 113 
GLU CG  HG2  sing N N 114 
GLU CG  HG3  sing N N 115 
GLU CD  OE1  doub N N 116 
GLU CD  OE2  sing N N 117 
GLU OE2 HE2  sing N N 118 
GLU OXT HXT  sing N N 119 
GLY N   CA   sing N N 120 
GLY N   H    sing N N 121 
GLY N   H2   sing N N 122 
GLY CA  C    sing N N 123 
GLY CA  HA2  sing N N 124 
GLY CA  HA3  sing N N 125 
GLY C   O    doub N N 126 
GLY C   OXT  sing N N 127 
GLY OXT HXT  sing N N 128 
HIS N   CA   sing N N 129 
HIS N   H    sing N N 130 
HIS N   H2   sing N N 131 
HIS CA  C    sing N N 132 
HIS CA  CB   sing N N 133 
HIS CA  HA   sing N N 134 
HIS C   O    doub N N 135 
HIS C   OXT  sing N N 136 
HIS CB  CG   sing N N 137 
HIS CB  HB2  sing N N 138 
HIS CB  HB3  sing N N 139 
HIS CG  ND1  sing Y N 140 
HIS CG  CD2  doub Y N 141 
HIS ND1 CE1  doub Y N 142 
HIS ND1 HD1  sing N N 143 
HIS CD2 NE2  sing Y N 144 
HIS CD2 HD2  sing N N 145 
HIS CE1 NE2  sing Y N 146 
HIS CE1 HE1  sing N N 147 
HIS NE2 HE2  sing N N 148 
HIS OXT HXT  sing N N 149 
ILE N   CA   sing N N 150 
ILE N   H    sing N N 151 
ILE N   H2   sing N N 152 
ILE CA  C    sing N N 153 
ILE CA  CB   sing N N 154 
ILE CA  HA   sing N N 155 
ILE C   O    doub N N 156 
ILE C   OXT  sing N N 157 
ILE CB  CG1  sing N N 158 
ILE CB  CG2  sing N N 159 
ILE CB  HB   sing N N 160 
ILE CG1 CD1  sing N N 161 
ILE CG1 HG12 sing N N 162 
ILE CG1 HG13 sing N N 163 
ILE CG2 HG21 sing N N 164 
ILE CG2 HG22 sing N N 165 
ILE CG2 HG23 sing N N 166 
ILE CD1 HD11 sing N N 167 
ILE CD1 HD12 sing N N 168 
ILE CD1 HD13 sing N N 169 
ILE OXT HXT  sing N N 170 
LEU N   CA   sing N N 171 
LEU N   H    sing N N 172 
LEU N   H2   sing N N 173 
LEU CA  C    sing N N 174 
LEU CA  CB   sing N N 175 
LEU CA  HA   sing N N 176 
LEU C   O    doub N N 177 
LEU C   OXT  sing N N 178 
LEU CB  CG   sing N N 179 
LEU CB  HB2  sing N N 180 
LEU CB  HB3  sing N N 181 
LEU CG  CD1  sing N N 182 
LEU CG  CD2  sing N N 183 
LEU CG  HG   sing N N 184 
LEU CD1 HD11 sing N N 185 
LEU CD1 HD12 sing N N 186 
LEU CD1 HD13 sing N N 187 
LEU CD2 HD21 sing N N 188 
LEU CD2 HD22 sing N N 189 
LEU CD2 HD23 sing N N 190 
LEU OXT HXT  sing N N 191 
LYS N   CA   sing N N 192 
LYS N   H    sing N N 193 
LYS N   H2   sing N N 194 
LYS CA  C    sing N N 195 
LYS CA  CB   sing N N 196 
LYS CA  HA   sing N N 197 
LYS C   O    doub N N 198 
LYS C   OXT  sing N N 199 
LYS CB  CG   sing N N 200 
LYS CB  HB2  sing N N 201 
LYS CB  HB3  sing N N 202 
LYS CG  CD   sing N N 203 
LYS CG  HG2  sing N N 204 
LYS CG  HG3  sing N N 205 
LYS CD  CE   sing N N 206 
LYS CD  HD2  sing N N 207 
LYS CD  HD3  sing N N 208 
LYS CE  NZ   sing N N 209 
LYS CE  HE2  sing N N 210 
LYS CE  HE3  sing N N 211 
LYS NZ  HZ1  sing N N 212 
LYS NZ  HZ2  sing N N 213 
LYS NZ  HZ3  sing N N 214 
LYS OXT HXT  sing N N 215 
MET N   CA   sing N N 216 
MET N   H    sing N N 217 
MET N   H2   sing N N 218 
MET CA  C    sing N N 219 
MET CA  CB   sing N N 220 
MET CA  HA   sing N N 221 
MET C   O    doub N N 222 
MET C   OXT  sing N N 223 
MET CB  CG   sing N N 224 
MET CB  HB2  sing N N 225 
MET CB  HB3  sing N N 226 
MET CG  SD   sing N N 227 
MET CG  HG2  sing N N 228 
MET CG  HG3  sing N N 229 
MET SD  CE   sing N N 230 
MET CE  HE1  sing N N 231 
MET CE  HE2  sing N N 232 
MET CE  HE3  sing N N 233 
MET OXT HXT  sing N N 234 
PHE N   CA   sing N N 235 
PHE N   H    sing N N 236 
PHE N   H2   sing N N 237 
PHE CA  C    sing N N 238 
PHE CA  CB   sing N N 239 
PHE CA  HA   sing N N 240 
PHE C   O    doub N N 241 
PHE C   OXT  sing N N 242 
PHE CB  CG   sing N N 243 
PHE CB  HB2  sing N N 244 
PHE CB  HB3  sing N N 245 
PHE CG  CD1  doub Y N 246 
PHE CG  CD2  sing Y N 247 
PHE CD1 CE1  sing Y N 248 
PHE CD1 HD1  sing N N 249 
PHE CD2 CE2  doub Y N 250 
PHE CD2 HD2  sing N N 251 
PHE CE1 CZ   doub Y N 252 
PHE CE1 HE1  sing N N 253 
PHE CE2 CZ   sing Y N 254 
PHE CE2 HE2  sing N N 255 
PHE CZ  HZ   sing N N 256 
PHE OXT HXT  sing N N 257 
PRO N   CA   sing N N 258 
PRO N   CD   sing N N 259 
PRO N   H    sing N N 260 
PRO CA  C    sing N N 261 
PRO CA  CB   sing N N 262 
PRO CA  HA   sing N N 263 
PRO C   O    doub N N 264 
PRO C   OXT  sing N N 265 
PRO CB  CG   sing N N 266 
PRO CB  HB2  sing N N 267 
PRO CB  HB3  sing N N 268 
PRO CG  CD   sing N N 269 
PRO CG  HG2  sing N N 270 
PRO CG  HG3  sing N N 271 
PRO CD  HD2  sing N N 272 
PRO CD  HD3  sing N N 273 
PRO OXT HXT  sing N N 274 
SER N   CA   sing N N 275 
SER N   H    sing N N 276 
SER N   H2   sing N N 277 
SER CA  C    sing N N 278 
SER CA  CB   sing N N 279 
SER CA  HA   sing N N 280 
SER C   O    doub N N 281 
SER C   OXT  sing N N 282 
SER CB  OG   sing N N 283 
SER CB  HB2  sing N N 284 
SER CB  HB3  sing N N 285 
SER OG  HG   sing N N 286 
SER OXT HXT  sing N N 287 
THR N   CA   sing N N 288 
THR N   H    sing N N 289 
THR N   H2   sing N N 290 
THR CA  C    sing N N 291 
THR CA  CB   sing N N 292 
THR CA  HA   sing N N 293 
THR C   O    doub N N 294 
THR C   OXT  sing N N 295 
THR CB  OG1  sing N N 296 
THR CB  CG2  sing N N 297 
THR CB  HB   sing N N 298 
THR OG1 HG1  sing N N 299 
THR CG2 HG21 sing N N 300 
THR CG2 HG22 sing N N 301 
THR CG2 HG23 sing N N 302 
THR OXT HXT  sing N N 303 
TRP N   CA   sing N N 304 
TRP N   H    sing N N 305 
TRP N   H2   sing N N 306 
TRP CA  C    sing N N 307 
TRP CA  CB   sing N N 308 
TRP CA  HA   sing N N 309 
TRP C   O    doub N N 310 
TRP C   OXT  sing N N 311 
TRP CB  CG   sing N N 312 
TRP CB  HB2  sing N N 313 
TRP CB  HB3  sing N N 314 
TRP CG  CD1  doub Y N 315 
TRP CG  CD2  sing Y N 316 
TRP CD1 NE1  sing Y N 317 
TRP CD1 HD1  sing N N 318 
TRP CD2 CE2  doub Y N 319 
TRP CD2 CE3  sing Y N 320 
TRP NE1 CE2  sing Y N 321 
TRP NE1 HE1  sing N N 322 
TRP CE2 CZ2  sing Y N 323 
TRP CE3 CZ3  doub Y N 324 
TRP CE3 HE3  sing N N 325 
TRP CZ2 CH2  doub Y N 326 
TRP CZ2 HZ2  sing N N 327 
TRP CZ3 CH2  sing Y N 328 
TRP CZ3 HZ3  sing N N 329 
TRP CH2 HH2  sing N N 330 
TRP OXT HXT  sing N N 331 
TYR N   CA   sing N N 332 
TYR N   H    sing N N 333 
TYR N   H2   sing N N 334 
TYR CA  C    sing N N 335 
TYR CA  CB   sing N N 336 
TYR CA  HA   sing N N 337 
TYR C   O    doub N N 338 
TYR C   OXT  sing N N 339 
TYR CB  CG   sing N N 340 
TYR CB  HB2  sing N N 341 
TYR CB  HB3  sing N N 342 
TYR CG  CD1  doub Y N 343 
TYR CG  CD2  sing Y N 344 
TYR CD1 CE1  sing Y N 345 
TYR CD1 HD1  sing N N 346 
TYR CD2 CE2  doub Y N 347 
TYR CD2 HD2  sing N N 348 
TYR CE1 CZ   doub Y N 349 
TYR CE1 HE1  sing N N 350 
TYR CE2 CZ   sing Y N 351 
TYR CE2 HE2  sing N N 352 
TYR CZ  OH   sing N N 353 
TYR OH  HH   sing N N 354 
TYR OXT HXT  sing N N 355 
VAL N   CA   sing N N 356 
VAL N   H    sing N N 357 
VAL N   H2   sing N N 358 
VAL CA  C    sing N N 359 
VAL CA  CB   sing N N 360 
VAL CA  HA   sing N N 361 
VAL C   O    doub N N 362 
VAL C   OXT  sing N N 363 
VAL CB  CG1  sing N N 364 
VAL CB  CG2  sing N N 365 
VAL CB  HB   sing N N 366 
VAL CG1 HG11 sing N N 367 
VAL CG1 HG12 sing N N 368 
VAL CG1 HG13 sing N N 369 
VAL CG2 HG21 sing N N 370 
VAL CG2 HG22 sing N N 371 
VAL CG2 HG23 sing N N 372 
VAL OXT HXT  sing N N 373 
# 
loop_
_pdbx_nmr_spectrometer.spectrometer_id 
_pdbx_nmr_spectrometer.model 
_pdbx_nmr_spectrometer.manufacturer 
_pdbx_nmr_spectrometer.field_strength 
_pdbx_nmr_spectrometer.type 
1 AMX   Bruker 500 ? 
2 UNITY Varian 600 ? 
3 UNITY Varian 750 ? 
# 
_atom_sites.entry_id                    1AG2 
_atom_sites.fract_transf_matrix[1][1]   1.000000 
_atom_sites.fract_transf_matrix[1][2]   0.000000 
_atom_sites.fract_transf_matrix[1][3]   0.000000 
_atom_sites.fract_transf_matrix[2][1]   0.000000 
_atom_sites.fract_transf_matrix[2][2]   1.000000 
_atom_sites.fract_transf_matrix[2][3]   0.000000 
_atom_sites.fract_transf_matrix[3][1]   0.000000 
_atom_sites.fract_transf_matrix[3][2]   0.000000 
_atom_sites.fract_transf_matrix[3][3]   1.000000 
_atom_sites.fract_transf_vector[1]      0.00000 
_atom_sites.fract_transf_vector[2]      0.00000 
_atom_sites.fract_transf_vector[3]      0.00000 
# 
loop_
_atom_type.symbol 
C 
H 
N 
O 
S 
# 
loop_
_atom_site.group_PDB 
_atom_site.id 
_atom_site.type_symbol 
_atom_site.label_atom_id 
_atom_site.label_alt_id 
_atom_site.label_comp_id 
_atom_site.label_asym_id 
_atom_site.label_entity_id 
_atom_site.label_seq_id 
_atom_site.pdbx_PDB_ins_code 
_atom_site.Cartn_x 
_atom_site.Cartn_y 
_atom_site.Cartn_z 
_atom_site.occupancy 
_atom_site.B_iso_or_equiv 
_atom_site.pdbx_formal_charge 
_atom_site.auth_seq_id 
_atom_site.auth_comp_id 
_atom_site.auth_asym_id 
_atom_site.auth_atom_id 
_atom_site.pdbx_PDB_model_num 
ATOM 1    N N    . GLY A 1 1   ? -12.693 5.585   -8.449  1.00 1.00 ? 124 GLY A N    1 
ATOM 2    C CA   . GLY A 1 1   ? -11.951 6.837   -8.238  1.00 1.00 ? 124 GLY A CA   1 
ATOM 3    C C    . GLY A 1 1   ? -11.746 7.207   -6.772  1.00 1.00 ? 124 GLY A C    1 
ATOM 4    O O    . GLY A 1 1   ? -10.659 7.646   -6.406  1.00 1.00 ? 124 GLY A O    1 
ATOM 5    H H1   . GLY A 1 1   ? -13.593 5.625   -7.985  1.00 1.00 ? 124 GLY A H1   1 
ATOM 6    H H2   . GLY A 1 1   ? -12.875 5.466   -9.437  1.00 1.00 ? 124 GLY A H2   1 
ATOM 7    H H3   . GLY A 1 1   ? -12.174 4.782   -8.122  1.00 1.00 ? 124 GLY A H3   1 
ATOM 8    H HA2  . GLY A 1 1   ? -10.977 6.761   -8.715  1.00 1.00 ? 124 GLY A HA2  1 
ATOM 9    H HA3  . GLY A 1 1   ? -12.505 7.638   -8.724  1.00 1.00 ? 124 GLY A HA3  1 
ATOM 10   N N    . LEU A 1 2   ? -12.768 7.088   -5.915  1.00 1.00 ? 125 LEU A N    1 
ATOM 11   C CA   . LEU A 1 2   ? -12.851 7.605   -4.554  1.00 1.00 ? 125 LEU A CA   1 
ATOM 12   C C    . LEU A 1 2   ? -12.761 9.123   -4.425  1.00 1.00 ? 125 LEU A C    1 
ATOM 13   O O    . LEU A 1 2   ? -12.784 9.654   -3.316  1.00 1.00 ? 125 LEU A O    1 
ATOM 14   C CB   . LEU A 1 2   ? -11.907 6.825   -3.631  1.00 1.00 ? 125 LEU A CB   1 
ATOM 15   C CG   . LEU A 1 2   ? -12.676 5.621   -3.042  1.00 1.00 ? 125 LEU A CG   1 
ATOM 16   C CD1  . LEU A 1 2   ? -11.778 4.516   -2.504  1.00 1.00 ? 125 LEU A CD1  1 
ATOM 17   C CD2  . LEU A 1 2   ? -13.629 6.035   -1.918  1.00 1.00 ? 125 LEU A CD2  1 
ATOM 18   H H    . LEU A 1 2   ? -13.655 6.722   -6.213  1.00 1.00 ? 125 LEU A H    1 
ATOM 19   H HA   . LEU A 1 2   ? -13.871 7.389   -4.239  1.00 1.00 ? 125 LEU A HA   1 
ATOM 20   H HB2  . LEU A 1 2   ? -11.028 6.514   -4.190  1.00 1.00 ? 125 LEU A HB2  1 
ATOM 21   H HB3  . LEU A 1 2   ? -11.524 7.484   -2.865  1.00 1.00 ? 125 LEU A HB3  1 
ATOM 22   H HG   . LEU A 1 2   ? -13.261 5.178   -3.847  1.00 1.00 ? 125 LEU A HG   1 
ATOM 23   H HD11 . LEU A 1 2   ? -10.890 4.427   -3.122  1.00 1.00 ? 125 LEU A HD11 1 
ATOM 24   H HD12 . LEU A 1 2   ? -11.494 4.716   -1.478  1.00 1.00 ? 125 LEU A HD12 1 
ATOM 25   H HD13 . LEU A 1 2   ? -12.334 3.580   -2.514  1.00 1.00 ? 125 LEU A HD13 1 
ATOM 26   H HD21 . LEU A 1 2   ? -14.368 6.743   -2.283  1.00 1.00 ? 125 LEU A HD21 1 
ATOM 27   H HD22 . LEU A 1 2   ? -14.153 5.157   -1.541  1.00 1.00 ? 125 LEU A HD22 1 
ATOM 28   H HD23 . LEU A 1 2   ? -13.071 6.489   -1.101  1.00 1.00 ? 125 LEU A HD23 1 
ATOM 29   N N    . GLY A 1 3   ? -12.764 9.837   -5.546  1.00 1.00 ? 126 GLY A N    1 
ATOM 30   C CA   . GLY A 1 3   ? -12.997 11.267  -5.602  1.00 1.00 ? 126 GLY A CA   1 
ATOM 31   C C    . GLY A 1 3   ? -11.788 11.941  -6.211  1.00 1.00 ? 126 GLY A C    1 
ATOM 32   O O    . GLY A 1 3   ? -11.828 12.352  -7.376  1.00 1.00 ? 126 GLY A O    1 
ATOM 33   H H    . GLY A 1 3   ? -12.688 9.338   -6.418  1.00 1.00 ? 126 GLY A H    1 
ATOM 34   H HA2  . GLY A 1 3   ? -13.876 11.455  -6.216  1.00 1.00 ? 126 GLY A HA2  1 
ATOM 35   H HA3  . GLY A 1 3   ? -13.179 11.683  -4.611  1.00 1.00 ? 126 GLY A HA3  1 
ATOM 36   N N    . GLY A 1 4   ? -10.695 11.984  -5.452  1.00 1.00 ? 127 GLY A N    1 
ATOM 37   C CA   . GLY A 1 4   ? -9.500  12.730  -5.831  1.00 1.00 ? 127 GLY A CA   1 
ATOM 38   C C    . GLY A 1 4   ? -8.478  11.871  -6.567  1.00 1.00 ? 127 GLY A C    1 
ATOM 39   O O    . GLY A 1 4   ? -7.558  12.408  -7.186  1.00 1.00 ? 127 GLY A O    1 
ATOM 40   H H    . GLY A 1 4   ? -10.725 11.514  -4.554  1.00 1.00 ? 127 GLY A H    1 
ATOM 41   H HA2  . GLY A 1 4   ? -9.768  13.584  -6.454  1.00 1.00 ? 127 GLY A HA2  1 
ATOM 42   H HA3  . GLY A 1 4   ? -9.028  13.119  -4.927  1.00 1.00 ? 127 GLY A HA3  1 
ATOM 43   N N    . TYR A 1 5   ? -8.621  10.544  -6.525  1.00 1.00 ? 128 TYR A N    1 
ATOM 44   C CA   . TYR A 1 5   ? -7.517  9.629   -6.783  1.00 1.00 ? 128 TYR A CA   1 
ATOM 45   C C    . TYR A 1 5   ? -7.910  8.600   -7.838  1.00 1.00 ? 128 TYR A C    1 
ATOM 46   O O    . TYR A 1 5   ? -8.974  8.702   -8.450  1.00 1.00 ? 128 TYR A O    1 
ATOM 47   C CB   . TYR A 1 5   ? -7.150  8.978   -5.444  1.00 1.00 ? 128 TYR A CB   1 
ATOM 48   C CG   . TYR A 1 5   ? -6.960  9.975   -4.312  1.00 1.00 ? 128 TYR A CG   1 
ATOM 49   C CD1  . TYR A 1 5   ? -5.702  10.557  -4.088  1.00 1.00 ? 128 TYR A CD1  1 
ATOM 50   C CD2  . TYR A 1 5   ? -8.042  10.299  -3.466  1.00 1.00 ? 128 TYR A CD2  1 
ATOM 51   C CE1  . TYR A 1 5   ? -5.515  11.435  -3.008  1.00 1.00 ? 128 TYR A CE1  1 
ATOM 52   C CE2  . TYR A 1 5   ? -7.858  11.168  -2.378  1.00 1.00 ? 128 TYR A CE2  1 
ATOM 53   C CZ   . TYR A 1 5   ? -6.587  11.730  -2.133  1.00 1.00 ? 128 TYR A CZ   1 
ATOM 54   O OH   . TYR A 1 5   ? -6.400  12.514  -1.036  1.00 1.00 ? 128 TYR A OH   1 
ATOM 55   H H    . TYR A 1 5   ? -9.423  10.125  -6.066  1.00 1.00 ? 128 TYR A H    1 
ATOM 56   H HA   . TYR A 1 5   ? -6.644  10.175  -7.145  1.00 1.00 ? 128 TYR A HA   1 
ATOM 57   H HB2  . TYR A 1 5   ? -7.944  8.280   -5.168  1.00 1.00 ? 128 TYR A HB2  1 
ATOM 58   H HB3  . TYR A 1 5   ? -6.234  8.399   -5.562  1.00 1.00 ? 128 TYR A HB3  1 
ATOM 59   H HD1  . TYR A 1 5   ? -4.872  10.330  -4.743  1.00 1.00 ? 128 TYR A HD1  1 
ATOM 60   H HD2  . TYR A 1 5   ? -9.012  9.852   -3.630  1.00 1.00 ? 128 TYR A HD2  1 
ATOM 61   H HE1  . TYR A 1 5   ? -4.550  11.896  -2.865  1.00 1.00 ? 128 TYR A HE1  1 
ATOM 62   H HE2  . TYR A 1 5   ? -8.680  11.398  -1.714  1.00 1.00 ? 128 TYR A HE2  1 
ATOM 63   H HH   . TYR A 1 5   ? -5.440  12.612  -0.828  1.00 1.00 ? 128 TYR A HH   1 
ATOM 64   N N    . MET A 1 6   ? -7.064  7.601   -8.061  1.00 1.00 ? 129 MET A N    1 
ATOM 65   C CA   . MET A 1 6   ? -7.420  6.395   -8.784  1.00 1.00 ? 129 MET A CA   1 
ATOM 66   C C    . MET A 1 6   ? -7.244  5.249   -7.800  1.00 1.00 ? 129 MET A C    1 
ATOM 67   O O    . MET A 1 6   ? -6.126  4.921   -7.427  1.00 1.00 ? 129 MET A O    1 
ATOM 68   C CB   . MET A 1 6   ? -6.553  6.251   -10.038 1.00 1.00 ? 129 MET A CB   1 
ATOM 69   C CG   . MET A 1 6   ? -6.966  7.289   -11.089 1.00 1.00 ? 129 MET A CG   1 
ATOM 70   S SD   . MET A 1 6   ? -5.953  7.288   -12.588 1.00 1.00 ? 129 MET A SD   1 
ATOM 71   C CE   . MET A 1 6   ? -4.490  8.157   -11.969 1.00 1.00 ? 129 MET A CE   1 
ATOM 72   H H    . MET A 1 6   ? -6.146  7.604   -7.626  1.00 1.00 ? 129 MET A H    1 
ATOM 73   H HA   . MET A 1 6   ? -8.465  6.428   -9.095  1.00 1.00 ? 129 MET A HA   1 
ATOM 74   H HB2  . MET A 1 6   ? -5.503  6.379   -9.771  1.00 1.00 ? 129 MET A HB2  1 
ATOM 75   H HB3  . MET A 1 6   ? -6.689  5.253   -10.459 1.00 1.00 ? 129 MET A HB3  1 
ATOM 76   H HG2  . MET A 1 6   ? -7.996  7.086   -11.380 1.00 1.00 ? 129 MET A HG2  1 
ATOM 77   H HG3  . MET A 1 6   ? -6.929  8.288   -10.652 1.00 1.00 ? 129 MET A HG3  1 
ATOM 78   H HE1  . MET A 1 6   ? -4.170  7.732   -11.019 1.00 1.00 ? 129 MET A HE1  1 
ATOM 79   H HE2  . MET A 1 6   ? -3.682  8.055   -12.692 1.00 1.00 ? 129 MET A HE2  1 
ATOM 80   H HE3  . MET A 1 6   ? -4.723  9.213   -11.834 1.00 1.00 ? 129 MET A HE3  1 
ATOM 81   N N    . LEU A 1 7   ? -8.344  4.675   -7.312  1.00 1.00 ? 130 LEU A N    1 
ATOM 82   C CA   . LEU A 1 7   ? -8.302  3.384   -6.638  1.00 1.00 ? 130 LEU A CA   1 
ATOM 83   C C    . LEU A 1 7   ? -8.231  2.348   -7.755  1.00 1.00 ? 130 LEU A C    1 
ATOM 84   O O    . LEU A 1 7   ? -9.251  2.063   -8.383  1.00 1.00 ? 130 LEU A O    1 
ATOM 85   C CB   . LEU A 1 7   ? -9.514  3.225   -5.700  1.00 1.00 ? 130 LEU A CB   1 
ATOM 86   C CG   . LEU A 1 7   ? -9.633  1.806   -5.093  1.00 1.00 ? 130 LEU A CG   1 
ATOM 87   C CD1  . LEU A 1 7   ? -8.370  1.386   -4.336  1.00 1.00 ? 130 LEU A CD1  1 
ATOM 88   C CD2  . LEU A 1 7   ? -10.796 1.706   -4.110  1.00 1.00 ? 130 LEU A CD2  1 
ATOM 89   H H    . LEU A 1 7   ? -9.238  4.997   -7.639  1.00 1.00 ? 130 LEU A H    1 
ATOM 90   H HA   . LEU A 1 7   ? -7.399  3.310   -6.038  1.00 1.00 ? 130 LEU A HA   1 
ATOM 91   H HB2  . LEU A 1 7   ? -9.413  3.968   -4.902  1.00 1.00 ? 130 LEU A HB2  1 
ATOM 92   H HB3  . LEU A 1 7   ? -10.432 3.441   -6.251  1.00 1.00 ? 130 LEU A HB3  1 
ATOM 93   H HG   . LEU A 1 7   ? -9.812  1.088   -5.893  1.00 1.00 ? 130 LEU A HG   1 
ATOM 94   H HD11 . LEU A 1 7   ? -8.019  2.202   -3.705  1.00 1.00 ? 130 LEU A HD11 1 
ATOM 95   H HD12 . LEU A 1 7   ? -8.578  0.522   -3.702  1.00 1.00 ? 130 LEU A HD12 1 
ATOM 96   H HD13 . LEU A 1 7   ? -7.602  1.107   -5.054  1.00 1.00 ? 130 LEU A HD13 1 
ATOM 97   H HD21 . LEU A 1 7   ? -11.679 2.188   -4.528  1.00 1.00 ? 130 LEU A HD21 1 
ATOM 98   H HD22 . LEU A 1 7   ? -11.026 0.657   -3.928  1.00 1.00 ? 130 LEU A HD22 1 
ATOM 99   H HD23 . LEU A 1 7   ? -10.533 2.172   -3.163  1.00 1.00 ? 130 LEU A HD23 1 
ATOM 100  N N    . GLY A 1 8   ? -7.021  1.888   -8.082  1.00 1.00 ? 131 GLY A N    1 
ATOM 101  C CA   . GLY A 1 8   ? -6.805  0.986   -9.210  1.00 1.00 ? 131 GLY A CA   1 
ATOM 102  C C    . GLY A 1 8   ? -7.513  -0.341  -8.967  1.00 1.00 ? 131 GLY A C    1 
ATOM 103  O O    . GLY A 1 8   ? -7.601  -0.767  -7.816  1.00 1.00 ? 131 GLY A O    1 
ATOM 104  H H    . GLY A 1 8   ? -6.232  2.162   -7.510  1.00 1.00 ? 131 GLY A H    1 
ATOM 105  H HA2  . GLY A 1 8   ? -7.187  1.447   -10.123 1.00 1.00 ? 131 GLY A HA2  1 
ATOM 106  H HA3  . GLY A 1 8   ? -5.739  0.797   -9.320  1.00 1.00 ? 131 GLY A HA3  1 
ATOM 107  N N    . SER A 1 9   ? -7.984  -1.013  -10.022 1.00 1.00 ? 132 SER A N    1 
ATOM 108  C CA   . SER A 1 9   ? -8.912  -2.142  -9.956  1.00 1.00 ? 132 SER A CA   1 
ATOM 109  C C    . SER A 1 9   ? -8.418  -3.341  -9.137  1.00 1.00 ? 132 SER A C    1 
ATOM 110  O O    . SER A 1 9   ? -9.236  -4.105  -8.625  1.00 1.00 ? 132 SER A O    1 
ATOM 111  C CB   . SER A 1 9   ? -9.187  -2.610  -11.381 1.00 1.00 ? 132 SER A CB   1 
ATOM 112  O OG   . SER A 1 9   ? -9.666  -1.573  -12.219 1.00 1.00 ? 132 SER A OG   1 
ATOM 113  H H    . SER A 1 9   ? -7.883  -0.632  -10.952 1.00 1.00 ? 132 SER A H    1 
ATOM 114  H HA   . SER A 1 9   ? -9.846  -1.792  -9.518  1.00 1.00 ? 132 SER A HA   1 
ATOM 115  H HB2  . SER A 1 9   ? -8.272  -3.014  -11.814 1.00 1.00 ? 132 SER A HB2  1 
ATOM 116  H HB3  . SER A 1 9   ? -9.925  -3.403  -11.341 1.00 1.00 ? 132 SER A HB3  1 
ATOM 117  H HG   . SER A 1 9   ? -9.769  -1.999  -13.098 1.00 1.00 ? 132 SER A HG   1 
ATOM 118  N N    . ALA A 1 10  ? -7.102  -3.494  -9.022  1.00 1.00 ? 133 ALA A N    1 
ATOM 119  C CA   . ALA A 1 10  ? -6.317  -4.438  -8.238  1.00 1.00 ? 133 ALA A CA   1 
ATOM 120  C C    . ALA A 1 10  ? -4.854  -4.196  -8.608  1.00 1.00 ? 133 ALA A C    1 
ATOM 121  O O    . ALA A 1 10  ? -4.563  -3.569  -9.634  1.00 1.00 ? 133 ALA A O    1 
ATOM 122  C CB   . ALA A 1 10  ? -6.695  -5.900  -8.521  1.00 1.00 ? 133 ALA A CB   1 
ATOM 123  H H    . ALA A 1 10  ? -6.538  -2.798  -9.482  1.00 1.00 ? 133 ALA A H    1 
ATOM 124  H HA   . ALA A 1 10  ? -6.448  -4.231  -7.177  1.00 1.00 ? 133 ALA A HA   1 
ATOM 125  H HB1  . ALA A 1 10  ? -6.547  -6.126  -9.576  1.00 1.00 ? 133 ALA A HB1  1 
ATOM 126  H HB2  . ALA A 1 10  ? -6.061  -6.556  -7.927  1.00 1.00 ? 133 ALA A HB2  1 
ATOM 127  H HB3  . ALA A 1 10  ? -7.729  -6.094  -8.242  1.00 1.00 ? 133 ALA A HB3  1 
ATOM 128  N N    . MET A 1 11  ? -3.936  -4.649  -7.762  1.00 1.00 ? 134 MET A N    1 
ATOM 129  C CA   . MET A 1 11  ? -2.502  -4.653  -8.014  1.00 1.00 ? 134 MET A CA   1 
ATOM 130  C C    . MET A 1 11  ? -1.864  -5.871  -7.337  1.00 1.00 ? 134 MET A C    1 
ATOM 131  O O    . MET A 1 11  ? -2.553  -6.650  -6.671  1.00 1.00 ? 134 MET A O    1 
ATOM 132  C CB   . MET A 1 11  ? -1.869  -3.306  -7.607  1.00 1.00 ? 134 MET A CB   1 
ATOM 133  C CG   . MET A 1 11  ? -2.749  -2.353  -6.782  1.00 1.00 ? 134 MET A CG   1 
ATOM 134  S SD   . MET A 1 11  ? -2.863  -2.515  -4.989  1.00 1.00 ? 134 MET A SD   1 
ATOM 135  C CE   . MET A 1 11  ? -2.227  -4.142  -4.591  1.00 1.00 ? 134 MET A CE   1 
ATOM 136  H H    . MET A 1 11  ? -4.229  -4.947  -6.837  1.00 1.00 ? 134 MET A H    1 
ATOM 137  H HA   . MET A 1 11  ? -2.351  -4.770  -9.086  1.00 1.00 ? 134 MET A HA   1 
ATOM 138  H HB2  . MET A 1 11  ? -0.920  -3.454  -7.096  1.00 1.00 ? 134 MET A HB2  1 
ATOM 139  H HB3  . MET A 1 11  ? -1.640  -2.788  -8.537  1.00 1.00 ? 134 MET A HB3  1 
ATOM 140  H HG2  . MET A 1 11  ? -2.358  -1.369  -6.953  1.00 1.00 ? 134 MET A HG2  1 
ATOM 141  H HG3  . MET A 1 11  ? -3.762  -2.309  -7.174  1.00 1.00 ? 134 MET A HG3  1 
ATOM 142  H HE1  . MET A 1 11  ? -1.192  -4.218  -4.913  1.00 1.00 ? 134 MET A HE1  1 
ATOM 143  H HE2  . MET A 1 11  ? -2.288  -4.258  -3.516  1.00 1.00 ? 134 MET A HE2  1 
ATOM 144  H HE3  . MET A 1 11  ? -2.836  -4.907  -5.054  1.00 1.00 ? 134 MET A HE3  1 
ATOM 145  N N    . SER A 1 12  ? -0.558  -6.061  -7.502  1.00 1.00 ? 135 SER A N    1 
ATOM 146  C CA   . SER A 1 12  ? 0.146   -7.201  -6.963  1.00 1.00 ? 135 SER A CA   1 
ATOM 147  C C    . SER A 1 12  ? 0.345   -7.030  -5.465  1.00 1.00 ? 135 SER A C    1 
ATOM 148  O O    . SER A 1 12  ? 0.529   -5.917  -4.972  1.00 1.00 ? 135 SER A O    1 
ATOM 149  C CB   . SER A 1 12  ? 1.510   -7.292  -7.647  1.00 1.00 ? 135 SER A CB   1 
ATOM 150  O OG   . SER A 1 12  ? 1.426   -7.958  -8.890  1.00 1.00 ? 135 SER A OG   1 
ATOM 151  H H    . SER A 1 12  ? 0.021   -5.377  -7.960  1.00 1.00 ? 135 SER A H    1 
ATOM 152  H HA   . SER A 1 12  ? -0.434  -8.102  -7.146  1.00 1.00 ? 135 SER A HA   1 
ATOM 153  H HB2  . SER A 1 12  ? 1.915   -6.294  -7.797  1.00 1.00 ? 135 SER A HB2  1 
ATOM 154  H HB3  . SER A 1 12  ? 2.191   -7.830  -7.003  1.00 1.00 ? 135 SER A HB3  1 
ATOM 155  H HG   . SER A 1 12  ? 2.194   -7.658  -9.420  1.00 1.00 ? 135 SER A HG   1 
ATOM 156  N N    . ARG A 1 13  ? 0.397   -8.149  -4.741  1.00 1.00 ? 136 ARG A N    1 
ATOM 157  C CA   . ARG A 1 13  ? 1.021   -8.139  -3.426  1.00 1.00 ? 136 ARG A CA   1 
ATOM 158  C C    . ARG A 1 13  ? 2.522   -7.911  -3.676  1.00 1.00 ? 136 ARG A C    1 
ATOM 159  O O    . ARG A 1 13  ? 3.094   -8.640  -4.492  1.00 1.00 ? 136 ARG A O    1 
ATOM 160  C CB   . ARG A 1 13  ? 0.750   -9.456  -2.673  1.00 1.00 ? 136 ARG A CB   1 
ATOM 161  C CG   . ARG A 1 13  ? -0.511  -9.418  -1.791  1.00 1.00 ? 136 ARG A CG   1 
ATOM 162  C CD   . ARG A 1 13  ? -1.837  -9.246  -2.551  1.00 1.00 ? 136 ARG A CD   1 
ATOM 163  N NE   . ARG A 1 13  ? -2.955  -9.044  -1.612  1.00 1.00 ? 136 ARG A NE   1 
ATOM 164  C CZ   . ARG A 1 13  ? -3.871  -9.932  -1.207  1.00 1.00 ? 136 ARG A CZ   1 
ATOM 165  N NH1  . ARG A 1 13  ? -3.928  -11.156 -1.713  1.00 1.00 ? 136 ARG A NH1  1 
ATOM 166  N NH2  . ARG A 1 13  ? -4.763  -9.593  -0.288  1.00 1.00 ? 136 ARG A NH2  1 
ATOM 167  H H    . ARG A 1 13  ? 0.324   -9.034  -5.226  1.00 1.00 ? 136 ARG A H    1 
ATOM 168  H HA   . ARG A 1 13  ? 0.605   -7.311  -2.858  1.00 1.00 ? 136 ARG A HA   1 
ATOM 169  H HB2  . ARG A 1 13  ? 0.695   -10.292 -3.374  1.00 1.00 ? 136 ARG A HB2  1 
ATOM 170  H HB3  . ARG A 1 13  ? 1.595   -9.643  -2.010  1.00 1.00 ? 136 ARG A HB3  1 
ATOM 171  H HG2  . ARG A 1 13  ? -0.560  -10.351 -1.228  1.00 1.00 ? 136 ARG A HG2  1 
ATOM 172  H HG3  . ARG A 1 13  ? -0.405  -8.601  -1.074  1.00 1.00 ? 136 ARG A HG3  1 
ATOM 173  H HD2  . ARG A 1 13  ? -1.777  -8.364  -3.188  1.00 1.00 ? 136 ARG A HD2  1 
ATOM 174  H HD3  . ARG A 1 13  ? -2.012  -10.115 -3.185  1.00 1.00 ? 136 ARG A HD3  1 
ATOM 175  H HE   . ARG A 1 13  ? -3.003  -8.114  -1.201  1.00 1.00 ? 136 ARG A HE   1 
ATOM 176  H HH11 . ARG A 1 13  ? -3.336  -11.438 -2.484  1.00 1.00 ? 136 ARG A HH11 1 
ATOM 177  H HH12 . ARG A 1 13  ? -4.716  -11.750 -1.491  1.00 1.00 ? 136 ARG A HH12 1 
ATOM 178  H HH21 . ARG A 1 13  ? -4.738  -8.687  0.173   1.00 1.00 ? 136 ARG A HH21 1 
ATOM 179  H HH22 . ARG A 1 13  ? -5.365  -10.278 0.167   1.00 1.00 ? 136 ARG A HH22 1 
ATOM 180  N N    . PRO A 1 14  ? 3.165   -6.910  -3.049  1.00 1.00 ? 137 PRO A N    1 
ATOM 181  C CA   . PRO A 1 14  ? 4.609   -6.758  -3.090  1.00 1.00 ? 137 PRO A CA   1 
ATOM 182  C C    . PRO A 1 14  ? 5.276   -7.926  -2.354  1.00 1.00 ? 137 PRO A C    1 
ATOM 183  O O    . PRO A 1 14  ? 4.613   -8.693  -1.649  1.00 1.00 ? 137 PRO A O    1 
ATOM 184  C CB   . PRO A 1 14  ? 4.888   -5.398  -2.424  1.00 1.00 ? 137 PRO A CB   1 
ATOM 185  C CG   . PRO A 1 14  ? 3.708   -5.198  -1.469  1.00 1.00 ? 137 PRO A CG   1 
ATOM 186  C CD   . PRO A 1 14  ? 2.573   -5.854  -2.251  1.00 1.00 ? 137 PRO A CD   1 
ATOM 187  H HA   . PRO A 1 14  ? 4.952   -6.742  -4.124  1.00 1.00 ? 137 PRO A HA   1 
ATOM 188  H HB2  . PRO A 1 14  ? 5.845   -5.373  -1.901  1.00 1.00 ? 137 PRO A HB2  1 
ATOM 189  H HB3  . PRO A 1 14  ? 4.860   -4.625  -3.193  1.00 1.00 ? 137 PRO A HB3  1 
ATOM 190  H HG2  . PRO A 1 14  ? 3.878   -5.715  -0.519  1.00 1.00 ? 137 PRO A HG2  1 
ATOM 191  H HG3  . PRO A 1 14  ? 3.483   -4.150  -1.256  1.00 1.00 ? 137 PRO A HG3  1 
ATOM 192  H HD2  . PRO A 1 14  ? 1.830   -6.249  -1.574  1.00 1.00 ? 137 PRO A HD2  1 
ATOM 193  H HD3  . PRO A 1 14  ? 2.125   -5.130  -2.927  1.00 1.00 ? 137 PRO A HD3  1 
ATOM 194  N N    . MET A 1 15  ? 6.598   -8.013  -2.445  1.00 1.00 ? 138 MET A N    1 
ATOM 195  C CA   . MET A 1 15  ? 7.430   -8.760  -1.510  1.00 1.00 ? 138 MET A CA   1 
ATOM 196  C C    . MET A 1 15  ? 8.534   -7.782  -1.134  1.00 1.00 ? 138 MET A C    1 
ATOM 197  O O    . MET A 1 15  ? 8.967   -6.997  -1.981  1.00 1.00 ? 138 MET A O    1 
ATOM 198  C CB   . MET A 1 15  ? 7.925   -10.084 -2.117  1.00 1.00 ? 138 MET A CB   1 
ATOM 199  C CG   . MET A 1 15  ? 8.144   -11.162 -1.043  1.00 1.00 ? 138 MET A CG   1 
ATOM 200  S SD   . MET A 1 15  ? 9.441   -10.801 0.174   1.00 1.00 ? 138 MET A SD   1 
ATOM 201  C CE   . MET A 1 15  ? 8.632   -11.213 1.747   1.00 1.00 ? 138 MET A CE   1 
ATOM 202  H H    . MET A 1 15  ? 7.110   -7.289  -2.941  1.00 1.00 ? 138 MET A H    1 
ATOM 203  H HA   . MET A 1 15  ? 6.847   -8.986  -0.621  1.00 1.00 ? 138 MET A HA   1 
ATOM 204  H HB2  . MET A 1 15  ? 7.164   -10.460 -2.801  1.00 1.00 ? 138 MET A HB2  1 
ATOM 205  H HB3  . MET A 1 15  ? 8.847   -9.922  -2.679  1.00 1.00 ? 138 MET A HB3  1 
ATOM 206  H HG2  . MET A 1 15  ? 7.201   -11.323 -0.520  1.00 1.00 ? 138 MET A HG2  1 
ATOM 207  H HG3  . MET A 1 15  ? 8.405   -12.094 -1.545  1.00 1.00 ? 138 MET A HG3  1 
ATOM 208  H HE1  . MET A 1 15  ? 7.650   -10.747 1.808   1.00 1.00 ? 138 MET A HE1  1 
ATOM 209  H HE2  . MET A 1 15  ? 8.538   -12.295 1.852   1.00 1.00 ? 138 MET A HE2  1 
ATOM 210  H HE3  . MET A 1 15  ? 9.244   -10.835 2.565   1.00 1.00 ? 138 MET A HE3  1 
ATOM 211  N N    . ILE A 1 16  ? 8.895   -7.736  0.144   1.00 1.00 ? 139 ILE A N    1 
ATOM 212  C CA   . ILE A 1 16  ? 9.733   -6.702  0.715   1.00 1.00 ? 139 ILE A CA   1 
ATOM 213  C C    . ILE A 1 16  ? 10.567  -7.400  1.774   1.00 1.00 ? 139 ILE A C    1 
ATOM 214  O O    . ILE A 1 16  ? 10.020  -8.074  2.650   1.00 1.00 ? 139 ILE A O    1 
ATOM 215  C CB   . ILE A 1 16  ? 8.909   -5.569  1.371   1.00 1.00 ? 139 ILE A CB   1 
ATOM 216  C CG1  . ILE A 1 16  ? 7.551   -5.290  0.696   1.00 1.00 ? 139 ILE A CG1  1 
ATOM 217  C CG2  . ILE A 1 16  ? 9.742   -4.280  1.433   1.00 1.00 ? 139 ILE A CG2  1 
ATOM 218  C CD1  . ILE A 1 16  ? 6.686   -4.340  1.514   1.00 1.00 ? 139 ILE A CD1  1 
ATOM 219  H H    . ILE A 1 16  ? 8.636   -8.479  0.780   1.00 1.00 ? 139 ILE A H    1 
ATOM 220  H HA   . ILE A 1 16  ? 10.373  -6.295  -0.068  1.00 1.00 ? 139 ILE A HA   1 
ATOM 221  H HB   . ILE A 1 16  ? 8.719   -5.873  2.397   1.00 1.00 ? 139 ILE A HB   1 
ATOM 222  H HG12 . ILE A 1 16  ? 7.708   -4.880  -0.303  1.00 1.00 ? 139 ILE A HG12 1 
ATOM 223  H HG13 . ILE A 1 16  ? 6.975   -6.210  0.609   1.00 1.00 ? 139 ILE A HG13 1 
ATOM 224  H HG21 . ILE A 1 16  ? 10.689  -4.475  1.931   1.00 1.00 ? 139 ILE A HG21 1 
ATOM 225  H HG22 . ILE A 1 16  ? 9.931   -3.912  0.424   1.00 1.00 ? 139 ILE A HG22 1 
ATOM 226  H HG23 . ILE A 1 16  ? 9.223   -3.500  1.987   1.00 1.00 ? 139 ILE A HG23 1 
ATOM 227  H HD11 . ILE A 1 16  ? 6.641   -4.660  2.556   1.00 1.00 ? 139 ILE A HD11 1 
ATOM 228  H HD12 . ILE A 1 16  ? 7.080   -3.328  1.452   1.00 1.00 ? 139 ILE A HD12 1 
ATOM 229  H HD13 . ILE A 1 16  ? 5.690   -4.365  1.093   1.00 1.00 ? 139 ILE A HD13 1 
ATOM 230  N N    . HIS A 1 17  ? 11.872  -7.196  1.721   1.00 1.00 ? 140 HIS A N    1 
ATOM 231  C CA   . HIS A 1 17  ? 12.781  -7.667  2.741   1.00 1.00 ? 140 HIS A CA   1 
ATOM 232  C C    . HIS A 1 17  ? 12.832  -6.591  3.823   1.00 1.00 ? 140 HIS A C    1 
ATOM 233  O O    . HIS A 1 17  ? 13.344  -5.490  3.595   1.00 1.00 ? 140 HIS A O    1 
ATOM 234  C CB   . HIS A 1 17  ? 14.145  -7.979  2.119   1.00 1.00 ? 140 HIS A CB   1 
ATOM 235  C CG   . HIS A 1 17  ? 15.039  -8.825  2.990   1.00 1.00 ? 140 HIS A CG   1 
ATOM 236  N ND1  . HIS A 1 17  ? 16.415  -8.807  2.975   1.00 1.00 ? 140 HIS A ND1  1 
ATOM 237  C CD2  . HIS A 1 17  ? 14.642  -9.813  3.853   1.00 1.00 ? 140 HIS A CD2  1 
ATOM 238  C CE1  . HIS A 1 17  ? 16.847  -9.773  3.799   1.00 1.00 ? 140 HIS A CE1  1 
ATOM 239  N NE2  . HIS A 1 17  ? 15.798  -10.423 4.347   1.00 1.00 ? 140 HIS A NE2  1 
ATOM 240  H H    . HIS A 1 17  ? 12.203  -6.551  1.012   1.00 1.00 ? 140 HIS A H    1 
ATOM 241  H HA   . HIS A 1 17  ? 12.369  -8.590  3.152   1.00 1.00 ? 140 HIS A HA   1 
ATOM 242  H HB2  . HIS A 1 17  ? 13.981  -8.537  1.195   1.00 1.00 ? 140 HIS A HB2  1 
ATOM 243  H HB3  . HIS A 1 17  ? 14.655  -7.049  1.859   1.00 1.00 ? 140 HIS A HB3  1 
ATOM 244  H HD1  . HIS A 1 17  ? 17.003  -8.146  2.477   1.00 1.00 ? 140 HIS A HD1  1 
ATOM 245  H HD2  . HIS A 1 17  ? 13.623  -10.093 4.097   1.00 1.00 ? 140 HIS A HD2  1 
ATOM 246  H HE1  . HIS A 1 17  ? 17.891  -9.992  3.992   1.00 1.00 ? 140 HIS A HE1  1 
ATOM 247  N N    . PHE A 1 18  ? 12.232  -6.867  4.982   1.00 1.00 ? 141 PHE A N    1 
ATOM 248  C CA   . PHE A 1 18  ? 12.096  -5.895  6.066   1.00 1.00 ? 141 PHE A CA   1 
ATOM 249  C C    . PHE A 1 18  ? 13.409  -5.602  6.803   1.00 1.00 ? 141 PHE A C    1 
ATOM 250  O O    . PHE A 1 18  ? 13.463  -4.627  7.550   1.00 1.00 ? 141 PHE A O    1 
ATOM 251  C CB   . PHE A 1 18  ? 11.020  -6.373  7.053   1.00 1.00 ? 141 PHE A CB   1 
ATOM 252  C CG   . PHE A 1 18  ? 9.604   -6.011  6.647   1.00 1.00 ? 141 PHE A CG   1 
ATOM 253  C CD1  . PHE A 1 18  ? 8.979   -6.653  5.560   1.00 1.00 ? 141 PHE A CD1  1 
ATOM 254  C CD2  . PHE A 1 18  ? 8.919   -4.991  7.335   1.00 1.00 ? 141 PHE A CD2  1 
ATOM 255  C CE1  . PHE A 1 18  ? 7.689   -6.267  5.155   1.00 1.00 ? 141 PHE A CE1  1 
ATOM 256  C CE2  . PHE A 1 18  ? 7.621   -4.622  6.941   1.00 1.00 ? 141 PHE A CE2  1 
ATOM 257  C CZ   . PHE A 1 18  ? 7.005   -5.255  5.849   1.00 1.00 ? 141 PHE A CZ   1 
ATOM 258  H H    . PHE A 1 18  ? 11.777  -7.763  5.089   1.00 1.00 ? 141 PHE A H    1 
ATOM 259  H HA   . PHE A 1 18  ? 11.768  -4.946  5.643   1.00 1.00 ? 141 PHE A HA   1 
ATOM 260  H HB2  . PHE A 1 18  ? 11.100  -7.452  7.193   1.00 1.00 ? 141 PHE A HB2  1 
ATOM 261  H HB3  . PHE A 1 18  ? 11.214  -5.909  8.022   1.00 1.00 ? 141 PHE A HB3  1 
ATOM 262  H HD1  . PHE A 1 18  ? 9.479   -7.450  5.032   1.00 1.00 ? 141 PHE A HD1  1 
ATOM 263  H HD2  . PHE A 1 18  ? 9.378   -4.491  8.178   1.00 1.00 ? 141 PHE A HD2  1 
ATOM 264  H HE1  . PHE A 1 18  ? 7.214   -6.772  4.326   1.00 1.00 ? 141 PHE A HE1  1 
ATOM 265  H HE2  . PHE A 1 18  ? 7.093   -3.860  7.497   1.00 1.00 ? 141 PHE A HE2  1 
ATOM 266  H HZ   . PHE A 1 18  ? 5.999   -4.981  5.562   1.00 1.00 ? 141 PHE A HZ   1 
ATOM 267  N N    . GLY A 1 19  ? 14.453  -6.413  6.616   1.00 1.00 ? 142 GLY A N    1 
ATOM 268  C CA   . GLY A 1 19  ? 15.733  -6.264  7.301   1.00 1.00 ? 142 GLY A CA   1 
ATOM 269  C C    . GLY A 1 19  ? 15.846  -7.155  8.535   1.00 1.00 ? 142 GLY A C    1 
ATOM 270  O O    . GLY A 1 19  ? 16.960  -7.423  8.996   1.00 1.00 ? 142 GLY A O    1 
ATOM 271  H H    . GLY A 1 19  ? 14.373  -7.178  5.965   1.00 1.00 ? 142 GLY A H    1 
ATOM 272  H HA2  . GLY A 1 19  ? 16.532  -6.515  6.605   1.00 1.00 ? 142 GLY A HA2  1 
ATOM 273  H HA3  . GLY A 1 19  ? 15.870  -5.228  7.615   1.00 1.00 ? 142 GLY A HA3  1 
ATOM 274  N N    . ASN A 1 20  ? 14.718  -7.674  9.025   1.00 1.00 ? 143 ASN A N    1 
ATOM 275  C CA   . ASN A 1 20  ? 14.619  -8.685  10.064  1.00 1.00 ? 143 ASN A CA   1 
ATOM 276  C C    . ASN A 1 20  ? 13.793  -9.821  9.484   1.00 1.00 ? 143 ASN A C    1 
ATOM 277  O O    . ASN A 1 20  ? 12.724  -9.568  8.926   1.00 1.00 ? 143 ASN A O    1 
ATOM 278  C CB   . ASN A 1 20  ? 13.927  -8.114  11.306  1.00 1.00 ? 143 ASN A CB   1 
ATOM 279  C CG   . ASN A 1 20  ? 14.794  -7.067  11.976  1.00 1.00 ? 143 ASN A CG   1 
ATOM 280  O OD1  . ASN A 1 20  ? 15.722  -7.399  12.705  1.00 1.00 ? 143 ASN A OD1  1 
ATOM 281  N ND2  . ASN A 1 20  ? 14.525  -5.799  11.733  1.00 1.00 ? 143 ASN A ND2  1 
ATOM 282  H H    . ASN A 1 20  ? 13.845  -7.414  8.595   1.00 1.00 ? 143 ASN A H    1 
ATOM 283  H HA   . ASN A 1 20  ? 15.613  -9.028  10.352  1.00 1.00 ? 143 ASN A HA   1 
ATOM 284  H HB2  . ASN A 1 20  ? 12.968  -7.688  11.023  1.00 1.00 ? 143 ASN A HB2  1 
ATOM 285  H HB3  . ASN A 1 20  ? 13.747  -8.919  12.016  1.00 1.00 ? 143 ASN A HB3  1 
ATOM 286  H HD21 . ASN A 1 20  ? 13.609  -5.539  11.357  1.00 1.00 ? 143 ASN A HD21 1 
ATOM 287  H HD22 . ASN A 1 20  ? 15.114  -5.078  12.120  1.00 1.00 ? 143 ASN A HD22 1 
ATOM 288  N N    . ASP A 1 21  ? 14.257  -11.060 9.644   1.00 1.00 ? 144 ASP A N    1 
ATOM 289  C CA   . ASP A 1 21  ? 13.620  -12.277 9.134   1.00 1.00 ? 144 ASP A CA   1 
ATOM 290  C C    . ASP A 1 21  ? 12.150  -12.343 9.527   1.00 1.00 ? 144 ASP A C    1 
ATOM 291  O O    . ASP A 1 21  ? 11.291  -12.643 8.704   1.00 1.00 ? 144 ASP A O    1 
ATOM 292  C CB   . ASP A 1 21  ? 14.371  -13.502 9.681   1.00 1.00 ? 144 ASP A CB   1 
ATOM 293  C CG   . ASP A 1 21  ? 13.512  -14.766 9.747   1.00 1.00 ? 144 ASP A CG   1 
ATOM 294  O OD1  . ASP A 1 21  ? 13.488  -15.540 8.769   1.00 1.00 ? 144 ASP A OD1  1 
ATOM 295  O OD2  . ASP A 1 21  ? 12.943  -15.032 10.833  1.00 1.00 ? 144 ASP A OD2  1 
ATOM 296  H H    . ASP A 1 21  ? 15.141  -11.191 10.127  1.00 1.00 ? 144 ASP A H    1 
ATOM 297  H HA   . ASP A 1 21  ? 13.678  -12.294 8.045   1.00 1.00 ? 144 ASP A HA   1 
ATOM 298  H HB2  . ASP A 1 21  ? 15.238  -13.694 9.053   1.00 1.00 ? 144 ASP A HB2  1 
ATOM 299  H HB3  . ASP A 1 21  ? 14.724  -13.291 10.692  1.00 1.00 ? 144 ASP A HB3  1 
ATOM 300  N N    . TRP A 1 22  ? 11.837  -12.047 10.786  1.00 1.00 ? 145 TRP A N    1 
ATOM 301  C CA   . TRP A 1 22  ? 10.483  -12.234 11.263  1.00 1.00 ? 145 TRP A CA   1 
ATOM 302  C C    . TRP A 1 22  ? 9.560   -11.112 10.871  1.00 1.00 ? 145 TRP A C    1 
ATOM 303  O O    . TRP A 1 22  ? 8.353   -11.307 10.922  1.00 1.00 ? 145 TRP A O    1 
ATOM 304  C CB   . TRP A 1 22  ? 10.450  -12.417 12.774  1.00 1.00 ? 145 TRP A CB   1 
ATOM 305  C CG   . TRP A 1 22  ? 10.933  -11.239 13.557  1.00 1.00 ? 145 TRP A CG   1 
ATOM 306  C CD1  . TRP A 1 22  ? 10.153  -10.309 14.146  1.00 1.00 ? 145 TRP A CD1  1 
ATOM 307  C CD2  . TRP A 1 22  ? 12.305  -10.844 13.835  1.00 1.00 ? 145 TRP A CD2  1 
ATOM 308  N NE1  . TRP A 1 22  ? 10.945  -9.388  14.798  1.00 1.00 ? 145 TRP A NE1  1 
ATOM 309  C CE2  . TRP A 1 22  ? 12.284  -9.704  14.691  1.00 1.00 ? 145 TRP A CE2  1 
ATOM 310  C CE3  . TRP A 1 22  ? 13.563  -11.347 13.450  1.00 1.00 ? 145 TRP A CE3  1 
ATOM 311  C CZ2  . TRP A 1 22  ? 13.462  -9.140  15.201  1.00 1.00 ? 145 TRP A CZ2  1 
ATOM 312  C CZ3  . TRP A 1 22  ? 14.750  -10.794 13.963  1.00 1.00 ? 145 TRP A CZ3  1 
ATOM 313  C CH2  . TRP A 1 22  ? 14.700  -9.700  14.844  1.00 1.00 ? 145 TRP A CH2  1 
ATOM 314  H H    . TRP A 1 22  ? 12.555  -11.733 11.417  1.00 1.00 ? 145 TRP A H    1 
ATOM 315  H HA   . TRP A 1 22  ? 10.091  -13.104 10.758  1.00 1.00 ? 145 TRP A HA   1 
ATOM 316  H HB2  . TRP A 1 22  ? 9.424   -12.638 13.070  1.00 1.00 ? 145 TRP A HB2  1 
ATOM 317  H HB3  . TRP A 1 22  ? 11.060  -13.274 13.037  1.00 1.00 ? 145 TRP A HB3  1 
ATOM 318  H HD1  . TRP A 1 22  ? 9.073   -10.289 14.123  1.00 1.00 ? 145 TRP A HD1  1 
ATOM 319  H HE1  . TRP A 1 22  ? 10.547  -8.585  15.291  1.00 1.00 ? 145 TRP A HE1  1 
ATOM 320  H HE3  . TRP A 1 22  ? 13.616  -12.164 12.748  1.00 1.00 ? 145 TRP A HE3  1 
ATOM 321  H HZ2  . TRP A 1 22  ? 13.427  -8.302  15.884  1.00 1.00 ? 145 TRP A HZ2  1 
ATOM 322  H HZ3  . TRP A 1 22  ? 15.709  -11.216 13.698  1.00 1.00 ? 145 TRP A HZ3  1 
ATOM 323  H HH2  . TRP A 1 22  ? 15.613  -9.285  15.251  1.00 1.00 ? 145 TRP A HH2  1 
ATOM 324  N N    . GLU A 1 23  ? 10.092  -9.966  10.475  1.00 1.00 ? 146 GLU A N    1 
ATOM 325  C CA   . GLU A 1 23  ? 9.256   -8.906  9.934   1.00 1.00 ? 146 GLU A CA   1 
ATOM 326  C C    . GLU A 1 23  ? 8.925   -9.197  8.469   1.00 1.00 ? 146 GLU A C    1 
ATOM 327  O O    . GLU A 1 23  ? 7.842   -8.847  8.002   1.00 1.00 ? 146 GLU A O    1 
ATOM 328  C CB   . GLU A 1 23  ? 9.945   -7.556  10.126  1.00 1.00 ? 146 GLU A CB   1 
ATOM 329  C CG   . GLU A 1 23  ? 10.135  -7.253  11.616  1.00 1.00 ? 146 GLU A CG   1 
ATOM 330  C CD   . GLU A 1 23  ? 10.531  -5.800  11.817  1.00 1.00 ? 146 GLU A CD   1 
ATOM 331  O OE1  . GLU A 1 23  ? 11.748  -5.522  11.829  1.00 1.00 ? 146 GLU A OE1  1 
ATOM 332  O OE2  . GLU A 1 23  ? 9.630   -4.955  12.031  1.00 1.00 ? 146 GLU A OE2  1 
ATOM 333  H H    . GLU A 1 23  ? 11.104  -9.897  10.446  1.00 1.00 ? 146 GLU A H    1 
ATOM 334  H HA   . GLU A 1 23  ? 8.313   -8.879  10.481  1.00 1.00 ? 146 GLU A HA   1 
ATOM 335  H HB2  . GLU A 1 23  ? 10.920  -7.564  9.638   1.00 1.00 ? 146 GLU A HB2  1 
ATOM 336  H HB3  . GLU A 1 23  ? 9.324   -6.781  9.676   1.00 1.00 ? 146 GLU A HB3  1 
ATOM 337  H HG2  . GLU A 1 23  ? 9.216   -7.454  12.167  1.00 1.00 ? 146 GLU A HG2  1 
ATOM 338  H HG3  . GLU A 1 23  ? 10.908  -7.901  12.031  1.00 1.00 ? 146 GLU A HG3  1 
ATOM 339  N N    . ASP A 1 24  ? 9.808   -9.919  7.769   1.00 1.00 ? 147 ASP A N    1 
ATOM 340  C CA   . ASP A 1 24  ? 9.562   -10.407 6.418   1.00 1.00 ? 147 ASP A CA   1 
ATOM 341  C C    . ASP A 1 24  ? 8.471   -11.468 6.526   1.00 1.00 ? 147 ASP A C    1 
ATOM 342  O O    . ASP A 1 24  ? 7.400   -11.334 5.926   1.00 1.00 ? 147 ASP A O    1 
ATOM 343  C CB   . ASP A 1 24  ? 10.890  -10.911 5.829   1.00 1.00 ? 147 ASP A CB   1 
ATOM 344  C CG   . ASP A 1 24  ? 10.781  -11.723 4.538   1.00 1.00 ? 147 ASP A CG   1 
ATOM 345  O OD1  . ASP A 1 24  ? 9.880   -12.576 4.402   1.00 1.00 ? 147 ASP A OD1  1 
ATOM 346  O OD2  . ASP A 1 24  ? 11.688  -11.567 3.691   1.00 1.00 ? 147 ASP A OD2  1 
ATOM 347  H H    . ASP A 1 24  ? 10.574  -10.368 8.266   1.00 1.00 ? 147 ASP A H    1 
ATOM 348  H HA   . ASP A 1 24  ? 9.186   -9.599  5.791   1.00 1.00 ? 147 ASP A HA   1 
ATOM 349  H HB2  . ASP A 1 24  ? 11.525  -10.042 5.645   1.00 1.00 ? 147 ASP A HB2  1 
ATOM 350  H HB3  . ASP A 1 24  ? 11.410  -11.530 6.554   1.00 1.00 ? 147 ASP A HB3  1 
ATOM 351  N N    . ARG A 1 25  ? 8.689   -12.460 7.398   1.00 1.00 ? 148 ARG A N    1 
ATOM 352  C CA   . ARG A 1 25  ? 7.694   -13.479 7.692   1.00 1.00 ? 148 ARG A CA   1 
ATOM 353  C C    . ARG A 1 25  ? 6.384   -12.859 8.150   1.00 1.00 ? 148 ARG A C    1 
ATOM 354  O O    . ARG A 1 25  ? 5.346   -13.347 7.721   1.00 1.00 ? 148 ARG A O    1 
ATOM 355  C CB   . ARG A 1 25  ? 8.183   -14.455 8.762   1.00 1.00 ? 148 ARG A CB   1 
ATOM 356  C CG   . ARG A 1 25  ? 9.358   -15.332 8.322   1.00 1.00 ? 148 ARG A CG   1 
ATOM 357  C CD   . ARG A 1 25  ? 9.932   -16.015 9.566   1.00 1.00 ? 148 ARG A CD   1 
ATOM 358  N NE   . ARG A 1 25  ? 11.056  -16.888 9.229   1.00 1.00 ? 148 ARG A NE   1 
ATOM 359  C CZ   . ARG A 1 25  ? 10.982  -18.170 8.872   1.00 1.00 ? 148 ARG A CZ   1 
ATOM 360  N NH1  . ARG A 1 25  ? 9.798   -18.764 8.730   1.00 1.00 ? 148 ARG A NH1  1 
ATOM 361  N NH2  . ARG A 1 25  ? 12.098  -18.853 8.674   1.00 1.00 ? 148 ARG A NH2  1 
ATOM 362  H H    . ARG A 1 25  ? 9.607   -12.511 7.829   1.00 1.00 ? 148 ARG A H    1 
ATOM 363  H HA   . ARG A 1 25  ? 7.513   -14.024 6.767   1.00 1.00 ? 148 ARG A HA   1 
ATOM 364  H HB2  . ARG A 1 25  ? 8.446   -13.888 9.653   1.00 1.00 ? 148 ARG A HB2  1 
ATOM 365  H HB3  . ARG A 1 25  ? 7.355   -15.115 9.023   1.00 1.00 ? 148 ARG A HB3  1 
ATOM 366  H HG2  . ARG A 1 25  ? 9.005   -16.080 7.612   1.00 1.00 ? 148 ARG A HG2  1 
ATOM 367  H HG3  . ARG A 1 25  ? 10.135  -14.736 7.847   1.00 1.00 ? 148 ARG A HG3  1 
ATOM 368  H HD2  . ARG A 1 25  ? 10.294  -15.251 10.252  1.00 1.00 ? 148 ARG A HD2  1 
ATOM 369  H HD3  . ARG A 1 25  ? 9.150   -16.587 10.070  1.00 1.00 ? 148 ARG A HD3  1 
ATOM 370  H HE   . ARG A 1 25  ? 11.973  -16.425 9.231   1.00 1.00 ? 148 ARG A HE   1 
ATOM 371  H HH11 . ARG A 1 25  ? 8.940   -18.234 8.826   1.00 1.00 ? 148 ARG A HH11 1 
ATOM 372  H HH12 . ARG A 1 25  ? 9.709   -19.678 8.283   1.00 1.00 ? 148 ARG A HH12 1 
ATOM 373  H HH21 . ARG A 1 25  ? 13.003  -18.385 8.770   1.00 1.00 ? 148 ARG A HH21 1 
ATOM 374  H HH22 . ARG A 1 25  ? 12.105  -19.857 8.514   1.00 1.00 ? 148 ARG A HH22 1 
ATOM 375  N N    . TYR A 1 26  ? 6.397   -11.832 9.007   1.00 1.00 ? 149 TYR A N    1 
ATOM 376  C CA   . TYR A 1 26  ? 5.177   -11.207 9.497   1.00 1.00 ? 149 TYR A CA   1 
ATOM 377  C C    . TYR A 1 26  ? 4.365   -10.749 8.299   1.00 1.00 ? 149 TYR A C    1 
ATOM 378  O O    . TYR A 1 26  ? 3.220   -11.170 8.151   1.00 1.00 ? 149 TYR A O    1 
ATOM 379  C CB   . TYR A 1 26  ? 5.448   -10.045 10.469  1.00 1.00 ? 149 TYR A CB   1 
ATOM 380  C CG   . TYR A 1 26  ? 4.215   -9.563  11.215  1.00 1.00 ? 149 TYR A CG   1 
ATOM 381  C CD1  . TYR A 1 26  ? 3.183   -8.885  10.537  1.00 1.00 ? 149 TYR A CD1  1 
ATOM 382  C CD2  . TYR A 1 26  ? 4.095   -9.799  12.600  1.00 1.00 ? 149 TYR A CD2  1 
ATOM 383  C CE1  . TYR A 1 26  ? 2.022   -8.492  11.220  1.00 1.00 ? 149 TYR A CE1  1 
ATOM 384  C CE2  . TYR A 1 26  ? 2.947   -9.389  13.296  1.00 1.00 ? 149 TYR A CE2  1 
ATOM 385  C CZ   . TYR A 1 26  ? 1.895   -8.751  12.604  1.00 1.00 ? 149 TYR A CZ   1 
ATOM 386  O OH   . TYR A 1 26  ? 0.764   -8.402  13.271  1.00 1.00 ? 149 TYR A OH   1 
ATOM 387  H H    . TYR A 1 26  ? 7.282   -11.493 9.364   1.00 1.00 ? 149 TYR A H    1 
ATOM 388  H HA   . TYR A 1 26  ? 4.604   -11.967 10.029  1.00 1.00 ? 149 TYR A HA   1 
ATOM 389  H HB2  . TYR A 1 26  ? 6.162   -10.374 11.218  1.00 1.00 ? 149 TYR A HB2  1 
ATOM 390  H HB3  . TYR A 1 26  ? 5.891   -9.207  9.932   1.00 1.00 ? 149 TYR A HB3  1 
ATOM 391  H HD1  . TYR A 1 26  ? 3.266   -8.654  9.486   1.00 1.00 ? 149 TYR A HD1  1 
ATOM 392  H HD2  . TYR A 1 26  ? 4.882   -10.296 13.143  1.00 1.00 ? 149 TYR A HD2  1 
ATOM 393  H HE1  . TYR A 1 26  ? 1.232   -7.995  10.675  1.00 1.00 ? 149 TYR A HE1  1 
ATOM 394  H HE2  . TYR A 1 26  ? 2.863   -9.577  14.356  1.00 1.00 ? 149 TYR A HE2  1 
ATOM 395  H HH   . TYR A 1 26  ? 0.053   -8.192  12.621  1.00 1.00 ? 149 TYR A HH   1 
ATOM 396  N N    . TYR A 1 27  ? 4.936   -9.915  7.426   1.00 1.00 ? 150 TYR A N    1 
ATOM 397  C CA   . TYR A 1 27  ? 4.213   -9.484  6.242   1.00 1.00 ? 150 TYR A CA   1 
ATOM 398  C C    . TYR A 1 27  ? 3.776   -10.689 5.401   1.00 1.00 ? 150 TYR A C    1 
ATOM 399  O O    . TYR A 1 27  ? 2.615   -10.758 5.008   1.00 1.00 ? 150 TYR A O    1 
ATOM 400  C CB   . TYR A 1 27  ? 5.036   -8.485  5.424   1.00 1.00 ? 150 TYR A CB   1 
ATOM 401  C CG   . TYR A 1 27  ? 4.481   -8.318  4.019   1.00 1.00 ? 150 TYR A CG   1 
ATOM 402  C CD1  . TYR A 1 27  ? 3.134   -7.943  3.841   1.00 1.00 ? 150 TYR A CD1  1 
ATOM 403  C CD2  . TYR A 1 27  ? 5.255   -8.685  2.904   1.00 1.00 ? 150 TYR A CD2  1 
ATOM 404  C CE1  . TYR A 1 27  ? 2.560   -7.931  2.559   1.00 1.00 ? 150 TYR A CE1  1 
ATOM 405  C CE2  . TYR A 1 27  ? 4.687   -8.668  1.618   1.00 1.00 ? 150 TYR A CE2  1 
ATOM 406  C CZ   . TYR A 1 27  ? 3.339   -8.283  1.438   1.00 1.00 ? 150 TYR A CZ   1 
ATOM 407  O OH   . TYR A 1 27  ? 2.775   -8.263  0.200   1.00 1.00 ? 150 TYR A OH   1 
ATOM 408  H H    . TYR A 1 27  ? 5.901   -9.618  7.555   1.00 1.00 ? 150 TYR A H    1 
ATOM 409  H HA   . TYR A 1 27  ? 3.306   -8.977  6.574   1.00 1.00 ? 150 TYR A HA   1 
ATOM 410  H HB2  . TYR A 1 27  ? 5.026   -7.521  5.932   1.00 1.00 ? 150 TYR A HB2  1 
ATOM 411  H HB3  . TYR A 1 27  ? 6.071   -8.826  5.382   1.00 1.00 ? 150 TYR A HB3  1 
ATOM 412  H HD1  . TYR A 1 27  ? 2.518   -7.701  4.696   1.00 1.00 ? 150 TYR A HD1  1 
ATOM 413  H HD2  . TYR A 1 27  ? 6.276   -9.019  3.037   1.00 1.00 ? 150 TYR A HD2  1 
ATOM 414  H HE1  . TYR A 1 27  ? 1.523   -7.659  2.432   1.00 1.00 ? 150 TYR A HE1  1 
ATOM 415  H HE2  . TYR A 1 27  ? 5.278   -8.984  0.777   1.00 1.00 ? 150 TYR A HE2  1 
ATOM 416  H HH   . TYR A 1 27  ? 3.432   -8.491  -0.486  1.00 1.00 ? 150 TYR A HH   1 
ATOM 417  N N    . ARG A 1 28  ? 4.655   -11.652 5.123   1.00 1.00 ? 151 ARG A N    1 
ATOM 418  C CA   . ARG A 1 28  ? 4.353   -12.733 4.184   1.00 1.00 ? 151 ARG A CA   1 
ATOM 419  C C    . ARG A 1 28  ? 3.228   -13.624 4.640   1.00 1.00 ? 151 ARG A C    1 
ATOM 420  O O    . ARG A 1 28  ? 2.324   -13.971 3.893   1.00 1.00 ? 151 ARG A O    1 
ATOM 421  C CB   . ARG A 1 28  ? 5.619   -13.479 3.849   1.00 1.00 ? 151 ARG A CB   1 
ATOM 422  C CG   . ARG A 1 28  ? 6.099   -14.695 4.631   1.00 1.00 ? 151 ARG A CG   1 
ATOM 423  C CD   . ARG A 1 28  ? 5.682   -16.027 3.992   1.00 1.00 ? 151 ARG A CD   1 
ATOM 424  N NE   . ARG A 1 28  ? 4.362   -16.510 4.428   1.00 1.00 ? 151 ARG A NE   1 
ATOM 425  C CZ   . ARG A 1 28  ? 3.753   -17.603 3.959   1.00 1.00 ? 151 ARG A CZ   1 
ATOM 426  N NH1  . ARG A 1 28  ? 4.280   -18.308 2.967   1.00 1.00 ? 151 ARG A NH1  1 
ATOM 427  N NH2  . ARG A 1 28  ? 2.578   -17.981 4.458   1.00 1.00 ? 151 ARG A NH2  1 
ATOM 428  H H    . ARG A 1 28  ? 5.607   -11.557 5.475   1.00 1.00 ? 151 ARG A H    1 
ATOM 429  H HA   . ARG A 1 28  ? 4.051   -12.299 3.246   1.00 1.00 ? 151 ARG A HA   1 
ATOM 430  H HB2  . ARG A 1 28  ? 5.461   -13.822 2.856   1.00 1.00 ? 151 ARG A HB2  1 
ATOM 431  H HB3  . ARG A 1 28  ? 6.398   -12.728 3.853   1.00 1.00 ? 151 ARG A HB3  1 
ATOM 432  H HG2  . ARG A 1 28  ? 7.183   -14.644 4.591   1.00 1.00 ? 151 ARG A HG2  1 
ATOM 433  H HG3  . ARG A 1 28  ? 5.791   -14.657 5.667   1.00 1.00 ? 151 ARG A HG3  1 
ATOM 434  H HD2  . ARG A 1 28  ? 5.721   -15.950 2.906   1.00 1.00 ? 151 ARG A HD2  1 
ATOM 435  H HD3  . ARG A 1 28  ? 6.411   -16.761 4.292   1.00 1.00 ? 151 ARG A HD3  1 
ATOM 436  H HE   . ARG A 1 28  ? 3.919   -15.967 5.156   1.00 1.00 ? 151 ARG A HE   1 
ATOM 437  H HH11 . ARG A 1 28  ? 5.190   -18.109 2.565   1.00 1.00 ? 151 ARG A HH11 1 
ATOM 438  H HH12 . ARG A 1 28  ? 3.879   -19.209 2.724   1.00 1.00 ? 151 ARG A HH12 1 
ATOM 439  H HH21 . ARG A 1 28  ? 2.302   -17.705 5.405   1.00 1.00 ? 151 ARG A HH21 1 
ATOM 440  H HH22 . ARG A 1 28  ? 2.124   -18.840 4.135   1.00 1.00 ? 151 ARG A HH22 1 
ATOM 441  N N    . GLU A 1 29  ? 3.300   -13.998 5.902   1.00 1.00 ? 152 GLU A N    1 
ATOM 442  C CA   . GLU A 1 29  ? 2.244   -14.686 6.635   1.00 1.00 ? 152 GLU A CA   1 
ATOM 443  C C    . GLU A 1 29  ? 0.909   -13.943 6.567   1.00 1.00 ? 152 GLU A C    1 
ATOM 444  O O    . GLU A 1 29  ? -0.137  -14.559 6.764   1.00 1.00 ? 152 GLU A O    1 
ATOM 445  C CB   . GLU A 1 29  ? 2.633   -14.985 8.072   1.00 1.00 ? 152 GLU A CB   1 
ATOM 446  C CG   . GLU A 1 29  ? 3.700   -16.085 8.105   1.00 1.00 ? 152 GLU A CG   1 
ATOM 447  C CD   . GLU A 1 29  ? 3.305   -17.500 7.669   1.00 1.00 ? 152 GLU A CD   1 
ATOM 448  O OE1  . GLU A 1 29  ? 2.173   -17.717 7.178   1.00 1.00 ? 152 GLU A OE1  1 
ATOM 449  O OE2  . GLU A 1 29  ? 4.177   -18.397 7.737   1.00 1.00 ? 152 GLU A OE2  1 
ATOM 450  H H    . GLU A 1 29  ? 4.185   -13.707 6.308   1.00 1.00 ? 152 GLU A H    1 
ATOM 451  H HA   . GLU A 1 29  ? 2.133   -15.668 6.220   1.00 1.00 ? 152 GLU A HA   1 
ATOM 452  H HB2  . GLU A 1 29  ? 3.002   -14.081 8.556   1.00 1.00 ? 152 GLU A HB2  1 
ATOM 453  H HB3  . GLU A 1 29  ? 1.760   -15.331 8.627   1.00 1.00 ? 152 GLU A HB3  1 
ATOM 454  H HG2  . GLU A 1 29  ? 4.584   -15.781 7.547   1.00 1.00 ? 152 GLU A HG2  1 
ATOM 455  H HG3  . GLU A 1 29  ? 3.945   -16.155 9.132   1.00 1.00 ? 152 GLU A HG3  1 
ATOM 456  N N    . ASN A 1 30  ? 0.923   -12.640 6.276   1.00 1.00 ? 153 ASN A N    1 
ATOM 457  C CA   . ASN A 1 30  ? -0.256  -11.786 6.297   1.00 1.00 ? 153 ASN A CA   1 
ATOM 458  C C    . ASN A 1 30  ? -0.679  -11.228 4.947   1.00 1.00 ? 153 ASN A C    1 
ATOM 459  O O    . ASN A 1 30  ? -1.781  -10.686 4.856   1.00 1.00 ? 153 ASN A O    1 
ATOM 460  C CB   . ASN A 1 30  ? -0.012  -10.651 7.287   1.00 1.00 ? 153 ASN A CB   1 
ATOM 461  C CG   . ASN A 1 30  ? -0.248  -11.186 8.675   1.00 1.00 ? 153 ASN A CG   1 
ATOM 462  O OD1  . ASN A 1 30  ? -1.393  -11.381 9.066   1.00 1.00 ? 153 ASN A OD1  1 
ATOM 463  N ND2  . ASN A 1 30  ? 0.794   -11.572 9.376   1.00 1.00 ? 153 ASN A ND2  1 
ATOM 464  H H    . ASN A 1 30  ? 1.827   -12.174 6.189   1.00 1.00 ? 153 ASN A H    1 
ATOM 465  H HA   . ASN A 1 30  ? -1.108  -12.361 6.658   1.00 1.00 ? 153 ASN A HA   1 
ATOM 466  H HB2  . ASN A 1 30  ? 0.985   -10.222 7.174   1.00 1.00 ? 153 ASN A HB2  1 
ATOM 467  H HB3  . ASN A 1 30  ? -0.732  -9.872  7.099   1.00 1.00 ? 153 ASN A HB3  1 
ATOM 468  H HD21 . ASN A 1 30  ? 1.722   -11.403 8.997   1.00 1.00 ? 153 ASN A HD21 1 
ATOM 469  H HD22 . ASN A 1 30  ? 0.730   -12.099 10.236  1.00 1.00 ? 153 ASN A HD22 1 
ATOM 470  N N    . MET A 1 31  ? 0.126   -11.385 3.893   1.00 1.00 ? 154 MET A N    1 
ATOM 471  C CA   . MET A 1 31  ? -0.081  -10.718 2.607   1.00 1.00 ? 154 MET A CA   1 
ATOM 472  C C    . MET A 1 31  ? -1.446  -11.039 1.978   1.00 1.00 ? 154 MET A C    1 
ATOM 473  O O    . MET A 1 31  ? -1.967  -10.250 1.196   1.00 1.00 ? 154 MET A O    1 
ATOM 474  C CB   . MET A 1 31  ? 1.099   -11.019 1.670   1.00 1.00 ? 154 MET A CB   1 
ATOM 475  C CG   . MET A 1 31  ? 1.194   -12.470 1.182   1.00 1.00 ? 154 MET A CG   1 
ATOM 476  S SD   . MET A 1 31  ? 2.854   -12.959 0.624   1.00 1.00 ? 154 MET A SD   1 
ATOM 477  C CE   . MET A 1 31  ? 3.085   -11.869 -0.808  1.00 1.00 ? 154 MET A CE   1 
ATOM 478  H H    . MET A 1 31  ? 1.042   -11.785 4.069   1.00 1.00 ? 154 MET A H    1 
ATOM 479  H HA   . MET A 1 31  ? -0.055  -9.648  2.804   1.00 1.00 ? 154 MET A HA   1 
ATOM 480  H HB2  . MET A 1 31  ? 1.030   -10.364 0.801   1.00 1.00 ? 154 MET A HB2  1 
ATOM 481  H HB3  . MET A 1 31  ? 2.021   -10.774 2.198   1.00 1.00 ? 154 MET A HB3  1 
ATOM 482  H HG2  . MET A 1 31  ? 0.911   -13.137 1.996   1.00 1.00 ? 154 MET A HG2  1 
ATOM 483  H HG3  . MET A 1 31  ? 0.482   -12.622 0.370   1.00 1.00 ? 154 MET A HG3  1 
ATOM 484  H HE1  . MET A 1 31  ? 2.287   -12.038 -1.531  1.00 1.00 ? 154 MET A HE1  1 
ATOM 485  H HE2  . MET A 1 31  ? 3.079   -10.828 -0.487  1.00 1.00 ? 154 MET A HE2  1 
ATOM 486  H HE3  . MET A 1 31  ? 4.042   -12.087 -1.284  1.00 1.00 ? 154 MET A HE3  1 
ATOM 487  N N    . TYR A 1 32  ? -2.051  -12.159 2.373   1.00 1.00 ? 155 TYR A N    1 
ATOM 488  C CA   . TYR A 1 32  ? -3.371  -12.638 1.981   1.00 1.00 ? 155 TYR A CA   1 
ATOM 489  C C    . TYR A 1 32  ? -4.474  -11.741 2.541   1.00 1.00 ? 155 TYR A C    1 
ATOM 490  O O    . TYR A 1 32  ? -5.411  -11.397 1.821   1.00 1.00 ? 155 TYR A O    1 
ATOM 491  C CB   . TYR A 1 32  ? -3.551  -14.078 2.499   1.00 1.00 ? 155 TYR A CB   1 
ATOM 492  C CG   . TYR A 1 32  ? -2.279  -14.894 2.403   1.00 1.00 ? 155 TYR A CG   1 
ATOM 493  C CD1  . TYR A 1 32  ? -1.815  -15.325 1.148   1.00 1.00 ? 155 TYR A CD1  1 
ATOM 494  C CD2  . TYR A 1 32  ? -1.483  -15.072 3.551   1.00 1.00 ? 155 TYR A CD2  1 
ATOM 495  C CE1  . TYR A 1 32  ? -0.547  -15.917 1.030   1.00 1.00 ? 155 TYR A CE1  1 
ATOM 496  C CE2  . TYR A 1 32  ? -0.222  -15.675 3.442   1.00 1.00 ? 155 TYR A CE2  1 
ATOM 497  C CZ   . TYR A 1 32  ? 0.254   -16.086 2.180   1.00 1.00 ? 155 TYR A CZ   1 
ATOM 498  O OH   . TYR A 1 32  ? 1.476   -16.658 2.069   1.00 1.00 ? 155 TYR A OH   1 
ATOM 499  H H    . TYR A 1 32  ? -1.541  -12.721 3.035   1.00 1.00 ? 155 TYR A H    1 
ATOM 500  H HA   . TYR A 1 32  ? -3.426  -12.642 0.891   1.00 1.00 ? 155 TYR A HA   1 
ATOM 501  H HB2  . TYR A 1 32  ? -3.865  -14.052 3.543   1.00 1.00 ? 155 TYR A HB2  1 
ATOM 502  H HB3  . TYR A 1 32  ? -4.344  -14.570 1.937   1.00 1.00 ? 155 TYR A HB3  1 
ATOM 503  H HD1  . TYR A 1 32  ? -2.411  -15.163 0.262   1.00 1.00 ? 155 TYR A HD1  1 
ATOM 504  H HD2  . TYR A 1 32  ? -1.818  -14.739 4.526   1.00 1.00 ? 155 TYR A HD2  1 
ATOM 505  H HE1  . TYR A 1 32  ? -0.178  -16.221 0.060   1.00 1.00 ? 155 TYR A HE1  1 
ATOM 506  H HE2  . TYR A 1 32  ? 0.380   -15.791 4.331   1.00 1.00 ? 155 TYR A HE2  1 
ATOM 507  H HH   . TYR A 1 32  ? 1.826   -16.884 2.938   1.00 1.00 ? 155 TYR A HH   1 
ATOM 508  N N    . ARG A 1 33  ? -4.368  -11.365 3.824   1.00 1.00 ? 156 ARG A N    1 
ATOM 509  C CA   . ARG A 1 33  ? -5.351  -10.526 4.506   1.00 1.00 ? 156 ARG A CA   1 
ATOM 510  C C    . ARG A 1 33  ? -5.257  -9.084  4.015   1.00 1.00 ? 156 ARG A C    1 
ATOM 511  O O    . ARG A 1 33  ? -6.260  -8.368  4.064   1.00 1.00 ? 156 ARG A O    1 
ATOM 512  C CB   . ARG A 1 33  ? -5.149  -10.546 6.039   1.00 1.00 ? 156 ARG A CB   1 
ATOM 513  C CG   . ARG A 1 33  ? -5.222  -11.935 6.696   1.00 1.00 ? 156 ARG A CG   1 
ATOM 514  C CD   . ARG A 1 33  ? -5.070  -11.861 8.227   1.00 1.00 ? 156 ARG A CD   1 
ATOM 515  N NE   . ARG A 1 33  ? -6.292  -11.388 8.905   1.00 1.00 ? 156 ARG A NE   1 
ATOM 516  C CZ   . ARG A 1 33  ? -6.554  -11.459 10.218  1.00 1.00 ? 156 ARG A CZ   1 
ATOM 517  N NH1  . ARG A 1 33  ? -5.708  -12.003 11.082  1.00 1.00 ? 156 ARG A NH1  1 
ATOM 518  N NH2  . ARG A 1 33  ? -7.693  -10.958 10.663  1.00 1.00 ? 156 ARG A NH2  1 
ATOM 519  H H    . ARG A 1 33  ? -3.506  -11.580 4.311   1.00 1.00 ? 156 ARG A H    1 
ATOM 520  H HA   . ARG A 1 33  ? -6.345  -10.908 4.272   1.00 1.00 ? 156 ARG A HA   1 
ATOM 521  H HB2  . ARG A 1 33  ? -4.180  -10.105 6.277   1.00 1.00 ? 156 ARG A HB2  1 
ATOM 522  H HB3  . ARG A 1 33  ? -5.919  -9.917  6.488   1.00 1.00 ? 156 ARG A HB3  1 
ATOM 523  H HG2  . ARG A 1 33  ? -6.169  -12.415 6.443   1.00 1.00 ? 156 ARG A HG2  1 
ATOM 524  H HG3  . ARG A 1 33  ? -4.409  -12.552 6.307   1.00 1.00 ? 156 ARG A HG3  1 
ATOM 525  H HD2  . ARG A 1 33  ? -4.827  -12.857 8.595   1.00 1.00 ? 156 ARG A HD2  1 
ATOM 526  H HD3  . ARG A 1 33  ? -4.239  -11.201 8.479   1.00 1.00 ? 156 ARG A HD3  1 
ATOM 527  H HE   . ARG A 1 33  ? -7.006  -10.934 8.333   1.00 1.00 ? 156 ARG A HE   1 
ATOM 528  H HH11 . ARG A 1 33  ? -4.799  -12.369 10.806  1.00 1.00 ? 156 ARG A HH11 1 
ATOM 529  H HH12 . ARG A 1 33  ? -5.904  -12.009 12.082  1.00 1.00 ? 156 ARG A HH12 1 
ATOM 530  H HH21 . ARG A 1 33  ? -8.315  -10.548 9.961   1.00 1.00 ? 156 ARG A HH21 1 
ATOM 531  H HH22 . ARG A 1 33  ? -7.913  -10.824 11.647  1.00 1.00 ? 156 ARG A HH22 1 
ATOM 532  N N    . TYR A 1 34  ? -4.055  -8.660  3.620   1.00 1.00 ? 157 TYR A N    1 
ATOM 533  C CA   . TYR A 1 34  ? -3.639  -7.295  3.344   1.00 1.00 ? 157 TYR A CA   1 
ATOM 534  C C    . TYR A 1 34  ? -4.337  -6.752  2.086   1.00 1.00 ? 157 TYR A C    1 
ATOM 535  O O    . TYR A 1 34  ? -5.093  -7.490  1.449   1.00 1.00 ? 157 TYR A O    1 
ATOM 536  C CB   . TYR A 1 34  ? -2.096  -7.343  3.278   1.00 1.00 ? 157 TYR A CB   1 
ATOM 537  C CG   . TYR A 1 34  ? -1.408  -7.077  4.609   1.00 1.00 ? 157 TYR A CG   1 
ATOM 538  C CD1  . TYR A 1 34  ? -1.925  -7.614  5.806   1.00 1.00 ? 157 TYR A CD1  1 
ATOM 539  C CD2  . TYR A 1 34  ? -0.239  -6.294  4.654   1.00 1.00 ? 157 TYR A CD2  1 
ATOM 540  C CE1  . TYR A 1 34  ? -1.306  -7.352  7.036   1.00 1.00 ? 157 TYR A CE1  1 
ATOM 541  C CE2  . TYR A 1 34  ? 0.412   -6.059  5.880   1.00 1.00 ? 157 TYR A CE2  1 
ATOM 542  C CZ   . TYR A 1 34  ? -0.129  -6.586  7.073   1.00 1.00 ? 157 TYR A CZ   1 
ATOM 543  O OH   . TYR A 1 34  ? 0.481   -6.381  8.262   1.00 1.00 ? 157 TYR A OH   1 
ATOM 544  H H    . TYR A 1 34  ? -3.296  -9.320  3.541   1.00 1.00 ? 157 TYR A H    1 
ATOM 545  H HA   . TYR A 1 34  ? -3.941  -6.663  4.179   1.00 1.00 ? 157 TYR A HA   1 
ATOM 546  H HB2  . TYR A 1 34  ? -1.779  -8.321  2.926   1.00 1.00 ? 157 TYR A HB2  1 
ATOM 547  H HB3  . TYR A 1 34  ? -1.714  -6.656  2.533   1.00 1.00 ? 157 TYR A HB3  1 
ATOM 548  H HD1  . TYR A 1 34  ? -2.804  -8.236  5.816   1.00 1.00 ? 157 TYR A HD1  1 
ATOM 549  H HD2  . TYR A 1 34  ? 0.172   -5.879  3.746   1.00 1.00 ? 157 TYR A HD2  1 
ATOM 550  H HE1  . TYR A 1 34  ? -1.719  -7.749  7.954   1.00 1.00 ? 157 TYR A HE1  1 
ATOM 551  H HE2  . TYR A 1 34  ? 1.326   -5.488  5.911   1.00 1.00 ? 157 TYR A HE2  1 
ATOM 552  H HH   . TYR A 1 34  ? 0.400   -5.450  8.541   1.00 1.00 ? 157 TYR A HH   1 
ATOM 553  N N    . PRO A 1 35  ? -4.139  -5.476  1.703   1.00 1.00 ? 158 PRO A N    1 
ATOM 554  C CA   . PRO A 1 35  ? -4.791  -4.913  0.528   1.00 1.00 ? 158 PRO A CA   1 
ATOM 555  C C    . PRO A 1 35  ? -4.521  -5.747  -0.730  1.00 1.00 ? 158 PRO A C    1 
ATOM 556  O O    . PRO A 1 35  ? -3.482  -6.395  -0.858  1.00 1.00 ? 158 PRO A O    1 
ATOM 557  C CB   . PRO A 1 35  ? -4.240  -3.491  0.369   1.00 1.00 ? 158 PRO A CB   1 
ATOM 558  C CG   . PRO A 1 35  ? -3.599  -3.149  1.712   1.00 1.00 ? 158 PRO A CG   1 
ATOM 559  C CD   . PRO A 1 35  ? -3.272  -4.502  2.340   1.00 1.00 ? 158 PRO A CD   1 
ATOM 560  H HA   . PRO A 1 35  ? -5.865  -4.863  0.709   1.00 1.00 ? 158 PRO A HA   1 
ATOM 561  H HB2  . PRO A 1 35  ? -3.477  -3.467  -0.409  1.00 1.00 ? 158 PRO A HB2  1 
ATOM 562  H HB3  . PRO A 1 35  ? -5.035  -2.787  0.127   1.00 1.00 ? 158 PRO A HB3  1 
ATOM 563  H HG2  . PRO A 1 35  ? -2.700  -2.544  1.583   1.00 1.00 ? 158 PRO A HG2  1 
ATOM 564  H HG3  . PRO A 1 35  ? -4.318  -2.617  2.331   1.00 1.00 ? 158 PRO A HG3  1 
ATOM 565  H HD2  . PRO A 1 35  ? -2.243  -4.774  2.127   1.00 1.00 ? 158 PRO A HD2  1 
ATOM 566  H HD3  . PRO A 1 35  ? -3.421  -4.469  3.418   1.00 1.00 ? 158 PRO A HD3  1 
ATOM 567  N N    . ASN A 1 36  ? -5.425  -5.669  -1.698  1.00 1.00 ? 159 ASN A N    1 
ATOM 568  C CA   . ASN A 1 36  ? -5.205  -6.048  -3.095  1.00 1.00 ? 159 ASN A CA   1 
ATOM 569  C C    . ASN A 1 36  ? -5.468  -4.873  -4.033  1.00 1.00 ? 159 ASN A C    1 
ATOM 570  O O    . ASN A 1 36  ? -5.359  -5.024  -5.244  1.00 1.00 ? 159 ASN A O    1 
ATOM 571  C CB   . ASN A 1 36  ? -6.045  -7.277  -3.489  1.00 1.00 ? 159 ASN A CB   1 
ATOM 572  C CG   . ASN A 1 36  ? -7.566  -7.107  -3.545  1.00 1.00 ? 159 ASN A CG   1 
ATOM 573  O OD1  . ASN A 1 36  ? -8.278  -8.090  -3.727  1.00 1.00 ? 159 ASN A OD1  1 
ATOM 574  N ND2  . ASN A 1 36  ? -8.131  -5.920  -3.388  1.00 1.00 ? 159 ASN A ND2  1 
ATOM 575  H H    . ASN A 1 36  ? -6.341  -5.330  -1.416  1.00 1.00 ? 159 ASN A H    1 
ATOM 576  H HA   . ASN A 1 36  ? -4.158  -6.327  -3.220  1.00 1.00 ? 159 ASN A HA   1 
ATOM 577  H HB2  . ASN A 1 36  ? -5.721  -7.596  -4.480  1.00 1.00 ? 159 ASN A HB2  1 
ATOM 578  H HB3  . ASN A 1 36  ? -5.814  -8.089  -2.799  1.00 1.00 ? 159 ASN A HB3  1 
ATOM 579  H HD21 . ASN A 1 36  ? -7.583  -5.079  -3.354  1.00 1.00 ? 159 ASN A HD21 1 
ATOM 580  H HD22 . ASN A 1 36  ? -9.129  -5.868  -3.257  1.00 1.00 ? 159 ASN A HD22 1 
ATOM 581  N N    . GLN A 1 37  ? -5.856  -3.717  -3.492  1.00 1.00 ? 160 GLN A N    1 
ATOM 582  C CA   . GLN A 1 37  ? -6.096  -2.481  -4.208  1.00 1.00 ? 160 GLN A CA   1 
ATOM 583  C C    . GLN A 1 37  ? -5.606  -1.343  -3.314  1.00 1.00 ? 160 GLN A C    1 
ATOM 584  O O    . GLN A 1 37  ? -5.739  -1.439  -2.090  1.00 1.00 ? 160 GLN A O    1 
ATOM 585  C CB   . GLN A 1 37  ? -7.598  -2.286  -4.485  1.00 1.00 ? 160 GLN A CB   1 
ATOM 586  C CG   . GLN A 1 37  ? -8.200  -3.143  -5.584  1.00 1.00 ? 160 GLN A CG   1 
ATOM 587  C CD   . GLN A 1 37  ? -9.663  -2.821  -5.862  1.00 1.00 ? 160 GLN A CD   1 
ATOM 588  O OE1  . GLN A 1 37  ? -10.579 -3.489  -5.385  1.00 1.00 ? 160 GLN A OE1  1 
ATOM 589  N NE2  . GLN A 1 37  ? -9.903  -1.801  -6.666  1.00 1.00 ? 160 GLN A NE2  1 
ATOM 590  H H    . GLN A 1 37  ? -5.776  -3.579  -2.496  1.00 1.00 ? 160 GLN A H    1 
ATOM 591  H HA   . GLN A 1 37  ? -5.517  -2.493  -5.129  1.00 1.00 ? 160 GLN A HA   1 
ATOM 592  H HB2  . GLN A 1 37  ? -8.161  -2.457  -3.573  1.00 1.00 ? 160 GLN A HB2  1 
ATOM 593  H HB3  . GLN A 1 37  ? -7.727  -1.264  -4.824  1.00 1.00 ? 160 GLN A HB3  1 
ATOM 594  H HG2  . GLN A 1 37  ? -7.658  -2.885  -6.477  1.00 1.00 ? 160 GLN A HG2  1 
ATOM 595  H HG3  . GLN A 1 37  ? -8.083  -4.204  -5.375  1.00 1.00 ? 160 GLN A HG3  1 
ATOM 596  H HE21 . GLN A 1 37  ? -9.101  -1.286  -7.020  1.00 1.00 ? 160 GLN A HE21 1 
ATOM 597  H HE22 . GLN A 1 37  ? -10.781 -1.716  -7.150  1.00 1.00 ? 160 GLN A HE22 1 
ATOM 598  N N    . VAL A 1 38  ? -5.105  -0.263  -3.911  1.00 1.00 ? 161 VAL A N    1 
ATOM 599  C CA   . VAL A 1 38  ? -4.694  0.953   -3.222  1.00 1.00 ? 161 VAL A CA   1 
ATOM 600  C C    . VAL A 1 38  ? -5.124  2.155   -4.063  1.00 1.00 ? 161 VAL A C    1 
ATOM 601  O O    . VAL A 1 38  ? -5.312  2.034   -5.281  1.00 1.00 ? 161 VAL A O    1 
ATOM 602  C CB   . VAL A 1 38  ? -3.171  0.961   -2.957  1.00 1.00 ? 161 VAL A CB   1 
ATOM 603  C CG1  . VAL A 1 38  ? -2.721  -0.232  -2.095  1.00 1.00 ? 161 VAL A CG1  1 
ATOM 604  C CG2  . VAL A 1 38  ? -2.332  0.990   -4.243  1.00 1.00 ? 161 VAL A CG2  1 
ATOM 605  H H    . VAL A 1 38  ? -5.042  -0.205  -4.917  1.00 1.00 ? 161 VAL A H    1 
ATOM 606  H HA   . VAL A 1 38  ? -5.212  1.010   -2.266  1.00 1.00 ? 161 VAL A HA   1 
ATOM 607  H HB   . VAL A 1 38  ? -2.942  1.867   -2.396  1.00 1.00 ? 161 VAL A HB   1 
ATOM 608  H HG11 . VAL A 1 38  ? -3.412  -0.398  -1.272  1.00 1.00 ? 161 VAL A HG11 1 
ATOM 609  H HG12 . VAL A 1 38  ? -2.685  -1.143  -2.683  1.00 1.00 ? 161 VAL A HG12 1 
ATOM 610  H HG13 . VAL A 1 38  ? -1.730  -0.033  -1.690  1.00 1.00 ? 161 VAL A HG13 1 
ATOM 611  H HG21 . VAL A 1 38  ? -2.628  0.203   -4.928  1.00 1.00 ? 161 VAL A HG21 1 
ATOM 612  H HG22 . VAL A 1 38  ? -2.451  1.950   -4.744  1.00 1.00 ? 161 VAL A HG22 1 
ATOM 613  H HG23 . VAL A 1 38  ? -1.285  0.867   -3.985  1.00 1.00 ? 161 VAL A HG23 1 
ATOM 614  N N    . TYR A 1 39  ? -5.280  3.307   -3.413  1.00 1.00 ? 162 TYR A N    1 
ATOM 615  C CA   . TYR A 1 39  ? -5.388  4.578   -4.109  1.00 1.00 ? 162 TYR A CA   1 
ATOM 616  C C    . TYR A 1 39  ? -4.033  4.886   -4.741  1.00 1.00 ? 162 TYR A C    1 
ATOM 617  O O    . TYR A 1 39  ? -3.008  4.427   -4.248  1.00 1.00 ? 162 TYR A O    1 
ATOM 618  C CB   . TYR A 1 39  ? -5.659  5.715   -3.115  1.00 1.00 ? 162 TYR A CB   1 
ATOM 619  C CG   . TYR A 1 39  ? -7.024  5.865   -2.466  1.00 1.00 ? 162 TYR A CG   1 
ATOM 620  C CD1  . TYR A 1 39  ? -7.638  4.826   -1.745  1.00 1.00 ? 162 TYR A CD1  1 
ATOM 621  C CD2  . TYR A 1 39  ? -7.604  7.143   -2.451  1.00 1.00 ? 162 TYR A CD2  1 
ATOM 622  C CE1  . TYR A 1 39  ? -8.821  5.076   -1.023  1.00 1.00 ? 162 TYR A CE1  1 
ATOM 623  C CE2  . TYR A 1 39  ? -8.794  7.404   -1.753  1.00 1.00 ? 162 TYR A CE2  1 
ATOM 624  C CZ   . TYR A 1 39  ? -9.399  6.372   -1.012  1.00 1.00 ? 162 TYR A CZ   1 
ATOM 625  O OH   . TYR A 1 39  ? -10.487 6.649   -0.237  1.00 1.00 ? 162 TYR A OH   1 
ATOM 626  H H    . TYR A 1 39  ? -4.981  3.358   -2.445  1.00 1.00 ? 162 TYR A H    1 
ATOM 627  H HA   . TYR A 1 39  ? -6.166  4.546   -4.867  1.00 1.00 ? 162 TYR A HA   1 
ATOM 628  H HB2  . TYR A 1 39  ? -4.910  5.673   -2.322  1.00 1.00 ? 162 TYR A HB2  1 
ATOM 629  H HB3  . TYR A 1 39  ? -5.472  6.636   -3.666  1.00 1.00 ? 162 TYR A HB3  1 
ATOM 630  H HD1  . TYR A 1 39  ? -7.173  3.854   -1.699  1.00 1.00 ? 162 TYR A HD1  1 
ATOM 631  H HD2  . TYR A 1 39  ? -7.061  7.952   -2.901  1.00 1.00 ? 162 TYR A HD2  1 
ATOM 632  H HE1  . TYR A 1 39  ? -9.271  4.273   -0.460  1.00 1.00 ? 162 TYR A HE1  1 
ATOM 633  H HE2  . TYR A 1 39  ? -9.191  8.407   -1.717  1.00 1.00 ? 162 TYR A HE2  1 
ATOM 634  H HH   . TYR A 1 39  ? -10.843 7.540   -0.332  1.00 1.00 ? 162 TYR A HH   1 
ATOM 635  N N    . TYR A 1 40  ? -4.003  5.745   -5.754  1.00 1.00 ? 163 TYR A N    1 
ATOM 636  C CA   . TYR A 1 40  ? -2.799  6.462   -6.139  1.00 1.00 ? 163 TYR A CA   1 
ATOM 637  C C    . TYR A 1 40  ? -3.193  7.825   -6.703  1.00 1.00 ? 163 TYR A C    1 
ATOM 638  O O    . TYR A 1 40  ? -4.160  7.959   -7.459  1.00 1.00 ? 163 TYR A O    1 
ATOM 639  C CB   . TYR A 1 40  ? -1.897  5.657   -7.099  1.00 1.00 ? 163 TYR A CB   1 
ATOM 640  C CG   . TYR A 1 40  ? -2.510  5.210   -8.414  1.00 1.00 ? 163 TYR A CG   1 
ATOM 641  C CD1  . TYR A 1 40  ? -3.397  4.119   -8.429  1.00 1.00 ? 163 TYR A CD1  1 
ATOM 642  C CD2  . TYR A 1 40  ? -2.166  5.846   -9.626  1.00 1.00 ? 163 TYR A CD2  1 
ATOM 643  C CE1  . TYR A 1 40  ? -3.974  3.693   -9.633  1.00 1.00 ? 163 TYR A CE1  1 
ATOM 644  C CE2  . TYR A 1 40  ? -2.721  5.405   -10.843 1.00 1.00 ? 163 TYR A CE2  1 
ATOM 645  C CZ   . TYR A 1 40  ? -3.640  4.331   -10.844 1.00 1.00 ? 163 TYR A CZ   1 
ATOM 646  O OH   . TYR A 1 40  ? -4.208  3.877   -11.994 1.00 1.00 ? 163 TYR A OH   1 
ATOM 647  H H    . TYR A 1 40  ? -4.866  5.960   -6.241  1.00 1.00 ? 163 TYR A H    1 
ATOM 648  H HA   . TYR A 1 40  ? -2.218  6.631   -5.230  1.00 1.00 ? 163 TYR A HA   1 
ATOM 649  H HB2  . TYR A 1 40  ? -1.013  6.258   -7.314  1.00 1.00 ? 163 TYR A HB2  1 
ATOM 650  H HB3  . TYR A 1 40  ? -1.546  4.768   -6.574  1.00 1.00 ? 163 TYR A HB3  1 
ATOM 651  H HD1  . TYR A 1 40  ? -3.664  3.622   -7.506  1.00 1.00 ? 163 TYR A HD1  1 
ATOM 652  H HD2  . TYR A 1 40  ? -1.465  6.669   -9.629  1.00 1.00 ? 163 TYR A HD2  1 
ATOM 653  H HE1  . TYR A 1 40  ? -4.686  2.884   -9.625  1.00 1.00 ? 163 TYR A HE1  1 
ATOM 654  H HE2  . TYR A 1 40  ? -2.445  5.891   -11.769 1.00 1.00 ? 163 TYR A HE2  1 
ATOM 655  H HH   . TYR A 1 40  ? -4.125  4.471   -12.766 1.00 1.00 ? 163 TYR A HH   1 
ATOM 656  N N    . ARG A 1 41  ? -2.451  8.852   -6.289  1.00 1.00 ? 164 ARG A N    1 
ATOM 657  C CA   . ARG A 1 41  ? -2.334  10.127  -6.994  1.00 1.00 ? 164 ARG A CA   1 
ATOM 658  C C    . ARG A 1 41  ? -1.155  9.931   -7.956  1.00 1.00 ? 164 ARG A C    1 
ATOM 659  O O    . ARG A 1 41  ? -0.101  9.499   -7.493  1.00 1.00 ? 164 ARG A O    1 
ATOM 660  C CB   . ARG A 1 41  ? -2.124  11.312  -6.020  1.00 1.00 ? 164 ARG A CB   1 
ATOM 661  C CG   . ARG A 1 41  ? -1.112  11.065  -4.887  1.00 1.00 ? 164 ARG A CG   1 
ATOM 662  C CD   . ARG A 1 41  ? -0.926  12.242  -3.921  1.00 1.00 ? 164 ARG A CD   1 
ATOM 663  N NE   . ARG A 1 41  ? 0.084   13.236  -4.332  1.00 1.00 ? 164 ARG A NE   1 
ATOM 664  C CZ   . ARG A 1 41  ? 0.695   14.094  -3.495  1.00 1.00 ? 164 ARG A CZ   1 
ATOM 665  N NH1  . ARG A 1 41  ? 0.378   14.173  -2.209  1.00 1.00 ? 164 ARG A NH1  1 
ATOM 666  N NH2  . ARG A 1 41  ? 1.652   14.882  -3.950  1.00 1.00 ? 164 ARG A NH2  1 
ATOM 667  H H    . ARG A 1 41  ? -1.713  8.631   -5.637  1.00 1.00 ? 164 ARG A H    1 
ATOM 668  H HA   . ARG A 1 41  ? -3.251  10.308  -7.556  1.00 1.00 ? 164 ARG A HA   1 
ATOM 669  H HB2  . ARG A 1 41  ? -1.817  12.188  -6.592  1.00 1.00 ? 164 ARG A HB2  1 
ATOM 670  H HB3  . ARG A 1 41  ? -3.084  11.534  -5.561  1.00 1.00 ? 164 ARG A HB3  1 
ATOM 671  H HG2  . ARG A 1 41  ? -1.461  10.222  -4.290  1.00 1.00 ? 164 ARG A HG2  1 
ATOM 672  H HG3  . ARG A 1 41  ? -0.157  10.800  -5.313  1.00 1.00 ? 164 ARG A HG3  1 
ATOM 673  H HD2  . ARG A 1 41  ? -1.885  12.732  -3.763  1.00 1.00 ? 164 ARG A HD2  1 
ATOM 674  H HD3  . ARG A 1 41  ? -0.595  11.821  -2.972  1.00 1.00 ? 164 ARG A HD3  1 
ATOM 675  H HE   . ARG A 1 41  ? 0.402   13.219  -5.296  1.00 1.00 ? 164 ARG A HE   1 
ATOM 676  H HH11 . ARG A 1 41  ? -0.410  13.649  -1.820  1.00 1.00 ? 164 ARG A HH11 1 
ATOM 677  H HH12 . ARG A 1 41  ? 0.941   14.694  -1.549  1.00 1.00 ? 164 ARG A HH12 1 
ATOM 678  H HH21 . ARG A 1 41  ? 2.021   14.730  -4.887  1.00 1.00 ? 164 ARG A HH21 1 
ATOM 679  H HH22 . ARG A 1 41  ? 2.076   15.598  -3.364  1.00 1.00 ? 164 ARG A HH22 1 
ATOM 680  N N    . PRO A 1 42  ? -1.303  10.138  -9.272  1.00 1.00 ? 165 PRO A N    1 
ATOM 681  C CA   . PRO A 1 42  ? -0.250  9.801   -10.224 1.00 1.00 ? 165 PRO A CA   1 
ATOM 682  C C    . PRO A 1 42  ? 0.929   10.766  -10.073 1.00 1.00 ? 165 PRO A C    1 
ATOM 683  O O    . PRO A 1 42  ? 0.724   11.982  -10.095 1.00 1.00 ? 165 PRO A O    1 
ATOM 684  C CB   . PRO A 1 42  ? -0.912  9.919   -11.602 1.00 1.00 ? 165 PRO A CB   1 
ATOM 685  C CG   . PRO A 1 42  ? -2.031  10.940  -11.386 1.00 1.00 ? 165 PRO A CG   1 
ATOM 686  C CD   . PRO A 1 42  ? -2.468  10.686  -9.946  1.00 1.00 ? 165 PRO A CD   1 
ATOM 687  H HA   . PRO A 1 42  ? 0.090   8.775   -10.067 1.00 1.00 ? 165 PRO A HA   1 
ATOM 688  H HB2  . PRO A 1 42  ? -0.210  10.251  -12.369 1.00 1.00 ? 165 PRO A HB2  1 
ATOM 689  H HB3  . PRO A 1 42  ? -1.345  8.956   -11.876 1.00 1.00 ? 165 PRO A HB3  1 
ATOM 690  H HG2  . PRO A 1 42  ? -1.629  11.949  -11.478 1.00 1.00 ? 165 PRO A HG2  1 
ATOM 691  H HG3  . PRO A 1 42  ? -2.852  10.798  -12.085 1.00 1.00 ? 165 PRO A HG3  1 
ATOM 692  H HD2  . PRO A 1 42  ? -2.791  11.620  -9.482  1.00 1.00 ? 165 PRO A HD2  1 
ATOM 693  H HD3  . PRO A 1 42  ? -3.275  9.953   -9.927  1.00 1.00 ? 165 PRO A HD3  1 
ATOM 694  N N    . VAL A 1 43  ? 2.164   10.261  -9.981  1.00 1.00 ? 166 VAL A N    1 
ATOM 695  C CA   . VAL A 1 43  ? 3.355   11.072  -10.239 1.00 1.00 ? 166 VAL A CA   1 
ATOM 696  C C    . VAL A 1 43  ? 3.428   11.261  -11.755 1.00 1.00 ? 166 VAL A C    1 
ATOM 697  O O    . VAL A 1 43  ? 4.078   10.519  -12.487 1.00 1.00 ? 166 VAL A O    1 
ATOM 698  C CB   . VAL A 1 43  ? 4.602   10.495  -9.513  1.00 1.00 ? 166 VAL A CB   1 
ATOM 699  C CG1  . VAL A 1 43  ? 5.961   10.493  -10.247 1.00 1.00 ? 166 VAL A CG1  1 
ATOM 700  C CG2  . VAL A 1 43  ? 4.766   11.284  -8.209  1.00 1.00 ? 166 VAL A CG2  1 
ATOM 701  H H    . VAL A 1 43  ? 2.287   9.257   -9.948  1.00 1.00 ? 166 VAL A H    1 
ATOM 702  H HA   . VAL A 1 43  ? 3.173   12.066  -9.824  1.00 1.00 ? 166 VAL A HA   1 
ATOM 703  H HB   . VAL A 1 43  ? 4.378   9.472   -9.230  1.00 1.00 ? 166 VAL A HB   1 
ATOM 704  H HG11 . VAL A 1 43  ? 6.201   11.480  -10.642 1.00 1.00 ? 166 VAL A HG11 1 
ATOM 705  H HG12 . VAL A 1 43  ? 6.758   10.178  -9.576  1.00 1.00 ? 166 VAL A HG12 1 
ATOM 706  H HG13 . VAL A 1 43  ? 5.958   9.773   -11.066 1.00 1.00 ? 166 VAL A HG13 1 
ATOM 707  H HG21 . VAL A 1 43  ? 3.822   11.285  -7.668  1.00 1.00 ? 166 VAL A HG21 1 
ATOM 708  H HG22 . VAL A 1 43  ? 5.528   10.817  -7.584  1.00 1.00 ? 166 VAL A HG22 1 
ATOM 709  H HG23 . VAL A 1 43  ? 5.061   12.309  -8.428  1.00 1.00 ? 166 VAL A HG23 1 
ATOM 710  N N    . ASP A 1 44  ? 2.692   12.254  -12.238 1.00 1.00 ? 167 ASP A N    1 
ATOM 711  C CA   . ASP A 1 44  ? 2.833   12.789  -13.584 1.00 1.00 ? 167 ASP A CA   1 
ATOM 712  C C    . ASP A 1 44  ? 4.056   13.715  -13.636 1.00 1.00 ? 167 ASP A C    1 
ATOM 713  O O    . ASP A 1 44  ? 4.812   13.666  -14.601 1.00 1.00 ? 167 ASP A O    1 
ATOM 714  C CB   . ASP A 1 44  ? 1.518   13.475  -13.985 1.00 1.00 ? 167 ASP A CB   1 
ATOM 715  C CG   . ASP A 1 44  ? 1.708   14.760  -14.782 1.00 1.00 ? 167 ASP A CG   1 
ATOM 716  O OD1  . ASP A 1 44  ? 2.074   14.709  -15.979 1.00 1.00 ? 167 ASP A OD1  1 
ATOM 717  O OD2  . ASP A 1 44  ? 1.422   15.829  -14.197 1.00 1.00 ? 167 ASP A OD2  1 
ATOM 718  H H    . ASP A 1 44  ? 2.059   12.730  -11.607 1.00 1.00 ? 167 ASP A H    1 
ATOM 719  H HA   . ASP A 1 44  ? 3.006   11.970  -14.284 1.00 1.00 ? 167 ASP A HA   1 
ATOM 720  H HB2  . ASP A 1 44  ? 0.920   12.781  -14.571 1.00 1.00 ? 167 ASP A HB2  1 
ATOM 721  H HB3  . ASP A 1 44  ? 0.938   13.709  -13.092 1.00 1.00 ? 167 ASP A HB3  1 
ATOM 722  N N    . GLN A 1 45  ? 4.301   14.507  -12.582 1.00 1.00 ? 168 GLN A N    1 
ATOM 723  C CA   . GLN A 1 45  ? 5.321   15.558  -12.594 1.00 1.00 ? 168 GLN A CA   1 
ATOM 724  C C    . GLN A 1 45  ? 6.050   15.717  -11.256 1.00 1.00 ? 168 GLN A C    1 
ATOM 725  O O    . GLN A 1 45  ? 7.232   16.047  -11.252 1.00 1.00 ? 168 GLN A O    1 
ATOM 726  C CB   . GLN A 1 45  ? 4.607   16.861  -12.984 1.00 1.00 ? 168 GLN A CB   1 
ATOM 727  C CG   . GLN A 1 45  ? 5.507   17.960  -13.558 1.00 1.00 ? 168 GLN A CG   1 
ATOM 728  C CD   . GLN A 1 45  ? 6.254   18.815  -12.538 1.00 1.00 ? 168 GLN A CD   1 
ATOM 729  O OE1  . GLN A 1 45  ? 5.930   18.859  -11.350 1.00 1.00 ? 168 GLN A OE1  1 
ATOM 730  N NE2  . GLN A 1 45  ? 7.260   19.543  -12.985 1.00 1.00 ? 168 GLN A NE2  1 
ATOM 731  H H    . GLN A 1 45  ? 3.571   14.581  -11.886 1.00 1.00 ? 168 GLN A H    1 
ATOM 732  H HA   . GLN A 1 45  ? 6.067   15.324  -13.356 1.00 1.00 ? 168 GLN A HA   1 
ATOM 733  H HB2  . GLN A 1 45  ? 3.899   16.613  -13.771 1.00 1.00 ? 168 GLN A HB2  1 
ATOM 734  H HB3  . GLN A 1 45  ? 4.037   17.240  -12.137 1.00 1.00 ? 168 GLN A HB3  1 
ATOM 735  H HG2  . GLN A 1 45  ? 6.223   17.492  -14.224 1.00 1.00 ? 168 GLN A HG2  1 
ATOM 736  H HG3  . GLN A 1 45  ? 4.885   18.630  -14.151 1.00 1.00 ? 168 GLN A HG3  1 
ATOM 737  H HE21 . GLN A 1 45  ? 7.533   19.467  -13.962 1.00 1.00 ? 168 GLN A HE21 1 
ATOM 738  H HE22 . GLN A 1 45  ? 7.673   20.261  -12.400 1.00 1.00 ? 168 GLN A HE22 1 
ATOM 739  N N    . TYR A 1 46  ? 5.361   15.498  -10.127 1.00 1.00 ? 169 TYR A N    1 
ATOM 740  C CA   . TYR A 1 46  ? 5.818   15.909  -8.793  1.00 1.00 ? 169 TYR A CA   1 
ATOM 741  C C    . TYR A 1 46  ? 7.243   15.422  -8.479  1.00 1.00 ? 169 TYR A C    1 
ATOM 742  O O    . TYR A 1 46  ? 8.093   16.232  -8.104  1.00 1.00 ? 169 TYR A O    1 
ATOM 743  C CB   . TYR A 1 46  ? 4.810   15.423  -7.738  1.00 1.00 ? 169 TYR A CB   1 
ATOM 744  C CG   . TYR A 1 46  ? 4.642   16.314  -6.517  1.00 1.00 ? 169 TYR A CG   1 
ATOM 745  C CD1  . TYR A 1 46  ? 5.747   16.714  -5.739  1.00 1.00 ? 169 TYR A CD1  1 
ATOM 746  C CD2  . TYR A 1 46  ? 3.348   16.694  -6.118  1.00 1.00 ? 169 TYR A CD2  1 
ATOM 747  C CE1  . TYR A 1 46  ? 5.565   17.474  -4.574  1.00 1.00 ? 169 TYR A CE1  1 
ATOM 748  C CE2  . TYR A 1 46  ? 3.154   17.455  -4.957  1.00 1.00 ? 169 TYR A CE2  1 
ATOM 749  C CZ   . TYR A 1 46  ? 4.263   17.838  -4.173  1.00 1.00 ? 169 TYR A CZ   1 
ATOM 750  O OH   . TYR A 1 46  ? 4.068   18.529  -3.024  1.00 1.00 ? 169 TYR A OH   1 
ATOM 751  H H    . TYR A 1 46  ? 4.379   15.300  -10.230 1.00 1.00 ? 169 TYR A H    1 
ATOM 752  H HA   . TYR A 1 46  ? 5.820   17.001  -8.781  1.00 1.00 ? 169 TYR A HA   1 
ATOM 753  H HB2  . TYR A 1 46  ? 3.833   15.323  -8.213  1.00 1.00 ? 169 TYR A HB2  1 
ATOM 754  H HB3  . TYR A 1 46  ? 5.089   14.429  -7.396  1.00 1.00 ? 169 TYR A HB3  1 
ATOM 755  H HD1  . TYR A 1 46  ? 6.752   16.416  -5.988  1.00 1.00 ? 169 TYR A HD1  1 
ATOM 756  H HD2  . TYR A 1 46  ? 2.487   16.377  -6.688  1.00 1.00 ? 169 TYR A HD2  1 
ATOM 757  H HE1  . TYR A 1 46  ? 6.423   17.741  -3.974  1.00 1.00 ? 169 TYR A HE1  1 
ATOM 758  H HE2  . TYR A 1 46  ? 2.152   17.729  -4.655  1.00 1.00 ? 169 TYR A HE2  1 
ATOM 759  H HH   . TYR A 1 46  ? 3.290   18.155  -2.571  1.00 1.00 ? 169 TYR A HH   1 
ATOM 760  N N    . SER A 1 47  ? 7.466   14.110  -8.639  1.00 1.00 ? 170 SER A N    1 
ATOM 761  C CA   . SER A 1 47  ? 8.706   13.334  -8.652  1.00 1.00 ? 170 SER A CA   1 
ATOM 762  C C    . SER A 1 47  ? 8.759   12.318  -7.511  1.00 1.00 ? 170 SER A C    1 
ATOM 763  O O    . SER A 1 47  ? 8.124   11.277  -7.644  1.00 1.00 ? 170 SER A O    1 
ATOM 764  C CB   . SER A 1 47  ? 9.992   14.152  -8.815  1.00 1.00 ? 170 SER A CB   1 
ATOM 765  O OG   . SER A 1 47  ? 10.029  14.669  -10.127 1.00 1.00 ? 170 SER A OG   1 
ATOM 766  H H    . SER A 1 47  ? 6.672   13.574  -8.949  1.00 1.00 ? 170 SER A H    1 
ATOM 767  H HA   . SER A 1 47  ? 8.632   12.721  -9.548  1.00 1.00 ? 170 SER A HA   1 
ATOM 768  H HB2  . SER A 1 47  ? 10.059  14.940  -8.073  1.00 1.00 ? 170 SER A HB2  1 
ATOM 769  H HB3  . SER A 1 47  ? 10.857  13.505  -8.673  1.00 1.00 ? 170 SER A HB3  1 
ATOM 770  H HG   . SER A 1 47  ? 9.730   15.598  -10.117 1.00 1.00 ? 170 SER A HG   1 
ATOM 771  N N    . ASN A 1 48  ? 9.500   12.568  -6.426  1.00 1.00 ? 171 ASN A N    1 
ATOM 772  C CA   . ASN A 1 48  ? 9.899   11.516  -5.485  1.00 1.00 ? 171 ASN A CA   1 
ATOM 773  C C    . ASN A 1 48  ? 8.718   10.728  -4.911  1.00 1.00 ? 171 ASN A C    1 
ATOM 774  O O    . ASN A 1 48  ? 7.691   11.290  -4.543  1.00 1.00 ? 171 ASN A O    1 
ATOM 775  C CB   . ASN A 1 48  ? 10.749  12.078  -4.342  1.00 1.00 ? 171 ASN A CB   1 
ATOM 776  C CG   . ASN A 1 48  ? 9.934   12.915  -3.369  1.00 1.00 ? 171 ASN A CG   1 
ATOM 777  O OD1  . ASN A 1 48  ? 9.451   13.984  -3.721  1.00 1.00 ? 171 ASN A OD1  1 
ATOM 778  N ND2  . ASN A 1 48  ? 9.744   12.459  -2.146  1.00 1.00 ? 171 ASN A ND2  1 
ATOM 779  H H    . ASN A 1 48  ? 9.934   13.478  -6.314  1.00 1.00 ? 171 ASN A H    1 
ATOM 780  H HA   . ASN A 1 48  ? 10.518  10.822  -6.050  1.00 1.00 ? 171 ASN A HA   1 
ATOM 781  H HB2  . ASN A 1 48  ? 11.211  11.240  -3.823  1.00 1.00 ? 171 ASN A HB2  1 
ATOM 782  H HB3  . ASN A 1 48  ? 11.548  12.692  -4.743  1.00 1.00 ? 171 ASN A HB3  1 
ATOM 783  H HD21 . ASN A 1 48  ? 10.294  11.664  -1.827  1.00 1.00 ? 171 ASN A HD21 1 
ATOM 784  H HD22 . ASN A 1 48  ? 9.324   13.096  -1.486  1.00 1.00 ? 171 ASN A HD22 1 
ATOM 785  N N    . GLN A 1 49  ? 8.855   9.409   -4.804  1.00 1.00 ? 172 GLN A N    1 
ATOM 786  C CA   . GLN A 1 49  ? 7.703   8.528   -4.591  1.00 1.00 ? 172 GLN A CA   1 
ATOM 787  C C    . GLN A 1 49  ? 7.060   8.830   -3.251  1.00 1.00 ? 172 GLN A C    1 
ATOM 788  O O    . GLN A 1 49  ? 5.833   8.861   -3.170  1.00 1.00 ? 172 GLN A O    1 
ATOM 789  C CB   . GLN A 1 49  ? 8.084   7.039   -4.765  1.00 1.00 ? 172 GLN A CB   1 
ATOM 790  C CG   . GLN A 1 49  ? 8.096   6.612   -6.249  1.00 1.00 ? 172 GLN A CG   1 
ATOM 791  C CD   . GLN A 1 49  ? 8.738   7.687   -7.109  1.00 1.00 ? 172 GLN A CD   1 
ATOM 792  O OE1  . GLN A 1 49  ? 9.941   7.918   -7.036  1.00 1.00 ? 172 GLN A OE1  1 
ATOM 793  N NE2  . GLN A 1 49  ? 7.906   8.492   -7.744  1.00 1.00 ? 172 GLN A NE2  1 
ATOM 794  H H    . GLN A 1 49  ? 9.739   8.998   -5.091  1.00 1.00 ? 172 GLN A H    1 
ATOM 795  H HA   . GLN A 1 49  ? 6.953   8.776   -5.339  1.00 1.00 ? 172 GLN A HA   1 
ATOM 796  H HB2  . GLN A 1 49  ? 9.067   6.864   -4.324  1.00 1.00 ? 172 GLN A HB2  1 
ATOM 797  H HB3  . GLN A 1 49  ? 7.360   6.414   -4.239  1.00 1.00 ? 172 GLN A HB3  1 
ATOM 798  H HG2  . GLN A 1 49  ? 8.637   5.681   -6.369  1.00 1.00 ? 172 GLN A HG2  1 
ATOM 799  H HG3  . GLN A 1 49  ? 7.076   6.439   -6.583  1.00 1.00 ? 172 GLN A HG3  1 
ATOM 800  H HE21 . GLN A 1 49  ? 6.939   8.224   -7.877  1.00 1.00 ? 172 GLN A HE21 1 
ATOM 801  H HE22 . GLN A 1 49  ? 8.150   9.481   -7.793  1.00 1.00 ? 172 GLN A HE22 1 
ATOM 802  N N    . ASN A 1 50  ? 7.871   9.176   -2.248  1.00 1.00 ? 173 ASN A N    1 
ATOM 803  C CA   . ASN A 1 50  ? 7.381   9.475   -0.911  1.00 1.00 ? 173 ASN A CA   1 
ATOM 804  C C    . ASN A 1 50  ? 6.352   10.609  -0.923  1.00 1.00 ? 173 ASN A C    1 
ATOM 805  O O    . ASN A 1 50  ? 5.462   10.618  -0.072  1.00 1.00 ? 173 ASN A O    1 
ATOM 806  C CB   . ASN A 1 50  ? 8.540   9.850   0.018   1.00 1.00 ? 173 ASN A CB   1 
ATOM 807  C CG   . ASN A 1 50  ? 8.282   9.570   1.499   1.00 1.00 ? 173 ASN A CG   1 
ATOM 808  O OD1  . ASN A 1 50  ? 9.228   9.570   2.281   1.00 1.00 ? 173 ASN A OD1  1 
ATOM 809  N ND2  . ASN A 1 50  ? 7.056   9.341   1.940   1.00 1.00 ? 173 ASN A ND2  1 
ATOM 810  H H    . ASN A 1 50  ? 8.862   9.232   -2.439  1.00 1.00 ? 173 ASN A H    1 
ATOM 811  H HA   . ASN A 1 50  ? 6.925   8.564   -0.524  1.00 1.00 ? 173 ASN A HA   1 
ATOM 812  H HB2  . ASN A 1 50  ? 9.413   9.278   -0.283  1.00 1.00 ? 173 ASN A HB2  1 
ATOM 813  H HB3  . ASN A 1 50  ? 8.782   10.907  -0.094  1.00 1.00 ? 173 ASN A HB3  1 
ATOM 814  H HD21 . ASN A 1 50  ? 6.251   9.409   1.333   1.00 1.00 ? 173 ASN A HD21 1 
ATOM 815  H HD22 . ASN A 1 50  ? 6.903   9.135   2.926   1.00 1.00 ? 173 ASN A HD22 1 
ATOM 816  N N    . ASN A 1 51  ? 6.459   11.556  -1.868  1.00 1.00 ? 174 ASN A N    1 
ATOM 817  C CA   . ASN A 1 51  ? 5.577   12.721  -1.885  1.00 1.00 ? 174 ASN A CA   1 
ATOM 818  C C    . ASN A 1 51  ? 4.146   12.325  -2.217  1.00 1.00 ? 174 ASN A C    1 
ATOM 819  O O    . ASN A 1 51  ? 3.216   12.911  -1.673  1.00 1.00 ? 174 ASN A O    1 
ATOM 820  C CB   . ASN A 1 51  ? 6.077   13.860  -2.796  1.00 1.00 ? 174 ASN A CB   1 
ATOM 821  C CG   . ASN A 1 51  ? 5.920   13.684  -4.310  1.00 1.00 ? 174 ASN A CG   1 
ATOM 822  O OD1  . ASN A 1 51  ? 4.859   13.371  -4.844  1.00 1.00 ? 174 ASN A OD1  1 
ATOM 823  N ND2  . ASN A 1 51  ? 6.978   13.911  -5.061  1.00 1.00 ? 174 ASN A ND2  1 
ATOM 824  H H    . ASN A 1 51  ? 7.093   11.402  -2.651  1.00 1.00 ? 174 ASN A H    1 
ATOM 825  H HA   . ASN A 1 51  ? 5.564   13.123  -0.872  1.00 1.00 ? 174 ASN A HA   1 
ATOM 826  H HB2  . ASN A 1 51  ? 5.505   14.736  -2.526  1.00 1.00 ? 174 ASN A HB2  1 
ATOM 827  H HB3  . ASN A 1 51  ? 7.113   14.078  -2.548  1.00 1.00 ? 174 ASN A HB3  1 
ATOM 828  H HD21 . ASN A 1 51  ? 7.855   14.116  -4.581  1.00 1.00 ? 174 ASN A HD21 1 
ATOM 829  H HD22 . ASN A 1 51  ? 6.995   13.443  -5.949  1.00 1.00 ? 174 ASN A HD22 1 
ATOM 830  N N    . PHE A 1 52  ? 3.964   11.307  -3.059  1.00 1.00 ? 175 PHE A N    1 
ATOM 831  C CA   . PHE A 1 52  ? 2.651   10.882  -3.513  1.00 1.00 ? 175 PHE A CA   1 
ATOM 832  C C    . PHE A 1 52  ? 2.145   9.757   -2.615  1.00 1.00 ? 175 PHE A C    1 
ATOM 833  O O    . PHE A 1 52  ? 0.964   9.713   -2.267  1.00 1.00 ? 175 PHE A O    1 
ATOM 834  C CB   . PHE A 1 52  ? 2.731   10.523  -5.005  1.00 1.00 ? 175 PHE A CB   1 
ATOM 835  C CG   . PHE A 1 52  ? 2.754   9.052   -5.343  1.00 1.00 ? 175 PHE A CG   1 
ATOM 836  C CD1  . PHE A 1 52  ? 1.583   8.277   -5.260  1.00 1.00 ? 175 PHE A CD1  1 
ATOM 837  C CD2  . PHE A 1 52  ? 3.955   8.460   -5.755  1.00 1.00 ? 175 PHE A CD2  1 
ATOM 838  C CE1  . PHE A 1 52  ? 1.609   6.918   -5.596  1.00 1.00 ? 175 PHE A CE1  1 
ATOM 839  C CE2  . PHE A 1 52  ? 3.985   7.096   -6.067  1.00 1.00 ? 175 PHE A CE2  1 
ATOM 840  C CZ   . PHE A 1 52  ? 2.816   6.320   -5.992  1.00 1.00 ? 175 PHE A CZ   1 
ATOM 841  H H    . PHE A 1 52  ? 4.779   10.848  -3.446  1.00 1.00 ? 175 PHE A H    1 
ATOM 842  H HA   . PHE A 1 52  ? 1.969   11.721  -3.410  1.00 1.00 ? 175 PHE A HA   1 
ATOM 843  H HB2  . PHE A 1 52  ? 1.892   10.971  -5.523  1.00 1.00 ? 175 PHE A HB2  1 
ATOM 844  H HB3  . PHE A 1 52  ? 3.616   10.993  -5.433  1.00 1.00 ? 175 PHE A HB3  1 
ATOM 845  H HD1  . PHE A 1 52  ? 0.653   8.722   -4.947  1.00 1.00 ? 175 PHE A HD1  1 
ATOM 846  H HD2  . PHE A 1 52  ? 4.853   9.052   -5.834  1.00 1.00 ? 175 PHE A HD2  1 
ATOM 847  H HE1  . PHE A 1 52  ? 0.697   6.343   -5.555  1.00 1.00 ? 175 PHE A HE1  1 
ATOM 848  H HE2  . PHE A 1 52  ? 4.913   6.662   -6.389  1.00 1.00 ? 175 PHE A HE2  1 
ATOM 849  H HZ   . PHE A 1 52  ? 2.839   5.273   -6.255  1.00 1.00 ? 175 PHE A HZ   1 
ATOM 850  N N    . VAL A 1 53  ? 3.069   8.899   -2.177  1.00 1.00 ? 176 VAL A N    1 
ATOM 851  C CA   . VAL A 1 53  ? 2.885   7.851   -1.188  1.00 1.00 ? 176 VAL A CA   1 
ATOM 852  C C    . VAL A 1 53  ? 2.319   8.412   0.127   1.00 1.00 ? 176 VAL A C    1 
ATOM 853  O O    . VAL A 1 53  ? 1.669   7.662   0.848   1.00 1.00 ? 176 VAL A O    1 
ATOM 854  C CB   . VAL A 1 53  ? 4.243   7.125   -1.047  1.00 1.00 ? 176 VAL A CB   1 
ATOM 855  C CG1  . VAL A 1 53  ? 4.489   6.390   0.264   1.00 1.00 ? 176 VAL A CG1  1 
ATOM 856  C CG2  . VAL A 1 53  ? 4.438   6.142   -2.215  1.00 1.00 ? 176 VAL A CG2  1 
ATOM 857  H H    . VAL A 1 53  ? 4.007   8.985   -2.552  1.00 1.00 ? 176 VAL A H    1 
ATOM 858  H HA   . VAL A 1 53  ? 2.156   7.146   -1.583  1.00 1.00 ? 176 VAL A HA   1 
ATOM 859  H HB   . VAL A 1 53  ? 5.021   7.877   -1.091  1.00 1.00 ? 176 VAL A HB   1 
ATOM 860  H HG11 . VAL A 1 53  ? 4.433   7.086   1.102   1.00 1.00 ? 176 VAL A HG11 1 
ATOM 861  H HG12 . VAL A 1 53  ? 3.760   5.597   0.378   1.00 1.00 ? 176 VAL A HG12 1 
ATOM 862  H HG13 . VAL A 1 53  ? 5.494   5.971   0.251   1.00 1.00 ? 176 VAL A HG13 1 
ATOM 863  H HG21 . VAL A 1 53  ? 4.338   6.660   -3.169  1.00 1.00 ? 176 VAL A HG21 1 
ATOM 864  H HG22 . VAL A 1 53  ? 5.432   5.696   -2.167  1.00 1.00 ? 176 VAL A HG22 1 
ATOM 865  H HG23 . VAL A 1 53  ? 3.690   5.349   -2.173  1.00 1.00 ? 176 VAL A HG23 1 
ATOM 866  N N    . HIS A 1 54  ? 2.460   9.715   0.402   1.00 1.00 ? 177 HIS A N    1 
ATOM 867  C CA   . HIS A 1 54  ? 1.761   10.394  1.486   1.00 1.00 ? 177 HIS A CA   1 
ATOM 868  C C    . HIS A 1 54  ? 0.260   10.081  1.455   1.00 1.00 ? 177 HIS A C    1 
ATOM 869  O O    . HIS A 1 54  ? -0.300  9.604   2.439   1.00 1.00 ? 177 HIS A O    1 
ATOM 870  C CB   . HIS A 1 54  ? 2.008   11.905  1.374   1.00 1.00 ? 177 HIS A CB   1 
ATOM 871  C CG   . HIS A 1 54  ? 1.185   12.726  2.334   1.00 1.00 ? 177 HIS A CG   1 
ATOM 872  N ND1  . HIS A 1 54  ? 1.604   13.270  3.528   1.00 1.00 ? 177 HIS A ND1  1 
ATOM 873  C CD2  . HIS A 1 54  ? -0.143  13.020  2.183   1.00 1.00 ? 177 HIS A CD2  1 
ATOM 874  C CE1  . HIS A 1 54  ? 0.545   13.880  4.086   1.00 1.00 ? 177 HIS A CE1  1 
ATOM 875  N NE2  . HIS A 1 54  ? -0.539  13.775  3.294   1.00 1.00 ? 177 HIS A NE2  1 
ATOM 876  H H    . HIS A 1 54  ? 3.039   10.276  -0.206  1.00 1.00 ? 177 HIS A H    1 
ATOM 877  H HA   . HIS A 1 54  ? 2.163   10.042  2.438   1.00 1.00 ? 177 HIS A HA   1 
ATOM 878  H HB2  . HIS A 1 54  ? 3.063   12.112  1.541   1.00 1.00 ? 177 HIS A HB2  1 
ATOM 879  H HB3  . HIS A 1 54  ? 1.755   12.230  0.365   1.00 1.00 ? 177 HIS A HB3  1 
ATOM 880  H HD1  . HIS A 1 54  ? 2.525   13.208  3.945   1.00 1.00 ? 177 HIS A HD1  1 
ATOM 881  H HD2  . HIS A 1 54  ? -0.761  12.662  1.363   1.00 1.00 ? 177 HIS A HD2  1 
ATOM 882  H HE1  . HIS A 1 54  ? 0.564   14.380  5.045   1.00 1.00 ? 177 HIS A HE1  1 
ATOM 883  N N    . ASP A 1 55  ? -0.436  10.349  0.342   1.00 1.00 ? 178 ASP A N    1 
ATOM 884  C CA   . ASP A 1 55  ? -1.894  10.168  0.322   1.00 1.00 ? 178 ASP A CA   1 
ATOM 885  C C    . ASP A 1 55  ? -2.242  8.685   0.356   1.00 1.00 ? 178 ASP A C    1 
ATOM 886  O O    . ASP A 1 55  ? -3.378  8.323   0.655   1.00 1.00 ? 178 ASP A O    1 
ATOM 887  C CB   . ASP A 1 55  ? -2.569  10.786  -0.906  1.00 1.00 ? 178 ASP A CB   1 
ATOM 888  C CG   . ASP A 1 55  ? -2.773  12.288  -0.801  1.00 1.00 ? 178 ASP A CG   1 
ATOM 889  O OD1  . ASP A 1 55  ? -1.857  13.051  -1.160  1.00 1.00 ? 178 ASP A OD1  1 
ATOM 890  O OD2  . ASP A 1 55  ? -3.898  12.712  -0.463  1.00 1.00 ? 178 ASP A OD2  1 
ATOM 891  H H    . ASP A 1 55  ? 0.048   10.648  -0.498  1.00 1.00 ? 178 ASP A H    1 
ATOM 892  H HA   . ASP A 1 55  ? -2.321  10.640  1.208   1.00 1.00 ? 178 ASP A HA   1 
ATOM 893  H HB2  . ASP A 1 55  ? -2.037  10.513  -1.815  1.00 1.00 ? 178 ASP A HB2  1 
ATOM 894  H HB3  . ASP A 1 55  ? -3.571  10.372  -0.979  1.00 1.00 ? 178 ASP A HB3  1 
ATOM 895  N N    . CYS A 1 56  ? -1.287  7.817   0.039   1.00 1.00 ? 179 CYS A N    1 
ATOM 896  C CA   . CYS A 1 56  ? -1.462  6.381   0.067   1.00 1.00 ? 179 CYS A CA   1 
ATOM 897  C C    . CYS A 1 56  ? -1.381  5.881   1.503   1.00 1.00 ? 179 CYS A C    1 
ATOM 898  O O    . CYS A 1 56  ? -2.386  5.449   2.064   1.00 1.00 ? 179 CYS A O    1 
ATOM 899  C CB   . CYS A 1 56  ? -0.368  5.699   -0.747  1.00 1.00 ? 179 CYS A CB   1 
ATOM 900  S SG   . CYS A 1 56  ? -0.612  5.603   -2.531  1.00 1.00 ? 179 CYS A SG   1 
ATOM 901  H H    . CYS A 1 56  ? -0.362  8.214   -0.073  1.00 1.00 ? 179 CYS A H    1 
ATOM 902  H HA   . CYS A 1 56  ? -2.447  6.135   -0.334  1.00 1.00 ? 179 CYS A HA   1 
ATOM 903  H HB2  . CYS A 1 56  ? 0.583   6.169   -0.533  1.00 1.00 ? 179 CYS A HB2  1 
ATOM 904  H HB3  . CYS A 1 56  ? -0.306  4.695   -0.359  1.00 1.00 ? 179 CYS A HB3  1 
ATOM 905  N N    . VAL A 1 57  ? -0.191  5.933   2.098   1.00 1.00 ? 180 VAL A N    1 
ATOM 906  C CA   . VAL A 1 57  ? 0.123   5.503   3.445   1.00 1.00 ? 180 VAL A CA   1 
ATOM 907  C C    . VAL A 1 57  ? -0.766  6.259   4.455   1.00 1.00 ? 180 VAL A C    1 
ATOM 908  O O    . VAL A 1 57  ? -0.999  5.781   5.563   1.00 1.00 ? 180 VAL A O    1 
ATOM 909  C CB   . VAL A 1 57  ? 1.656   5.621   3.662   1.00 1.00 ? 180 VAL A CB   1 
ATOM 910  C CG1  . VAL A 1 57  ? 2.156   5.299   5.078   1.00 1.00 ? 180 VAL A CG1  1 
ATOM 911  C CG2  . VAL A 1 57  ? 2.387   4.650   2.714   1.00 1.00 ? 180 VAL A CG2  1 
ATOM 912  H H    . VAL A 1 57  ? 0.594   6.332   1.611   1.00 1.00 ? 180 VAL A H    1 
ATOM 913  H HA   . VAL A 1 57  ? -0.130  4.452   3.466   1.00 1.00 ? 180 VAL A HA   1 
ATOM 914  H HB   . VAL A 1 57  ? 1.965   6.634   3.411   1.00 1.00 ? 180 VAL A HB   1 
ATOM 915  H HG11 . VAL A 1 57  ? 1.668   5.939   5.810   1.00 1.00 ? 180 VAL A HG11 1 
ATOM 916  H HG12 . VAL A 1 57  ? 1.969   4.258   5.328   1.00 1.00 ? 180 VAL A HG12 1 
ATOM 917  H HG13 . VAL A 1 57  ? 3.231   5.476   5.138   1.00 1.00 ? 180 VAL A HG13 1 
ATOM 918  H HG21 . VAL A 1 57  ? 2.116   4.841   1.678   1.00 1.00 ? 180 VAL A HG21 1 
ATOM 919  H HG22 . VAL A 1 57  ? 3.465   4.784   2.816   1.00 1.00 ? 180 VAL A HG22 1 
ATOM 920  H HG23 . VAL A 1 57  ? 2.137   3.617   2.959   1.00 1.00 ? 180 VAL A HG23 1 
ATOM 921  N N    . ASN A 1 58  ? -1.392  7.367   4.044   1.00 1.00 ? 181 ASN A N    1 
ATOM 922  C CA   . ASN A 1 58  ? -2.557  7.912   4.726   1.00 1.00 ? 181 ASN A CA   1 
ATOM 923  C C    . ASN A 1 58  ? -3.827  7.121   4.371   1.00 1.00 ? 181 ASN A C    1 
ATOM 924  O O    . ASN A 1 58  ? -4.287  6.260   5.119   1.00 1.00 ? 181 ASN A O    1 
ATOM 925  C CB   . ASN A 1 58  ? -2.785  9.390   4.356   1.00 1.00 ? 181 ASN A CB   1 
ATOM 926  C CG   . ASN A 1 58  ? -1.901  10.414  5.044   1.00 1.00 ? 181 ASN A CG   1 
ATOM 927  O OD1  . ASN A 1 58  ? -0.933  10.104  5.742   1.00 1.00 ? 181 ASN A OD1  1 
ATOM 928  N ND2  . ASN A 1 58  ? -2.276  11.666  4.860   1.00 1.00 ? 181 ASN A ND2  1 
ATOM 929  H H    . ASN A 1 58  ? -1.123  7.721   3.128   1.00 1.00 ? 181 ASN A H    1 
ATOM 930  H HA   . ASN A 1 58  ? -2.412  7.838   5.805   1.00 1.00 ? 181 ASN A HA   1 
ATOM 931  H HB2  . ASN A 1 58  ? -2.695  9.518   3.280   1.00 1.00 ? 181 ASN A HB2  1 
ATOM 932  H HB3  . ASN A 1 58  ? -3.809  9.634   4.630   1.00 1.00 ? 181 ASN A HB3  1 
ATOM 933  H HD21 . ASN A 1 58  ? -3.076  11.863  4.277   1.00 1.00 ? 181 ASN A HD21 1 
ATOM 934  H HD22 . ASN A 1 58  ? -1.736  12.444  5.229   1.00 1.00 ? 181 ASN A HD22 1 
ATOM 935  N N    . ILE A 1 59  ? -4.439  7.456   3.231   1.00 1.00 ? 182 ILE A N    1 
ATOM 936  C CA   . ILE A 1 59  ? -5.836  7.172   2.950   1.00 1.00 ? 182 ILE A CA   1 
ATOM 937  C C    . ILE A 1 59  ? -6.096  5.716   2.575   1.00 1.00 ? 182 ILE A C    1 
ATOM 938  O O    . ILE A 1 59  ? -7.148  5.188   2.923   1.00 1.00 ? 182 ILE A O    1 
ATOM 939  C CB   . ILE A 1 59  ? -6.335  8.219   1.915   1.00 1.00 ? 182 ILE A CB   1 
ATOM 940  C CG1  . ILE A 1 59  ? -7.685  8.868   2.283   1.00 1.00 ? 182 ILE A CG1  1 
ATOM 941  C CG2  . ILE A 1 59  ? -6.473  7.653   0.502   1.00 1.00 ? 182 ILE A CG2  1 
ATOM 942  C CD1  . ILE A 1 59  ? -7.666  9.677   3.586   1.00 1.00 ? 182 ILE A CD1  1 
ATOM 943  H H    . ILE A 1 59  ? -3.956  8.050   2.567   1.00 1.00 ? 182 ILE A H    1 
ATOM 944  H HA   . ILE A 1 59  ? -6.368  7.336   3.886   1.00 1.00 ? 182 ILE A HA   1 
ATOM 945  H HB   . ILE A 1 59  ? -5.596  9.021   1.846   1.00 1.00 ? 182 ILE A HB   1 
ATOM 946  H HG12 . ILE A 1 59  ? -7.962  9.557   1.481   1.00 1.00 ? 182 ILE A HG12 1 
ATOM 947  H HG13 . ILE A 1 59  ? -8.452  8.098   2.347   1.00 1.00 ? 182 ILE A HG13 1 
ATOM 948  H HG21 . ILE A 1 59  ? -5.551  7.173   0.180   1.00 1.00 ? 182 ILE A HG21 1 
ATOM 949  H HG22 . ILE A 1 59  ? -7.273  6.915   0.487   1.00 1.00 ? 182 ILE A HG22 1 
ATOM 950  H HG23 . ILE A 1 59  ? -6.709  8.462   -0.190  1.00 1.00 ? 182 ILE A HG23 1 
ATOM 951  H HD11 . ILE A 1 59  ? -6.894  10.446  3.535   1.00 1.00 ? 182 ILE A HD11 1 
ATOM 952  H HD12 . ILE A 1 59  ? -8.636  10.157  3.718   1.00 1.00 ? 182 ILE A HD12 1 
ATOM 953  H HD13 . ILE A 1 59  ? -7.487  9.035   4.447   1.00 1.00 ? 182 ILE A HD13 1 
ATOM 954  N N    . THR A 1 60  ? -5.155  5.046   1.913   1.00 1.00 ? 183 THR A N    1 
ATOM 955  C CA   . THR A 1 60  ? -5.242  3.618   1.647   1.00 1.00 ? 183 THR A CA   1 
ATOM 956  C C    . THR A 1 60  ? -5.208  2.861   2.969   1.00 1.00 ? 183 THR A C    1 
ATOM 957  O O    . THR A 1 60  ? -5.989  1.931   3.151   1.00 1.00 ? 183 THR A O    1 
ATOM 958  C CB   . THR A 1 60  ? -4.094  3.176   0.731   1.00 1.00 ? 183 THR A CB   1 
ATOM 959  O OG1  . THR A 1 60  ? -4.245  3.793   -0.536  1.00 1.00 ? 183 THR A OG1  1 
ATOM 960  C CG2  . THR A 1 60  ? -4.053  1.666   0.509   1.00 1.00 ? 183 THR A CG2  1 
ATOM 961  H H    . THR A 1 60  ? -4.268  5.511   1.763   1.00 1.00 ? 183 THR A H    1 
ATOM 962  H HA   . THR A 1 60  ? -6.195  3.406   1.157   1.00 1.00 ? 183 THR A HA   1 
ATOM 963  H HB   . THR A 1 60  ? -3.136  3.457   1.172   1.00 1.00 ? 183 THR A HB   1 
ATOM 964  H HG1  . THR A 1 60  ? -4.139  4.743   -0.421  1.00 1.00 ? 183 THR A HG1  1 
ATOM 965  H HG21 . THR A 1 60  ? -3.941  1.136   1.455   1.00 1.00 ? 183 THR A HG21 1 
ATOM 966  H HG22 . THR A 1 60  ? -4.960  1.326   0.008   1.00 1.00 ? 183 THR A HG22 1 
ATOM 967  H HG23 . THR A 1 60  ? -3.176  1.444   -0.089  1.00 1.00 ? 183 THR A HG23 1 
ATOM 968  N N    . ILE A 1 61  ? -4.316  3.242   3.886   1.00 1.00 ? 184 ILE A N    1 
ATOM 969  C CA   . ILE A 1 61  ? -4.151  2.527   5.144   1.00 1.00 ? 184 ILE A CA   1 
ATOM 970  C C    . ILE A 1 61  ? -5.424  2.686   5.958   1.00 1.00 ? 184 ILE A C    1 
ATOM 971  O O    . ILE A 1 61  ? -5.975  1.685   6.413   1.00 1.00 ? 184 ILE A O    1 
ATOM 972  C CB   . ILE A 1 61  ? -2.884  3.011   5.869   1.00 1.00 ? 184 ILE A CB   1 
ATOM 973  C CG1  . ILE A 1 61  ? -1.701  2.756   4.912   1.00 1.00 ? 184 ILE A CG1  1 
ATOM 974  C CG2  . ILE A 1 61  ? -2.706  2.326   7.228   1.00 1.00 ? 184 ILE A CG2  1 
ATOM 975  C CD1  . ILE A 1 61  ? -0.316  2.672   5.550   1.00 1.00 ? 184 ILE A CD1  1 
ATOM 976  H H    . ILE A 1 61  ? -3.737  4.060   3.726   1.00 1.00 ? 184 ILE A H    1 
ATOM 977  H HA   . ILE A 1 61  ? -4.036  1.464   4.923   1.00 1.00 ? 184 ILE A HA   1 
ATOM 978  H HB   . ILE A 1 61  ? -2.968  4.082   6.052   1.00 1.00 ? 184 ILE A HB   1 
ATOM 979  H HG12 . ILE A 1 61  ? -1.845  1.836   4.355   1.00 1.00 ? 184 ILE A HG12 1 
ATOM 980  H HG13 . ILE A 1 61  ? -1.715  3.555   4.174   1.00 1.00 ? 184 ILE A HG13 1 
ATOM 981  H HG21 . ILE A 1 61  ? -3.593  2.450   7.849   1.00 1.00 ? 184 ILE A HG21 1 
ATOM 982  H HG22 . ILE A 1 61  ? -2.508  1.268   7.085   1.00 1.00 ? 184 ILE A HG22 1 
ATOM 983  H HG23 . ILE A 1 61  ? -1.869  2.780   7.760   1.00 1.00 ? 184 ILE A HG23 1 
ATOM 984  H HD11 . ILE A 1 61  ? -0.145  3.512   6.220   1.00 1.00 ? 184 ILE A HD11 1 
ATOM 985  H HD12 . ILE A 1 61  ? -0.210  1.742   6.109   1.00 1.00 ? 184 ILE A HD12 1 
ATOM 986  H HD13 . ILE A 1 61  ? 0.416   2.687   4.748   1.00 1.00 ? 184 ILE A HD13 1 
ATOM 987  N N    . LYS A 1 62  ? -5.946  3.914   6.052   1.00 1.00 ? 185 LYS A N    1 
ATOM 988  C CA   . LYS A 1 62  ? -7.268  4.168   6.602   1.00 1.00 ? 185 LYS A CA   1 
ATOM 989  C C    . LYS A 1 62  ? -8.304  3.265   5.940   1.00 1.00 ? 185 LYS A C    1 
ATOM 990  O O    . LYS A 1 62  ? -9.016  2.537   6.626   1.00 1.00 ? 185 LYS A O    1 
ATOM 991  C CB   . LYS A 1 62  ? -7.612  5.651   6.435   1.00 1.00 ? 185 LYS A CB   1 
ATOM 992  C CG   . LYS A 1 62  ? -9.044  5.945   6.921   1.00 1.00 ? 185 LYS A CG   1 
ATOM 993  C CD   . LYS A 1 62  ? -9.271  7.094   7.914   1.00 1.00 ? 185 LYS A CD   1 
ATOM 994  C CE   . LYS A 1 62  ? -8.100  8.022   8.278   1.00 1.00 ? 185 LYS A CE   1 
ATOM 995  N NZ   . LYS A 1 62  ? -7.165  7.438   9.272   1.00 1.00 ? 185 LYS A NZ   1 
ATOM 996  H H    . LYS A 1 62  ? -5.403  4.697   5.696   1.00 1.00 ? 185 LYS A H    1 
ATOM 997  H HA   . LYS A 1 62  ? -7.247  3.930   7.667   1.00 1.00 ? 185 LYS A HA   1 
ATOM 998  H HB2  . LYS A 1 62  ? -6.866  6.230   6.967   1.00 1.00 ? 185 LYS A HB2  1 
ATOM 999  H HB3  . LYS A 1 62  ? -7.545  5.929   5.385   1.00 1.00 ? 185 LYS A HB3  1 
ATOM 1000 H HG2  . LYS A 1 62  ? -9.653  6.131   6.034   1.00 1.00 ? 185 LYS A HG2  1 
ATOM 1001 H HG3  . LYS A 1 62  ? -9.474  5.053   7.372   1.00 1.00 ? 185 LYS A HG3  1 
ATOM 1002 H HD2  . LYS A 1 62  ? -10.049 7.711   7.474   1.00 1.00 ? 185 LYS A HD2  1 
ATOM 1003 H HD3  . LYS A 1 62  ? -9.695  6.679   8.829   1.00 1.00 ? 185 LYS A HD3  1 
ATOM 1004 H HE2  . LYS A 1 62  ? -7.554  8.303   7.377   1.00 1.00 ? 185 LYS A HE2  1 
ATOM 1005 H HE3  . LYS A 1 62  ? -8.520  8.933   8.707   1.00 1.00 ? 185 LYS A HE3  1 
ATOM 1006 H HZ1  . LYS A 1 62  ? -7.637  7.232   10.147  1.00 1.00 ? 185 LYS A HZ1  1 
ATOM 1007 H HZ2  . LYS A 1 62  ? -6.717  6.595   8.940   1.00 1.00 ? 185 LYS A HZ2  1 
ATOM 1008 H HZ3  . LYS A 1 62  ? -6.425  8.102   9.494   1.00 1.00 ? 185 LYS A HZ3  1 
ATOM 1009 N N    . GLN A 1 63  ? -8.417  3.299   4.618   1.00 1.00 ? 186 GLN A N    1 
ATOM 1010 C CA   . GLN A 1 63  ? -9.464  2.565   3.930   1.00 1.00 ? 186 GLN A CA   1 
ATOM 1011 C C    . GLN A 1 63  ? -9.254  1.053   3.939   1.00 1.00 ? 186 GLN A C    1 
ATOM 1012 O O    . GLN A 1 63  ? -10.171 0.334   3.551   1.00 1.00 ? 186 GLN A O    1 
ATOM 1013 C CB   . GLN A 1 63  ? -9.603  3.076   2.488   1.00 1.00 ? 186 GLN A CB   1 
ATOM 1014 C CG   . GLN A 1 63  ? -10.333 4.422   2.442   1.00 1.00 ? 186 GLN A CG   1 
ATOM 1015 C CD   . GLN A 1 63  ? -11.791 4.296   2.879   1.00 1.00 ? 186 GLN A CD   1 
ATOM 1016 O OE1  . GLN A 1 63  ? -12.472 3.315   2.582   1.00 1.00 ? 186 GLN A OE1  1 
ATOM 1017 N NE2  . GLN A 1 63  ? -12.310 5.261   3.615   1.00 1.00 ? 186 GLN A NE2  1 
ATOM 1018 H H    . GLN A 1 63  ? -7.814  3.903   4.070   1.00 1.00 ? 186 GLN A H    1 
ATOM 1019 H HA   . GLN A 1 63  ? -10.384 2.745   4.497   1.00 1.00 ? 186 GLN A HA   1 
ATOM 1020 H HB2  . GLN A 1 63  ? -8.615  3.174   2.036   1.00 1.00 ? 186 GLN A HB2  1 
ATOM 1021 H HB3  . GLN A 1 63  ? -10.164 2.357   1.889   1.00 1.00 ? 186 GLN A HB3  1 
ATOM 1022 H HG2  . GLN A 1 63  ? -9.808  5.148   3.065   1.00 1.00 ? 186 GLN A HG2  1 
ATOM 1023 H HG3  . GLN A 1 63  ? -10.317 4.779   1.422   1.00 1.00 ? 186 GLN A HG3  1 
ATOM 1024 H HE21 . GLN A 1 63  ? -11.754 6.067   3.894   1.00 1.00 ? 186 GLN A HE21 1 
ATOM 1025 H HE22 . GLN A 1 63  ? -13.255 5.139   3.941   1.00 1.00 ? 186 GLN A HE22 1 
ATOM 1026 N N    . HIS A 1 64  ? -8.106  0.545   4.386   1.00 1.00 ? 187 HIS A N    1 
ATOM 1027 C CA   . HIS A 1 64  ? -7.902  -0.872  4.625   1.00 1.00 ? 187 HIS A CA   1 
ATOM 1028 C C    . HIS A 1 64  ? -7.875  -1.194  6.117   1.00 1.00 ? 187 HIS A C    1 
ATOM 1029 O O    . HIS A 1 64  ? -7.771  -2.366  6.473   1.00 1.00 ? 187 HIS A O    1 
ATOM 1030 C CB   . HIS A 1 64  ? -6.668  -1.381  3.862   1.00 1.00 ? 187 HIS A CB   1 
ATOM 1031 C CG   . HIS A 1 64  ? -6.514  -2.883  3.924   1.00 1.00 ? 187 HIS A CG   1 
ATOM 1032 N ND1  . HIS A 1 64  ? -7.366  -3.821  3.380   1.00 1.00 ? 187 HIS A ND1  1 
ATOM 1033 C CD2  . HIS A 1 64  ? -5.588  -3.562  4.668   1.00 1.00 ? 187 HIS A CD2  1 
ATOM 1034 C CE1  . HIS A 1 64  ? -6.958  -5.031  3.787   1.00 1.00 ? 187 HIS A CE1  1 
ATOM 1035 N NE2  . HIS A 1 64  ? -5.869  -4.926  4.563   1.00 1.00 ? 187 HIS A NE2  1 
ATOM 1036 H H    . HIS A 1 64  ? -7.333  1.169   4.590   1.00 1.00 ? 187 HIS A H    1 
ATOM 1037 H HA   . HIS A 1 64  ? -8.777  -1.398  4.245   1.00 1.00 ? 187 HIS A HA   1 
ATOM 1038 H HB2  . HIS A 1 64  ? -6.751  -1.090  2.814   1.00 1.00 ? 187 HIS A HB2  1 
ATOM 1039 H HB3  . HIS A 1 64  ? -5.776  -0.909  4.275   1.00 1.00 ? 187 HIS A HB3  1 
ATOM 1040 H HD1  . HIS A 1 64  ? -8.225  -3.658  2.854   1.00 1.00 ? 187 HIS A HD1  1 
ATOM 1041 H HD2  . HIS A 1 64  ? -4.803  -3.122  5.263   1.00 1.00 ? 187 HIS A HD2  1 
ATOM 1042 H HE1  . HIS A 1 64  ? -7.460  -5.959  3.556   1.00 1.00 ? 187 HIS A HE1  1 
ATOM 1043 N N    . THR A 1 65  ? -8.052  -0.216  6.999   1.00 1.00 ? 188 THR A N    1 
ATOM 1044 C CA   . THR A 1 65  ? -8.406  -0.468  8.377   1.00 1.00 ? 188 THR A CA   1 
ATOM 1045 C C    . THR A 1 65  ? -9.895  -0.268  8.557   1.00 1.00 ? 188 THR A C    1 
ATOM 1046 O O    . THR A 1 65  ? -10.580 -1.270  8.707   1.00 1.00 ? 188 THR A O    1 
ATOM 1047 C CB   . THR A 1 65  ? -7.590  0.376   9.344   1.00 1.00 ? 188 THR A CB   1 
ATOM 1048 O OG1  . THR A 1 65  ? -7.221  1.635   8.820   1.00 1.00 ? 188 THR A OG1  1 
ATOM 1049 C CG2  . THR A 1 65  ? -6.346  -0.418  9.737   1.00 1.00 ? 188 THR A CG2  1 
ATOM 1050 H H    . THR A 1 65  ? -8.101  0.753   6.707   1.00 1.00 ? 188 THR A H    1 
ATOM 1051 H HA   . THR A 1 65  ? -8.220  -1.513  8.622   1.00 1.00 ? 188 THR A HA   1 
ATOM 1052 H HB   . THR A 1 65  ? -8.225  0.537   10.208  1.00 1.00 ? 188 THR A HB   1 
ATOM 1053 H HG1  . THR A 1 65  ? -6.648  1.508   8.046   1.00 1.00 ? 188 THR A HG1  1 
ATOM 1054 H HG21 . THR A 1 65  ? -6.643  -1.357  10.209  1.00 1.00 ? 188 THR A HG21 1 
ATOM 1055 H HG22 . THR A 1 65  ? -5.756  -0.646  8.848   1.00 1.00 ? 188 THR A HG22 1 
ATOM 1056 H HG23 . THR A 1 65  ? -5.759  0.157   10.447  1.00 1.00 ? 188 THR A HG23 1 
ATOM 1057 N N    . VAL A 1 66  ? -10.408 0.961   8.475   1.00 1.00 ? 189 VAL A N    1 
ATOM 1058 C CA   . VAL A 1 66  ? -11.775 1.333   8.861   1.00 1.00 ? 189 VAL A CA   1 
ATOM 1059 C C    . VAL A 1 66  ? -12.748 0.365   8.193   1.00 1.00 ? 189 VAL A C    1 
ATOM 1060 O O    . VAL A 1 66  ? -13.599 -0.269  8.814   1.00 1.00 ? 189 VAL A O    1 
ATOM 1061 C CB   . VAL A 1 66  ? -12.038 2.806   8.444   1.00 1.00 ? 189 VAL A CB   1 
ATOM 1062 C CG1  . VAL A 1 66  ? -13.509 3.229   8.557   1.00 1.00 ? 189 VAL A CG1  1 
ATOM 1063 C CG2  . VAL A 1 66  ? -11.206 3.790   9.277   1.00 1.00 ? 189 VAL A CG2  1 
ATOM 1064 H H    . VAL A 1 66  ? -9.808  1.681   8.075   1.00 1.00 ? 189 VAL A H    1 
ATOM 1065 H HA   . VAL A 1 66  ? -11.880 1.239   9.943   1.00 1.00 ? 189 VAL A HA   1 
ATOM 1066 H HB   . VAL A 1 66  ? -11.741 2.935   7.401   1.00 1.00 ? 189 VAL A HB   1 
ATOM 1067 H HG11 . VAL A 1 66  ? -14.135 2.608   7.917   1.00 1.00 ? 189 VAL A HG11 1 
ATOM 1068 H HG12 . VAL A 1 66  ? -13.843 3.140   9.588   1.00 1.00 ? 189 VAL A HG12 1 
ATOM 1069 H HG13 . VAL A 1 66  ? -13.618 4.261   8.233   1.00 1.00 ? 189 VAL A HG13 1 
ATOM 1070 H HG21 . VAL A 1 66  ? -10.144 3.580   9.155   1.00 1.00 ? 189 VAL A HG21 1 
ATOM 1071 H HG22 . VAL A 1 66  ? -11.398 4.812   8.951   1.00 1.00 ? 189 VAL A HG22 1 
ATOM 1072 H HG23 . VAL A 1 66  ? -11.467 3.702   10.333  1.00 1.00 ? 189 VAL A HG23 1 
ATOM 1073 N N    . THR A 1 67  ? -12.549 0.221   6.895   1.00 1.00 ? 190 THR A N    1 
ATOM 1074 C CA   . THR A 1 67  ? -13.466 -0.402  5.956   1.00 1.00 ? 190 THR A CA   1 
ATOM 1075 C C    . THR A 1 67  ? -13.341 -1.937  5.965   1.00 1.00 ? 190 THR A C    1 
ATOM 1076 O O    . THR A 1 67  ? -14.188 -2.647  5.426   1.00 1.00 ? 190 THR A O    1 
ATOM 1077 C CB   . THR A 1 67  ? -13.137 0.197   4.582   1.00 1.00 ? 190 THR A CB   1 
ATOM 1078 O OG1  . THR A 1 67  ? -12.746 1.563   4.704   1.00 1.00 ? 190 THR A OG1  1 
ATOM 1079 C CG2  . THR A 1 67  ? -14.331 0.158   3.637   1.00 1.00 ? 190 THR A CG2  1 
ATOM 1080 H H    . THR A 1 67  ? -11.774 0.748   6.515   1.00 1.00 ? 190 THR A H    1 
ATOM 1081 H HA   . THR A 1 67  ? -14.484 -0.128  6.236   1.00 1.00 ? 190 THR A HA   1 
ATOM 1082 H HB   . THR A 1 67  ? -12.311 -0.389  4.181   1.00 1.00 ? 190 THR A HB   1 
ATOM 1083 H HG1  . THR A 1 67  ? -12.673 1.957   3.818   1.00 1.00 ? 190 THR A HG1  1 
ATOM 1084 H HG21 . THR A 1 67  ? -15.161 0.713   4.074   1.00 1.00 ? 190 THR A HG21 1 
ATOM 1085 H HG22 . THR A 1 67  ? -14.059 0.608   2.682   1.00 1.00 ? 190 THR A HG22 1 
ATOM 1086 H HG23 . THR A 1 67  ? -14.636 -0.874  3.472   1.00 1.00 ? 190 THR A HG23 1 
ATOM 1087 N N    . THR A 1 68  ? -12.296 -2.455  6.603   1.00 1.00 ? 191 THR A N    1 
ATOM 1088 C CA   . THR A 1 68  ? -12.056 -3.874  6.835   1.00 1.00 ? 191 THR A CA   1 
ATOM 1089 C C    . THR A 1 68  ? -12.513 -4.228  8.257   1.00 1.00 ? 191 THR A C    1 
ATOM 1090 O O    . THR A 1 68  ? -13.191 -5.229  8.471   1.00 1.00 ? 191 THR A O    1 
ATOM 1091 C CB   . THR A 1 68  ? -10.555 -4.150  6.620   1.00 1.00 ? 191 THR A CB   1 
ATOM 1092 O OG1  . THR A 1 68  ? -10.049 -3.407  5.523   1.00 1.00 ? 191 THR A OG1  1 
ATOM 1093 C CG2  . THR A 1 68  ? -10.254 -5.604  6.303   1.00 1.00 ? 191 THR A CG2  1 
ATOM 1094 H H    . THR A 1 68  ? -11.609 -1.802  6.952   1.00 1.00 ? 191 THR A H    1 
ATOM 1095 H HA   . THR A 1 68  ? -12.645 -4.466  6.129   1.00 1.00 ? 191 THR A HA   1 
ATOM 1096 H HB   . THR A 1 68  ? -10.009 -3.885  7.528   1.00 1.00 ? 191 THR A HB   1 
ATOM 1097 H HG1  . THR A 1 68  ? -9.127  -3.202  5.759   1.00 1.00 ? 191 THR A HG1  1 
ATOM 1098 H HG21 . THR A 1 68  ? -10.707 -6.226  7.066   1.00 1.00 ? 191 THR A HG21 1 
ATOM 1099 H HG22 . THR A 1 68  ? -10.651 -5.864  5.327   1.00 1.00 ? 191 THR A HG22 1 
ATOM 1100 H HG23 . THR A 1 68  ? -9.175  -5.760  6.315   1.00 1.00 ? 191 THR A HG23 1 
ATOM 1101 N N    . THR A 1 69  ? -12.225 -3.390  9.248   1.00 1.00 ? 192 THR A N    1 
ATOM 1102 C CA   . THR A 1 69  ? -12.693 -3.564  10.608  1.00 1.00 ? 192 THR A CA   1 
ATOM 1103 C C    . THR A 1 69  ? -14.217 -3.480  10.674  1.00 1.00 ? 192 THR A C    1 
ATOM 1104 O O    . THR A 1 69  ? -14.830 -4.135  11.515  1.00 1.00 ? 192 THR A O    1 
ATOM 1105 C CB   . THR A 1 69  ? -11.977 -2.546  11.503  1.00 1.00 ? 192 THR A CB   1 
ATOM 1106 O OG1  . THR A 1 69  ? -10.575 -2.661  11.331  1.00 1.00 ? 192 THR A OG1  1 
ATOM 1107 C CG2  . THR A 1 69  ? -12.248 -2.701  12.995  1.00 1.00 ? 192 THR A CG2  1 
ATOM 1108 H H    . THR A 1 69  ? -11.666 -2.562  9.084   1.00 1.00 ? 192 THR A H    1 
ATOM 1109 H HA   . THR A 1 69  ? -12.427 -4.566  10.907  1.00 1.00 ? 192 THR A HA   1 
ATOM 1110 H HB   . THR A 1 69  ? -12.276 -1.545  11.192  1.00 1.00 ? 192 THR A HB   1 
ATOM 1111 H HG1  . THR A 1 69  ? -10.336 -3.564  11.592  1.00 1.00 ? 192 THR A HG1  1 
ATOM 1112 H HG21 . THR A 1 69  ? -13.316 -2.684  13.190  1.00 1.00 ? 192 THR A HG21 1 
ATOM 1113 H HG22 . THR A 1 69  ? -11.828 -3.629  13.380  1.00 1.00 ? 192 THR A HG22 1 
ATOM 1114 H HG23 . THR A 1 69  ? -11.797 -1.866  13.521  1.00 1.00 ? 192 THR A HG23 1 
ATOM 1115 N N    . THR A 1 70  ? -14.854 -2.795  9.726   1.00 1.00 ? 193 THR A N    1 
ATOM 1116 C CA   . THR A 1 70  ? -16.295 -2.743  9.583   1.00 1.00 ? 193 THR A CA   1 
ATOM 1117 C C    . THR A 1 70  ? -16.911 -4.166  9.550   1.00 1.00 ? 193 THR A C    1 
ATOM 1118 O O    . THR A 1 70  ? -17.939 -4.384  10.191  1.00 1.00 ? 193 THR A O    1 
ATOM 1119 C CB   . THR A 1 70  ? -16.592 -1.839  8.364   1.00 1.00 ? 193 THR A CB   1 
ATOM 1120 O OG1  . THR A 1 70  ? -17.667 -0.957  8.592   1.00 1.00 ? 193 THR A OG1  1 
ATOM 1121 C CG2  . THR A 1 70  ? -16.857 -2.613  7.083   1.00 1.00 ? 193 THR A CG2  1 
ATOM 1122 H H    . THR A 1 70  ? -14.301 -2.171  9.147   1.00 1.00 ? 193 THR A H    1 
ATOM 1123 H HA   . THR A 1 70  ? -16.675 -2.244  10.475  1.00 1.00 ? 193 THR A HA   1 
ATOM 1124 H HB   . THR A 1 70  ? -15.727 -1.208  8.175   1.00 1.00 ? 193 THR A HB   1 
ATOM 1125 H HG1  . THR A 1 70  ? -17.288 -0.055  8.615   1.00 1.00 ? 193 THR A HG1  1 
ATOM 1126 H HG21 . THR A 1 70  ? -16.055 -3.330  6.931   1.00 1.00 ? 193 THR A HG21 1 
ATOM 1127 H HG22 . THR A 1 70  ? -17.802 -3.144  7.169   1.00 1.00 ? 193 THR A HG22 1 
ATOM 1128 H HG23 . THR A 1 70  ? -16.889 -1.936  6.231   1.00 1.00 ? 193 THR A HG23 1 
ATOM 1129 N N    . LYS A 1 71  ? -16.287 -5.155  8.876   1.00 1.00 ? 194 LYS A N    1 
ATOM 1130 C CA   . LYS A 1 71  ? -16.783 -6.543  8.832   1.00 1.00 ? 194 LYS A CA   1 
ATOM 1131 C C    . LYS A 1 71  ? -16.371 -7.365  10.059  1.00 1.00 ? 194 LYS A C    1 
ATOM 1132 O O    . LYS A 1 71  ? -16.894 -8.464  10.259  1.00 1.00 ? 194 LYS A O    1 
ATOM 1133 C CB   . LYS A 1 71  ? -16.372 -7.259  7.525   1.00 1.00 ? 194 LYS A CB   1 
ATOM 1134 C CG   . LYS A 1 71  ? -14.868 -7.292  7.237   1.00 1.00 ? 194 LYS A CG   1 
ATOM 1135 C CD   . LYS A 1 71  ? -14.443 -8.270  6.135   1.00 1.00 ? 194 LYS A CD   1 
ATOM 1136 C CE   . LYS A 1 71  ? -12.913 -8.327  6.126   1.00 1.00 ? 194 LYS A CE   1 
ATOM 1137 N NZ   . LYS A 1 71  ? -12.371 -9.357  5.220   1.00 1.00 ? 194 LYS A NZ   1 
ATOM 1138 H H    . LYS A 1 71  ? -15.400 -4.957  8.428   1.00 1.00 ? 194 LYS A H    1 
ATOM 1139 H HA   . LYS A 1 71  ? -17.874 -6.508  8.851   1.00 1.00 ? 194 LYS A HA   1 
ATOM 1140 H HB2  . LYS A 1 71  ? -16.738 -8.282  7.569   1.00 1.00 ? 194 LYS A HB2  1 
ATOM 1141 H HB3  . LYS A 1 71  ? -16.855 -6.761  6.691   1.00 1.00 ? 194 LYS A HB3  1 
ATOM 1142 H HG2  . LYS A 1 71  ? -14.580 -6.300  6.901   1.00 1.00 ? 194 LYS A HG2  1 
ATOM 1143 H HG3  . LYS A 1 71  ? -14.340 -7.554  8.155   1.00 1.00 ? 194 LYS A HG3  1 
ATOM 1144 H HD2  . LYS A 1 71  ? -14.837 -9.259  6.346   1.00 1.00 ? 194 LYS A HD2  1 
ATOM 1145 H HD3  . LYS A 1 71  ? -14.816 -7.923  5.170   1.00 1.00 ? 194 LYS A HD3  1 
ATOM 1146 H HE2  . LYS A 1 71  ? -12.520 -7.352  5.836   1.00 1.00 ? 194 LYS A HE2  1 
ATOM 1147 H HE3  . LYS A 1 71  ? -12.568 -8.547  7.137   1.00 1.00 ? 194 LYS A HE3  1 
ATOM 1148 H HZ1  . LYS A 1 71  ? -12.759 -10.275 5.412   1.00 1.00 ? 194 LYS A HZ1  1 
ATOM 1149 H HZ2  . LYS A 1 71  ? -12.549 -9.108  4.247   1.00 1.00 ? 194 LYS A HZ2  1 
ATOM 1150 H HZ3  . LYS A 1 71  ? -11.368 -9.403  5.351   1.00 1.00 ? 194 LYS A HZ3  1 
ATOM 1151 N N    . GLY A 1 72  ? -15.462 -6.857  10.886  1.00 1.00 ? 195 GLY A N    1 
ATOM 1152 C CA   . GLY A 1 72  ? -14.986 -7.498  12.108  1.00 1.00 ? 195 GLY A CA   1 
ATOM 1153 C C    . GLY A 1 72  ? -13.529 -7.944  12.036  1.00 1.00 ? 195 GLY A C    1 
ATOM 1154 O O    . GLY A 1 72  ? -13.040 -8.563  12.988  1.00 1.00 ? 195 GLY A O    1 
ATOM 1155 H H    . GLY A 1 72  ? -15.136 -5.917  10.705  1.00 1.00 ? 195 GLY A H    1 
ATOM 1156 H HA2  . GLY A 1 72  ? -15.071 -6.781  12.922  1.00 1.00 ? 195 GLY A HA2  1 
ATOM 1157 H HA3  . GLY A 1 72  ? -15.599 -8.363  12.351  1.00 1.00 ? 195 GLY A HA3  1 
ATOM 1158 N N    . GLU A 1 73  ? -12.820 -7.638  10.946  1.00 1.00 ? 196 GLU A N    1 
ATOM 1159 C CA   . GLU A 1 73  ? -11.361 -7.735  10.909  1.00 1.00 ? 196 GLU A CA   1 
ATOM 1160 C C    . GLU A 1 73  ? -10.795 -6.805  11.995  1.00 1.00 ? 196 GLU A C    1 
ATOM 1161 O O    . GLU A 1 73  ? -11.485 -5.887  12.433  1.00 1.00 ? 196 GLU A O    1 
ATOM 1162 C CB   . GLU A 1 73  ? -10.903 -7.271  9.516   1.00 1.00 ? 196 GLU A CB   1 
ATOM 1163 C CG   . GLU A 1 73  ? -9.474  -7.652  9.086   1.00 1.00 ? 196 GLU A CG   1 
ATOM 1164 C CD   . GLU A 1 73  ? -9.419  -8.862  8.142   1.00 1.00 ? 196 GLU A CD   1 
ATOM 1165 O OE1  . GLU A 1 73  ? -10.089 -8.881  7.083   1.00 1.00 ? 196 GLU A OE1  1 
ATOM 1166 O OE2  . GLU A 1 73  ? -8.698  -9.836  8.434   1.00 1.00 ? 196 GLU A OE2  1 
ATOM 1167 H H    . GLU A 1 73  ? -13.263 -7.092  10.218  1.00 1.00 ? 196 GLU A H    1 
ATOM 1168 H HA   . GLU A 1 73  ? -11.058 -8.766  11.088  1.00 1.00 ? 196 GLU A HA   1 
ATOM 1169 H HB2  . GLU A 1 73  ? -11.607 -7.640  8.771   1.00 1.00 ? 196 GLU A HB2  1 
ATOM 1170 H HB3  . GLU A 1 73  ? -10.965 -6.184  9.502   1.00 1.00 ? 196 GLU A HB3  1 
ATOM 1171 H HG2  . GLU A 1 73  ? -9.036  -6.809  8.560   1.00 1.00 ? 196 GLU A HG2  1 
ATOM 1172 H HG3  . GLU A 1 73  ? -8.852  -7.816  9.961   1.00 1.00 ? 196 GLU A HG3  1 
ATOM 1173 N N    . ASN A 1 74  ? -9.548  -6.974  12.424  1.00 1.00 ? 197 ASN A N    1 
ATOM 1174 C CA   . ASN A 1 74  ? -8.840  -5.875  13.074  1.00 1.00 ? 197 ASN A CA   1 
ATOM 1175 C C    . ASN A 1 74  ? -7.354  -6.069  12.890  1.00 1.00 ? 197 ASN A C    1 
ATOM 1176 O O    . ASN A 1 74  ? -6.810  -7.112  13.261  1.00 1.00 ? 197 ASN A O    1 
ATOM 1177 C CB   . ASN A 1 74  ? -9.169  -5.707  14.560  1.00 1.00 ? 197 ASN A CB   1 
ATOM 1178 C CG   . ASN A 1 74  ? -8.574  -4.404  15.088  1.00 1.00 ? 197 ASN A CG   1 
ATOM 1179 O OD1  . ASN A 1 74  ? -8.542  -3.397  14.384  1.00 1.00 ? 197 ASN A OD1  1 
ATOM 1180 N ND2  . ASN A 1 74  ? -8.114  -4.374  16.322  1.00 1.00 ? 197 ASN A ND2  1 
ATOM 1181 H H    . ASN A 1 74  ? -8.992  -7.753  12.101  1.00 1.00 ? 197 ASN A H    1 
ATOM 1182 H HA   . ASN A 1 74  ? -9.137  -4.954  12.574  1.00 1.00 ? 197 ASN A HA   1 
ATOM 1183 H HB2  . ASN A 1 74  ? -10.247 -5.648  14.686  1.00 1.00 ? 197 ASN A HB2  1 
ATOM 1184 H HB3  . ASN A 1 74  ? -8.777  -6.558  15.116  1.00 1.00 ? 197 ASN A HB3  1 
ATOM 1185 H HD21 . ASN A 1 74  ? -8.293  -5.138  16.961  1.00 1.00 ? 197 ASN A HD21 1 
ATOM 1186 H HD22 . ASN A 1 74  ? -7.747  -3.507  16.687  1.00 1.00 ? 197 ASN A HD22 1 
ATOM 1187 N N    . PHE A 1 75  ? -6.715  -5.096  12.268  1.00 1.00 ? 198 PHE A N    1 
ATOM 1188 C CA   . PHE A 1 75  ? -5.278  -5.012  12.119  1.00 1.00 ? 198 PHE A CA   1 
ATOM 1189 C C    . PHE A 1 75  ? -4.744  -4.184  13.284  1.00 1.00 ? 198 PHE A C    1 
ATOM 1190 O O    . PHE A 1 75  ? -5.167  -3.045  13.496  1.00 1.00 ? 198 PHE A O    1 
ATOM 1191 C CB   . PHE A 1 75  ? -4.957  -4.384  10.760  1.00 1.00 ? 198 PHE A CB   1 
ATOM 1192 C CG   . PHE A 1 75  ? -4.987  -5.329  9.565   1.00 1.00 ? 198 PHE A CG   1 
ATOM 1193 C CD1  . PHE A 1 75  ? -5.764  -6.509  9.536   1.00 1.00 ? 198 PHE A CD1  1 
ATOM 1194 C CD2  . PHE A 1 75  ? -4.243  -4.975  8.429   1.00 1.00 ? 198 PHE A CD2  1 
ATOM 1195 C CE1  . PHE A 1 75  ? -5.814  -7.298  8.373   1.00 1.00 ? 198 PHE A CE1  1 
ATOM 1196 C CE2  . PHE A 1 75  ? -4.297  -5.755  7.265   1.00 1.00 ? 198 PHE A CE2  1 
ATOM 1197 C CZ   . PHE A 1 75  ? -5.092  -6.911  7.232   1.00 1.00 ? 198 PHE A CZ   1 
ATOM 1198 H H    . PHE A 1 75  ? -7.273  -4.319  11.942  1.00 1.00 ? 198 PHE A H    1 
ATOM 1199 H HA   . PHE A 1 75  ? -4.834  -6.008  12.160  1.00 1.00 ? 198 PHE A HA   1 
ATOM 1200 H HB2  . PHE A 1 75  ? -5.645  -3.561  10.574  1.00 1.00 ? 198 PHE A HB2  1 
ATOM 1201 H HB3  . PHE A 1 75  ? -3.965  -3.940  10.812  1.00 1.00 ? 198 PHE A HB3  1 
ATOM 1202 H HD1  . PHE A 1 75  ? -6.362  -6.816  10.380  1.00 1.00 ? 198 PHE A HD1  1 
ATOM 1203 H HD2  . PHE A 1 75  ? -3.637  -4.086  8.455   1.00 1.00 ? 198 PHE A HD2  1 
ATOM 1204 H HE1  . PHE A 1 75  ? -6.429  -8.187  8.354   1.00 1.00 ? 198 PHE A HE1  1 
ATOM 1205 H HE2  . PHE A 1 75  ? -3.735  -5.458  6.390   1.00 1.00 ? 198 PHE A HE2  1 
ATOM 1206 H HZ   . PHE A 1 75  ? -5.156  -7.491  6.326   1.00 1.00 ? 198 PHE A HZ   1 
ATOM 1207 N N    . THR A 1 76  ? -3.827  -4.780  14.041  1.00 1.00 ? 199 THR A N    1 
ATOM 1208 C CA   . THR A 1 76  ? -3.110  -4.125  15.121  1.00 1.00 ? 199 THR A CA   1 
ATOM 1209 C C    . THR A 1 76  ? -2.300  -2.940  14.600  1.00 1.00 ? 199 THR A C    1 
ATOM 1210 O O    . THR A 1 76  ? -2.103  -2.772  13.394  1.00 1.00 ? 199 THR A O    1 
ATOM 1211 C CB   . THR A 1 76  ? -2.186  -5.132  15.828  1.00 1.00 ? 199 THR A CB   1 
ATOM 1212 O OG1  . THR A 1 76  ? -1.242  -5.699  14.938  1.00 1.00 ? 199 THR A OG1  1 
ATOM 1213 C CG2  . THR A 1 76  ? -2.990  -6.266  16.468  1.00 1.00 ? 199 THR A CG2  1 
ATOM 1214 H H    . THR A 1 76  ? -3.502  -5.704  13.777  1.00 1.00 ? 199 THR A H    1 
ATOM 1215 H HA   . THR A 1 76  ? -3.842  -3.746  15.836  1.00 1.00 ? 199 THR A HA   1 
ATOM 1216 H HB   . THR A 1 76  ? -1.632  -4.595  16.601  1.00 1.00 ? 199 THR A HB   1 
ATOM 1217 H HG1  . THR A 1 76  ? -1.730  -6.267  14.302  1.00 1.00 ? 199 THR A HG1  1 
ATOM 1218 H HG21 . THR A 1 76  ? -3.759  -5.845  17.115  1.00 1.00 ? 199 THR A HG21 1 
ATOM 1219 H HG22 . THR A 1 76  ? -3.472  -6.879  15.706  1.00 1.00 ? 199 THR A HG22 1 
ATOM 1220 H HG23 . THR A 1 76  ? -2.327  -6.888  17.064  1.00 1.00 ? 199 THR A HG23 1 
ATOM 1221 N N    . GLU A 1 77  ? -1.738  -2.166  15.522  1.00 1.00 ? 200 GLU A N    1 
ATOM 1222 C CA   . GLU A 1 77  ? -0.764  -1.138  15.219  1.00 1.00 ? 200 GLU A CA   1 
ATOM 1223 C C    . GLU A 1 77  ? 0.405   -1.721  14.407  1.00 1.00 ? 200 GLU A C    1 
ATOM 1224 O O    . GLU A 1 77  ? 0.854   -1.115  13.431  1.00 1.00 ? 200 GLU A O    1 
ATOM 1225 C CB   . GLU A 1 77  ? -0.282  -0.593  16.559  1.00 1.00 ? 200 GLU A CB   1 
ATOM 1226 C CG   . GLU A 1 77  ? 0.593   0.644   16.418  1.00 1.00 ? 200 GLU A CG   1 
ATOM 1227 C CD   . GLU A 1 77  ? 1.410   0.899   17.681  1.00 1.00 ? 200 GLU A CD   1 
ATOM 1228 O OE1  . GLU A 1 77  ? 0.930   0.615   18.805  1.00 1.00 ? 200 GLU A OE1  1 
ATOM 1229 O OE2  . GLU A 1 77  ? 2.583   1.313   17.528  1.00 1.00 ? 200 GLU A OE2  1 
ATOM 1230 H H    . GLU A 1 77  ? -1.882  -2.370  16.504  1.00 1.00 ? 200 GLU A H    1 
ATOM 1231 H HA   . GLU A 1 77  ? -1.250  -0.346  14.650  1.00 1.00 ? 200 GLU A HA   1 
ATOM 1232 H HB2  . GLU A 1 77  ? -1.142  -0.350  17.186  1.00 1.00 ? 200 GLU A HB2  1 
ATOM 1233 H HB3  . GLU A 1 77  ? 0.299   -1.373  17.045  1.00 1.00 ? 200 GLU A HB3  1 
ATOM 1234 H HG2  . GLU A 1 77  ? 1.283   0.487   15.590  1.00 1.00 ? 200 GLU A HG2  1 
ATOM 1235 H HG3  . GLU A 1 77  ? -0.044  1.497   16.198  1.00 1.00 ? 200 GLU A HG3  1 
ATOM 1236 N N    . THR A 1 78  ? 0.879   -2.908  14.791  1.00 1.00 ? 201 THR A N    1 
ATOM 1237 C CA   . THR A 1 78  ? 1.950   -3.622  14.115  1.00 1.00 ? 201 THR A CA   1 
ATOM 1238 C C    . THR A 1 78  ? 1.497   -4.036  12.711  1.00 1.00 ? 201 THR A C    1 
ATOM 1239 O O    . THR A 1 78  ? 2.240   -3.830  11.752  1.00 1.00 ? 201 THR A O    1 
ATOM 1240 C CB   . THR A 1 78  ? 2.364   -4.828  14.979  1.00 1.00 ? 201 THR A CB   1 
ATOM 1241 O OG1  . THR A 1 78  ? 2.603   -4.397  16.310  1.00 1.00 ? 201 THR A OG1  1 
ATOM 1242 C CG2  . THR A 1 78  ? 3.608   -5.543  14.445  1.00 1.00 ? 201 THR A CG2  1 
ATOM 1243 H H    . THR A 1 78  ? 0.496   -3.345  15.619  1.00 1.00 ? 201 THR A H    1 
ATOM 1244 H HA   . THR A 1 78  ? 2.800   -2.947  14.019  1.00 1.00 ? 201 THR A HA   1 
ATOM 1245 H HB   . THR A 1 78  ? 1.539   -5.541  15.000  1.00 1.00 ? 201 THR A HB   1 
ATOM 1246 H HG1  . THR A 1 78  ? 3.538   -4.143  16.399  1.00 1.00 ? 201 THR A HG1  1 
ATOM 1247 H HG21 . THR A 1 78  ? 4.454   -4.855  14.405  1.00 1.00 ? 201 THR A HG21 1 
ATOM 1248 H HG22 . THR A 1 78  ? 3.859   -6.385  15.090  1.00 1.00 ? 201 THR A HG22 1 
ATOM 1249 H HG23 . THR A 1 78  ? 3.413   -5.930  13.443  1.00 1.00 ? 201 THR A HG23 1 
ATOM 1250 N N    . ASP A 1 79  ? 0.279   -4.575  12.562  1.00 1.00 ? 202 ASP A N    1 
ATOM 1251 C CA   . ASP A 1 79  ? -0.250  -4.983  11.256  1.00 1.00 ? 202 ASP A CA   1 
ATOM 1252 C C    . ASP A 1 79  ? -0.279  -3.776  10.320  1.00 1.00 ? 202 ASP A C    1 
ATOM 1253 O O    . ASP A 1 79  ? 0.129   -3.879  9.162   1.00 1.00 ? 202 ASP A O    1 
ATOM 1254 C CB   . ASP A 1 79  ? -1.666  -5.575  11.339  1.00 1.00 ? 202 ASP A CB   1 
ATOM 1255 C CG   . ASP A 1 79  ? -1.758  -6.935  12.020  1.00 1.00 ? 202 ASP A CG   1 
ATOM 1256 O OD1  . ASP A 1 79  ? -1.124  -7.900  11.552  1.00 1.00 ? 202 ASP A OD1  1 
ATOM 1257 O OD2  . ASP A 1 79  ? -2.440  -7.044  13.065  1.00 1.00 ? 202 ASP A OD2  1 
ATOM 1258 H H    . ASP A 1 79  ? -0.306  -4.665  13.387  1.00 1.00 ? 202 ASP A H    1 
ATOM 1259 H HA   . ASP A 1 79  ? 0.411   -5.737  10.834  1.00 1.00 ? 202 ASP A HA   1 
ATOM 1260 H HB2  . ASP A 1 79  ? -2.303  -4.870  11.862  1.00 1.00 ? 202 ASP A HB2  1 
ATOM 1261 H HB3  . ASP A 1 79  ? -2.052  -5.690  10.325  1.00 1.00 ? 202 ASP A HB3  1 
ATOM 1262 N N    . VAL A 1 80  ? -0.732  -2.626  10.819  1.00 1.00 ? 203 VAL A N    1 
ATOM 1263 C CA   . VAL A 1 80  ? -0.771  -1.363  10.099  1.00 1.00 ? 203 VAL A CA   1 
ATOM 1264 C C    . VAL A 1 80  ? 0.649   -0.913  9.728   1.00 1.00 ? 203 VAL A C    1 
ATOM 1265 O O    . VAL A 1 80  ? 0.891   -0.646  8.550   1.00 1.00 ? 203 VAL A O    1 
ATOM 1266 C CB   . VAL A 1 80  ? -1.558  -0.339  10.945  1.00 1.00 ? 203 VAL A CB   1 
ATOM 1267 C CG1  . VAL A 1 80  ? -1.456  1.086   10.393  1.00 1.00 ? 203 VAL A CG1  1 
ATOM 1268 C CG2  . VAL A 1 80  ? -3.048  -0.711  11.009  1.00 1.00 ? 203 VAL A CG2  1 
ATOM 1269 H H    . VAL A 1 80  ? -1.061  -2.620  11.783  1.00 1.00 ? 203 VAL A H    1 
ATOM 1270 H HA   . VAL A 1 80  ? -1.301  -1.527  9.159   1.00 1.00 ? 203 VAL A HA   1 
ATOM 1271 H HB   . VAL A 1 80  ? -1.171  -0.347  11.961  1.00 1.00 ? 203 VAL A HB   1 
ATOM 1272 H HG11 . VAL A 1 80  ? -1.756  1.090   9.351   1.00 1.00 ? 203 VAL A HG11 1 
ATOM 1273 H HG12 . VAL A 1 80  ? -2.097  1.758   10.966  1.00 1.00 ? 203 VAL A HG12 1 
ATOM 1274 H HG13 . VAL A 1 80  ? -0.432  1.452   10.475  1.00 1.00 ? 203 VAL A HG13 1 
ATOM 1275 H HG21 . VAL A 1 80  ? -3.183  -1.719  11.393  1.00 1.00 ? 203 VAL A HG21 1 
ATOM 1276 H HG22 . VAL A 1 80  ? -3.565  -0.026  11.682  1.00 1.00 ? 203 VAL A HG22 1 
ATOM 1277 H HG23 . VAL A 1 80  ? -3.495  -0.647  10.022  1.00 1.00 ? 203 VAL A HG23 1 
ATOM 1278 N N    . LYS A 1 81  ? 1.603   -0.867  10.669  1.00 1.00 ? 204 LYS A N    1 
ATOM 1279 C CA   . LYS A 1 81  ? 2.992   -0.492  10.373  1.00 1.00 ? 204 LYS A CA   1 
ATOM 1280 C C    . LYS A 1 81  ? 3.590   -1.373  9.285   1.00 1.00 ? 204 LYS A C    1 
ATOM 1281 O O    . LYS A 1 81  ? 4.298   -0.882  8.407   1.00 1.00 ? 204 LYS A O    1 
ATOM 1282 C CB   . LYS A 1 81  ? 3.874   -0.565  11.627  1.00 1.00 ? 204 LYS A CB   1 
ATOM 1283 C CG   . LYS A 1 81  ? 3.861   0.749   12.423  1.00 1.00 ? 204 LYS A CG   1 
ATOM 1284 C CD   . LYS A 1 81  ? 4.862   0.741   13.587  1.00 1.00 ? 204 LYS A CD   1 
ATOM 1285 C CE   . LYS A 1 81  ? 6.304   0.539   13.094  1.00 1.00 ? 204 LYS A CE   1 
ATOM 1286 N NZ   . LYS A 1 81  ? 7.295   0.542   14.184  1.00 1.00 ? 204 LYS A NZ   1 
ATOM 1287 H H    . LYS A 1 81  ? 1.354   -1.113  11.625  1.00 1.00 ? 204 LYS A H    1 
ATOM 1288 H HA   . LYS A 1 81  ? 3.014   0.527   9.991   1.00 1.00 ? 204 LYS A HA   1 
ATOM 1289 H HB2  . LYS A 1 81  ? 3.564   -1.395  12.263  1.00 1.00 ? 204 LYS A HB2  1 
ATOM 1290 H HB3  . LYS A 1 81  ? 4.893   -0.760  11.294  1.00 1.00 ? 204 LYS A HB3  1 
ATOM 1291 H HG2  . LYS A 1 81  ? 4.108   1.578   11.757  1.00 1.00 ? 204 LYS A HG2  1 
ATOM 1292 H HG3  . LYS A 1 81  ? 2.859   0.914   12.820  1.00 1.00 ? 204 LYS A HG3  1 
ATOM 1293 H HD2  . LYS A 1 81  ? 4.788   1.698   14.107  1.00 1.00 ? 204 LYS A HD2  1 
ATOM 1294 H HD3  . LYS A 1 81  ? 4.590   -0.058  14.278  1.00 1.00 ? 204 LYS A HD3  1 
ATOM 1295 H HE2  . LYS A 1 81  ? 6.374   -0.421  12.581  1.00 1.00 ? 204 LYS A HE2  1 
ATOM 1296 H HE3  . LYS A 1 81  ? 6.554   1.324   12.379  1.00 1.00 ? 204 LYS A HE3  1 
ATOM 1297 H HZ1  . LYS A 1 81  ? 7.006   -0.059  14.949  1.00 1.00 ? 204 LYS A HZ1  1 
ATOM 1298 H HZ2  . LYS A 1 81  ? 8.189   0.202   13.858  1.00 1.00 ? 204 LYS A HZ2  1 
ATOM 1299 H HZ3  . LYS A 1 81  ? 7.425   1.474   14.573  1.00 1.00 ? 204 LYS A HZ3  1 
ATOM 1300 N N    . MET A 1 82  ? 3.322   -2.671  9.328   1.00 1.00 ? 205 MET A N    1 
ATOM 1301 C CA   . MET A 1 82  ? 3.779   -3.598  8.310   1.00 1.00 ? 205 MET A CA   1 
ATOM 1302 C C    . MET A 1 82  ? 3.138   -3.222  6.974   1.00 1.00 ? 205 MET A C    1 
ATOM 1303 O O    . MET A 1 82  ? 3.830   -3.179  5.956   1.00 1.00 ? 205 MET A O    1 
ATOM 1304 C CB   . MET A 1 82  ? 3.433   -5.027  8.736   1.00 1.00 ? 205 MET A CB   1 
ATOM 1305 C CG   . MET A 1 82  ? 4.251   -5.496  9.939   1.00 1.00 ? 205 MET A CG   1 
ATOM 1306 S SD   . MET A 1 82  ? 5.947   -5.982  9.572   1.00 1.00 ? 205 MET A SD   1 
ATOM 1307 C CE   . MET A 1 82  ? 6.402   -6.494  11.243  1.00 1.00 ? 205 MET A CE   1 
ATOM 1308 H H    . MET A 1 82  ? 2.724   -3.008  10.072  1.00 1.00 ? 205 MET A H    1 
ATOM 1309 H HA   . MET A 1 82  ? 4.862   -3.511  8.208   1.00 1.00 ? 205 MET A HA   1 
ATOM 1310 H HB2  . MET A 1 82  ? 2.390   -5.049  9.028   1.00 1.00 ? 205 MET A HB2  1 
ATOM 1311 H HB3  . MET A 1 82  ? 3.585   -5.716  7.904   1.00 1.00 ? 205 MET A HB3  1 
ATOM 1312 H HG2  . MET A 1 82  ? 4.279   -4.712  10.693  1.00 1.00 ? 205 MET A HG2  1 
ATOM 1313 H HG3  . MET A 1 82  ? 3.740   -6.349  10.378  1.00 1.00 ? 205 MET A HG3  1 
ATOM 1314 H HE1  . MET A 1 82  ? 5.708   -7.257  11.595  1.00 1.00 ? 205 MET A HE1  1 
ATOM 1315 H HE2  . MET A 1 82  ? 7.405   -6.902  11.223  1.00 1.00 ? 205 MET A HE2  1 
ATOM 1316 H HE3  . MET A 1 82  ? 6.369   -5.637  11.914  1.00 1.00 ? 205 MET A HE3  1 
ATOM 1317 N N    . MET A 1 83  ? 1.837   -2.902  6.962   1.00 1.00 ? 206 MET A N    1 
ATOM 1318 C CA   . MET A 1 83  ? 1.124   -2.507  5.761   1.00 1.00 ? 206 MET A CA   1 
ATOM 1319 C C    . MET A 1 83  ? 1.698   -1.224  5.158   1.00 1.00 ? 206 MET A C    1 
ATOM 1320 O O    . MET A 1 83  ? 1.602   -1.088  3.943   1.00 1.00 ? 206 MET A O    1 
ATOM 1321 C CB   . MET A 1 83  ? -0.404  -2.460  6.004   1.00 1.00 ? 206 MET A CB   1 
ATOM 1322 C CG   . MET A 1 83  ? -1.085  -1.096  5.823   1.00 1.00 ? 206 MET A CG   1 
ATOM 1323 S SD   . MET A 1 83  ? -2.872  -1.180  5.535   1.00 1.00 ? 206 MET A SD   1 
ATOM 1324 C CE   . MET A 1 83  ? -3.431  -1.540  7.216   1.00 1.00 ? 206 MET A CE   1 
ATOM 1325 H H    . MET A 1 83  ? 1.303   -2.866  7.823   1.00 1.00 ? 206 MET A H    1 
ATOM 1326 H HA   . MET A 1 83  ? 1.298   -3.293  5.027   1.00 1.00 ? 206 MET A HA   1 
ATOM 1327 H HB2  . MET A 1 83  ? -0.865  -3.149  5.301   1.00 1.00 ? 206 MET A HB2  1 
ATOM 1328 H HB3  . MET A 1 83  ? -0.641  -2.834  6.998   1.00 1.00 ? 206 MET A HB3  1 
ATOM 1329 H HG2  . MET A 1 83  ? -0.882  -0.471  6.693   1.00 1.00 ? 206 MET A HG2  1 
ATOM 1330 H HG3  . MET A 1 83  ? -0.660  -0.607  4.954   1.00 1.00 ? 206 MET A HG3  1 
ATOM 1331 H HE1  . MET A 1 83  ? -2.829  -2.344  7.631   1.00 1.00 ? 206 MET A HE1  1 
ATOM 1332 H HE2  . MET A 1 83  ? -3.313  -0.654  7.836   1.00 1.00 ? 206 MET A HE2  1 
ATOM 1333 H HE3  . MET A 1 83  ? -4.481  -1.832  7.204   1.00 1.00 ? 206 MET A HE3  1 
ATOM 1334 N N    . GLU A 1 84  ? 2.322   -0.320  5.926   1.00 1.00 ? 207 GLU A N    1 
ATOM 1335 C CA   . GLU A 1 84  ? 2.899   0.913   5.364   1.00 1.00 ? 207 GLU A CA   1 
ATOM 1336 C C    . GLU A 1 84  ? 3.842   0.590   4.211   1.00 1.00 ? 207 GLU A C    1 
ATOM 1337 O O    . GLU A 1 84  ? 3.803   1.214   3.151   1.00 1.00 ? 207 GLU A O    1 
ATOM 1338 C CB   . GLU A 1 84  ? 3.703   1.717   6.395   1.00 1.00 ? 207 GLU A CB   1 
ATOM 1339 C CG   . GLU A 1 84  ? 2.908   2.240   7.594   1.00 1.00 ? 207 GLU A CG   1 
ATOM 1340 C CD   . GLU A 1 84  ? 3.811   3.031   8.550   1.00 1.00 ? 207 GLU A CD   1 
ATOM 1341 O OE1  . GLU A 1 84  ? 4.973   2.618   8.797   1.00 1.00 ? 207 GLU A OE1  1 
ATOM 1342 O OE2  . GLU A 1 84  ? 3.368   4.089   9.043   1.00 1.00 ? 207 GLU A OE2  1 
ATOM 1343 H H    . GLU A 1 84  ? 2.343   -0.469  6.934   1.00 1.00 ? 207 GLU A H    1 
ATOM 1344 H HA   . GLU A 1 84  ? 2.103   1.534   4.973   1.00 1.00 ? 207 GLU A HA   1 
ATOM 1345 H HB2  . GLU A 1 84  ? 4.523   1.097   6.751   1.00 1.00 ? 207 GLU A HB2  1 
ATOM 1346 H HB3  . GLU A 1 84  ? 4.138   2.578   5.887   1.00 1.00 ? 207 GLU A HB3  1 
ATOM 1347 H HG2  . GLU A 1 84  ? 2.105   2.882   7.235   1.00 1.00 ? 207 GLU A HG2  1 
ATOM 1348 H HG3  . GLU A 1 84  ? 2.460   1.405   8.124   1.00 1.00 ? 207 GLU A HG3  1 
ATOM 1349 N N    . ARG A 1 85  ? 4.675   -0.425  4.428   1.00 1.00 ? 208 ARG A N    1 
ATOM 1350 C CA   . ARG A 1 85  ? 5.751   -0.810  3.530   1.00 1.00 ? 208 ARG A CA   1 
ATOM 1351 C C    . ARG A 1 85  ? 5.165   -1.382  2.257   1.00 1.00 ? 208 ARG A C    1 
ATOM 1352 O O    . ARG A 1 85  ? 5.683   -1.166  1.167   1.00 1.00 ? 208 ARG A O    1 
ATOM 1353 C CB   . ARG A 1 85  ? 6.638   -1.842  4.240   1.00 1.00 ? 208 ARG A CB   1 
ATOM 1354 C CG   . ARG A 1 85  ? 7.296   -1.274  5.504   1.00 1.00 ? 208 ARG A CG   1 
ATOM 1355 C CD   . ARG A 1 85  ? 8.367   -0.231  5.186   1.00 1.00 ? 208 ARG A CD   1 
ATOM 1356 N NE   . ARG A 1 85  ? 9.574   -0.891  4.683   1.00 1.00 ? 208 ARG A NE   1 
ATOM 1357 C CZ   . ARG A 1 85  ? 10.820  -0.453  4.839   1.00 1.00 ? 208 ARG A CZ   1 
ATOM 1358 N NH1  . ARG A 1 85  ? 11.051  0.825   5.107   1.00 1.00 ? 208 ARG A NH1  1 
ATOM 1359 N NH2  . ARG A 1 85  ? 11.806  -1.334  4.748   1.00 1.00 ? 208 ARG A NH2  1 
ATOM 1360 H H    . ARG A 1 85  ? 4.470   -1.001  5.236   1.00 1.00 ? 208 ARG A H    1 
ATOM 1361 H HA   . ARG A 1 85  ? 6.333   0.072   3.267   1.00 1.00 ? 208 ARG A HA   1 
ATOM 1362 H HB2  . ARG A 1 85  ? 6.034   -2.705  4.520   1.00 1.00 ? 208 ARG A HB2  1 
ATOM 1363 H HB3  . ARG A 1 85  ? 7.408   -2.185  3.555   1.00 1.00 ? 208 ARG A HB3  1 
ATOM 1364 H HG2  . ARG A 1 85  ? 6.543   -0.831  6.150   1.00 1.00 ? 208 ARG A HG2  1 
ATOM 1365 H HG3  . ARG A 1 85  ? 7.761   -2.085  6.063   1.00 1.00 ? 208 ARG A HG3  1 
ATOM 1366 H HD2  . ARG A 1 85  ? 8.006   0.502   4.467   1.00 1.00 ? 208 ARG A HD2  1 
ATOM 1367 H HD3  . ARG A 1 85  ? 8.606   0.281   6.113   1.00 1.00 ? 208 ARG A HD3  1 
ATOM 1368 H HE   . ARG A 1 85  ? 9.459   -1.869  4.423   1.00 1.00 ? 208 ARG A HE   1 
ATOM 1369 H HH11 . ARG A 1 85  ? 10.293  1.501   5.077   1.00 1.00 ? 208 ARG A HH11 1 
ATOM 1370 H HH12 . ARG A 1 85  ? 11.984  1.199   5.283   1.00 1.00 ? 208 ARG A HH12 1 
ATOM 1371 H HH21 . ARG A 1 85  ? 11.580  -2.303  4.562   1.00 1.00 ? 208 ARG A HH21 1 
ATOM 1372 H HH22 . ARG A 1 85  ? 12.737  -1.137  5.100   1.00 1.00 ? 208 ARG A HH22 1 
ATOM 1373 N N    . VAL A 1 86  ? 4.088   -2.136  2.415   1.00 1.00 ? 209 VAL A N    1 
ATOM 1374 C CA   . VAL A 1 86  ? 3.359   -2.780  1.352   1.00 1.00 ? 209 VAL A CA   1 
ATOM 1375 C C    . VAL A 1 86  ? 2.623   -1.708  0.553   1.00 1.00 ? 209 VAL A C    1 
ATOM 1376 O O    . VAL A 1 86  ? 2.651   -1.764  -0.667  1.00 1.00 ? 209 VAL A O    1 
ATOM 1377 C CB   . VAL A 1 86  ? 2.429   -3.819  2.000   1.00 1.00 ? 209 VAL A CB   1 
ATOM 1378 C CG1  . VAL A 1 86  ? 1.606   -4.663  1.044   1.00 1.00 ? 209 VAL A CG1  1 
ATOM 1379 C CG2  . VAL A 1 86  ? 3.147   -4.761  2.982   1.00 1.00 ? 209 VAL A CG2  1 
ATOM 1380 H H    . VAL A 1 86  ? 3.712   -2.219  3.348   1.00 1.00 ? 209 VAL A H    1 
ATOM 1381 H HA   . VAL A 1 86  ? 4.051   -3.272  0.681   1.00 1.00 ? 209 VAL A HA   1 
ATOM 1382 H HB   . VAL A 1 86  ? 1.701   -3.256  2.540   1.00 1.00 ? 209 VAL A HB   1 
ATOM 1383 H HG11 . VAL A 1 86  ? 1.381   -4.071  0.162   1.00 1.00 ? 209 VAL A HG11 1 
ATOM 1384 H HG12 . VAL A 1 86  ? 2.145   -5.564  0.774   1.00 1.00 ? 209 VAL A HG12 1 
ATOM 1385 H HG13 . VAL A 1 86  ? 0.676   -4.941  1.537   1.00 1.00 ? 209 VAL A HG13 1 
ATOM 1386 H HG21 . VAL A 1 86  ? 3.710   -4.220  3.737   1.00 1.00 ? 209 VAL A HG21 1 
ATOM 1387 H HG22 . VAL A 1 86  ? 2.408   -5.362  3.506   1.00 1.00 ? 209 VAL A HG22 1 
ATOM 1388 H HG23 . VAL A 1 86  ? 3.839   -5.412  2.445   1.00 1.00 ? 209 VAL A HG23 1 
ATOM 1389 N N    . VAL A 1 87  ? 1.992   -0.729  1.195   1.00 1.00 ? 210 VAL A N    1 
ATOM 1390 C CA   . VAL A 1 87  ? 1.215   0.294   0.516   1.00 1.00 ? 210 VAL A CA   1 
ATOM 1391 C C    . VAL A 1 87  ? 2.144   1.237   -0.258  1.00 1.00 ? 210 VAL A C    1 
ATOM 1392 O O    . VAL A 1 87  ? 1.815   1.541   -1.407  1.00 1.00 ? 210 VAL A O    1 
ATOM 1393 C CB   . VAL A 1 87  ? 0.288   0.980   1.544   1.00 1.00 ? 210 VAL A CB   1 
ATOM 1394 C CG1  . VAL A 1 87  ? -0.325  2.292   1.043   1.00 1.00 ? 210 VAL A CG1  1 
ATOM 1395 C CG2  . VAL A 1 87  ? -0.857  0.012   1.900   1.00 1.00 ? 210 VAL A CG2  1 
ATOM 1396 H H    . VAL A 1 87  ? 2.005   -0.702  2.210   1.00 1.00 ? 210 VAL A H    1 
ATOM 1397 H HA   . VAL A 1 87  ? 0.587   -0.205  -0.230  1.00 1.00 ? 210 VAL A HA   1 
ATOM 1398 H HB   . VAL A 1 87  ? 0.855   1.203   2.449   1.00 1.00 ? 210 VAL A HB   1 
ATOM 1399 H HG11 . VAL A 1 87  ? -0.840  2.132   0.095   1.00 1.00 ? 210 VAL A HG11 1 
ATOM 1400 H HG12 . VAL A 1 87  ? -1.021  2.684   1.784   1.00 1.00 ? 210 VAL A HG12 1 
ATOM 1401 H HG13 . VAL A 1 87  ? 0.468   3.025   0.899   1.00 1.00 ? 210 VAL A HG13 1 
ATOM 1402 H HG21 . VAL A 1 87  ? -0.458  -0.911  2.319   1.00 1.00 ? 210 VAL A HG21 1 
ATOM 1403 H HG22 . VAL A 1 87  ? -1.518  0.462   2.638   1.00 1.00 ? 210 VAL A HG22 1 
ATOM 1404 H HG23 . VAL A 1 87  ? -1.435  -0.230  1.008   1.00 1.00 ? 210 VAL A HG23 1 
ATOM 1405 N N    . GLU A 1 88  ? 3.300   1.656   0.291   1.00 1.00 ? 211 GLU A N    1 
ATOM 1406 C CA   . GLU A 1 88  ? 4.246   2.449   -0.503  1.00 1.00 ? 211 GLU A CA   1 
ATOM 1407 C C    . GLU A 1 88  ? 4.684   1.670   -1.738  1.00 1.00 ? 211 GLU A C    1 
ATOM 1408 O O    . GLU A 1 88  ? 4.795   2.265   -2.803  1.00 1.00 ? 211 GLU A O    1 
ATOM 1409 C CB   . GLU A 1 88  ? 5.472   2.981   0.268   1.00 1.00 ? 211 GLU A CB   1 
ATOM 1410 C CG   . GLU A 1 88  ? 6.446   1.919   0.805   1.00 1.00 ? 211 GLU A CG   1 
ATOM 1411 C CD   . GLU A 1 88  ? 7.742   2.479   1.402   1.00 1.00 ? 211 GLU A CD   1 
ATOM 1412 O OE1  . GLU A 1 88  ? 8.118   3.640   1.129   1.00 1.00 ? 211 GLU A OE1  1 
ATOM 1413 O OE2  . GLU A 1 88  ? 8.450   1.724   2.112   1.00 1.00 ? 211 GLU A OE2  1 
ATOM 1414 H H    . GLU A 1 88  ? 3.542   1.415   1.250   1.00 1.00 ? 211 GLU A H    1 
ATOM 1415 H HA   . GLU A 1 88  ? 3.702   3.322   -0.866  1.00 1.00 ? 211 GLU A HA   1 
ATOM 1416 H HB2  . GLU A 1 88  ? 6.024   3.620   -0.426  1.00 1.00 ? 211 GLU A HB2  1 
ATOM 1417 H HB3  . GLU A 1 88  ? 5.132   3.598   1.097   1.00 1.00 ? 211 GLU A HB3  1 
ATOM 1418 H HG2  . GLU A 1 88  ? 5.928   1.351   1.570   1.00 1.00 ? 211 GLU A HG2  1 
ATOM 1419 H HG3  . GLU A 1 88  ? 6.735   1.244   0.003   1.00 1.00 ? 211 GLU A HG3  1 
ATOM 1420 N N    . GLN A 1 89  ? 4.885   0.352   -1.614  1.00 1.00 ? 212 GLN A N    1 
ATOM 1421 C CA   . GLN A 1 89  ? 5.216   -0.482  -2.754  1.00 1.00 ? 212 GLN A CA   1 
ATOM 1422 C C    . GLN A 1 89  ? 4.028   -0.475  -3.714  1.00 1.00 ? 212 GLN A C    1 
ATOM 1423 O O    . GLN A 1 89  ? 4.172   0.065   -4.799  1.00 1.00 ? 212 GLN A O    1 
ATOM 1424 C CB   . GLN A 1 89  ? 5.637   -1.889  -2.342  1.00 1.00 ? 212 GLN A CB   1 
ATOM 1425 C CG   . GLN A 1 89  ? 6.937   -1.875  -1.534  1.00 1.00 ? 212 GLN A CG   1 
ATOM 1426 C CD   . GLN A 1 89  ? 8.192   -2.066  -2.368  1.00 1.00 ? 212 GLN A CD   1 
ATOM 1427 O OE1  . GLN A 1 89  ? 8.574   -3.186  -2.689  1.00 1.00 ? 212 GLN A OE1  1 
ATOM 1428 N NE2  . GLN A 1 89  ? 8.888   -0.994  -2.695  1.00 1.00 ? 212 GLN A NE2  1 
ATOM 1429 H H    . GLN A 1 89  ? 4.770   -0.079  -0.706  1.00 1.00 ? 212 GLN A H    1 
ATOM 1430 H HA   . GLN A 1 89  ? 6.082   -0.050  -3.248  1.00 1.00 ? 212 GLN A HA   1 
ATOM 1431 H HB2  . GLN A 1 89  ? 4.855   -2.338  -1.738  1.00 1.00 ? 212 GLN A HB2  1 
ATOM 1432 H HB3  . GLN A 1 89  ? 5.781   -2.494  -3.237  1.00 1.00 ? 212 GLN A HB3  1 
ATOM 1433 H HG2  . GLN A 1 89  ? 7.031   -0.961  -0.951  1.00 1.00 ? 212 GLN A HG2  1 
ATOM 1434 H HG3  . GLN A 1 89  ? 6.878   -2.695  -0.840  1.00 1.00 ? 212 GLN A HG3  1 
ATOM 1435 H HE21 . GLN A 1 89  ? 8.580   -0.056  -2.458  1.00 1.00 ? 212 GLN A HE21 1 
ATOM 1436 H HE22 . GLN A 1 89  ? 9.775   -1.124  -3.154  1.00 1.00 ? 212 GLN A HE22 1 
ATOM 1437 N N    . MET A 1 90  ? 2.861   -1.009  -3.324  1.00 1.00 ? 213 MET A N    1 
ATOM 1438 C CA   . MET A 1 90  ? 1.707   -1.269  -4.192  1.00 1.00 ? 213 MET A CA   1 
ATOM 1439 C C    . MET A 1 90  ? 1.322   -0.056  -5.035  1.00 1.00 ? 213 MET A C    1 
ATOM 1440 O O    . MET A 1 90  ? 1.023   -0.203  -6.221  1.00 1.00 ? 213 MET A O    1 
ATOM 1441 C CB   . MET A 1 90  ? 0.460   -1.661  -3.396  1.00 1.00 ? 213 MET A CB   1 
ATOM 1442 C CG   . MET A 1 90  ? 0.494   -3.002  -2.673  1.00 1.00 ? 213 MET A CG   1 
ATOM 1443 S SD   . MET A 1 90  ? -0.786  -3.092  -1.392  1.00 1.00 ? 213 MET A SD   1 
ATOM 1444 C CE   . MET A 1 90  ? -0.958  -4.880  -1.200  1.00 1.00 ? 213 MET A CE   1 
ATOM 1445 H H    . MET A 1 90  ? 2.807   -1.333  -2.366  1.00 1.00 ? 213 MET A H    1 
ATOM 1446 H HA   . MET A 1 90  ? 1.957   -2.099  -4.843  1.00 1.00 ? 213 MET A HA   1 
ATOM 1447 H HB2  . MET A 1 90  ? 0.253   -0.876  -2.675  1.00 1.00 ? 213 MET A HB2  1 
ATOM 1448 H HB3  . MET A 1 90  ? -0.373  -1.706  -4.098  1.00 1.00 ? 213 MET A HB3  1 
ATOM 1449 H HG2  . MET A 1 90  ? 0.343   -3.794  -3.402  1.00 1.00 ? 213 MET A HG2  1 
ATOM 1450 H HG3  . MET A 1 90  ? 1.465   -3.149  -2.211  1.00 1.00 ? 213 MET A HG3  1 
ATOM 1451 H HE1  . MET A 1 90  ? 0.015   -5.342  -1.113  1.00 1.00 ? 213 MET A HE1  1 
ATOM 1452 H HE2  . MET A 1 90  ? -1.538  -5.074  -0.300  1.00 1.00 ? 213 MET A HE2  1 
ATOM 1453 H HE3  . MET A 1 90  ? -1.473  -5.312  -2.056  1.00 1.00 ? 213 MET A HE3  1 
ATOM 1454 N N    . CYS A 1 91  ? 1.303   1.130   -4.420  1.00 1.00 ? 214 CYS A N    1 
ATOM 1455 C CA   . CYS A 1 91  ? 0.965   2.380   -5.077  1.00 1.00 ? 214 CYS A CA   1 
ATOM 1456 C C    . CYS A 1 91  ? 1.875   2.612   -6.278  1.00 1.00 ? 214 CYS A C    1 
ATOM 1457 O O    . CYS A 1 91  ? 1.406   3.085   -7.312  1.00 1.00 ? 214 CYS A O    1 
ATOM 1458 C CB   . CYS A 1 91  ? 1.062   3.539   -4.077  1.00 1.00 ? 214 CYS A CB   1 
ATOM 1459 S SG   . CYS A 1 91  ? -0.323  3.615   -2.913  1.00 1.00 ? 214 CYS A SG   1 
ATOM 1460 H H    . CYS A 1 91  ? 1.548   1.170   -3.441  1.00 1.00 ? 214 CYS A H    1 
ATOM 1461 H HA   . CYS A 1 91  ? -0.060  2.324   -5.445  1.00 1.00 ? 214 CYS A HA   1 
ATOM 1462 H HB2  . CYS A 1 91  ? 2.006   3.490   -3.530  1.00 1.00 ? 214 CYS A HB2  1 
ATOM 1463 H HB3  . CYS A 1 91  ? 1.054   4.460   -4.650  1.00 1.00 ? 214 CYS A HB3  1 
ATOM 1464 N N    . VAL A 1 92  ? 3.153   2.260   -6.162  1.00 1.00 ? 215 VAL A N    1 
ATOM 1465 C CA   . VAL A 1 92  ? 4.140   2.302   -7.209  1.00 1.00 ? 215 VAL A CA   1 
ATOM 1466 C C    . VAL A 1 92  ? 3.967   1.045   -8.048  1.00 1.00 ? 215 VAL A C    1 
ATOM 1467 O O    . VAL A 1 92  ? 3.768   1.221   -9.234  1.00 1.00 ? 215 VAL A O    1 
ATOM 1468 C CB   . VAL A 1 92  ? 5.559   2.521   -6.634  1.00 1.00 ? 215 VAL A CB   1 
ATOM 1469 C CG1  . VAL A 1 92  ? 6.553   2.922   -7.737  1.00 1.00 ? 215 VAL A CG1  1 
ATOM 1470 C CG2  . VAL A 1 92  ? 5.610   3.660   -5.611  1.00 1.00 ? 215 VAL A CG2  1 
ATOM 1471 H H    . VAL A 1 92  ? 3.454   1.739   -5.351  1.00 1.00 ? 215 VAL A H    1 
ATOM 1472 H HA   . VAL A 1 92  ? 3.897   3.141   -7.853  1.00 1.00 ? 215 VAL A HA   1 
ATOM 1473 H HB   . VAL A 1 92  ? 5.905   1.610   -6.148  1.00 1.00 ? 215 VAL A HB   1 
ATOM 1474 H HG11 . VAL A 1 92  ? 6.059   3.459   -8.548  1.00 1.00 ? 215 VAL A HG11 1 
ATOM 1475 H HG12 . VAL A 1 92  ? 7.338   3.565   -7.334  1.00 1.00 ? 215 VAL A HG12 1 
ATOM 1476 H HG13 . VAL A 1 92  ? 7.031   2.023   -8.102  1.00 1.00 ? 215 VAL A HG13 1 
ATOM 1477 H HG21 . VAL A 1 92  ? 4.855   3.531   -4.844  1.00 1.00 ? 215 VAL A HG21 1 
ATOM 1478 H HG22 . VAL A 1 92  ? 6.585   3.654   -5.125  1.00 1.00 ? 215 VAL A HG22 1 
ATOM 1479 H HG23 . VAL A 1 92  ? 5.451   4.606   -6.108  1.00 1.00 ? 215 VAL A HG23 1 
ATOM 1480 N N    . THR A 1 93  ? 3.940   -0.178  -7.509  1.00 1.00 ? 216 THR A N    1 
ATOM 1481 C CA   . THR A 1 93  ? 3.751   -1.451  -8.216  1.00 1.00 ? 216 THR A CA   1 
ATOM 1482 C C    . THR A 1 93  ? 2.659   -1.355  -9.301  1.00 1.00 ? 216 THR A C    1 
ATOM 1483 O O    . THR A 1 93  ? 2.795   -1.927  -10.382 1.00 1.00 ? 216 THR A O    1 
ATOM 1484 C CB   . THR A 1 93  ? 3.419   -2.530  -7.160  1.00 1.00 ? 216 THR A CB   1 
ATOM 1485 O OG1  . THR A 1 93  ? 4.331   -2.496  -6.082  1.00 1.00 ? 216 THR A OG1  1 
ATOM 1486 C CG2  . THR A 1 93  ? 3.371   -3.985  -7.619  1.00 1.00 ? 216 THR A CG2  1 
ATOM 1487 H H    . THR A 1 93  ? 4.088   -0.275  -6.509  1.00 1.00 ? 216 THR A H    1 
ATOM 1488 H HA   . THR A 1 93  ? 4.699   -1.695  -8.689  1.00 1.00 ? 216 THR A HA   1 
ATOM 1489 H HB   . THR A 1 93  ? 2.430   -2.300  -6.777  1.00 1.00 ? 216 THR A HB   1 
ATOM 1490 H HG1  . THR A 1 93  ? 5.239   -2.581  -6.449  1.00 1.00 ? 216 THR A HG1  1 
ATOM 1491 H HG21 . THR A 1 93  ? 4.321   -4.279  -8.063  1.00 1.00 ? 216 THR A HG21 1 
ATOM 1492 H HG22 . THR A 1 93  ? 3.170   -4.623  -6.755  1.00 1.00 ? 216 THR A HG22 1 
ATOM 1493 H HG23 . THR A 1 93  ? 2.561   -4.116  -8.333  1.00 1.00 ? 216 THR A HG23 1 
ATOM 1494 N N    . GLN A 1 94  ? 1.593   -0.596  -9.032  1.00 1.00 ? 217 GLN A N    1 
ATOM 1495 C CA   . GLN A 1 94  ? 0.586   -0.157  -9.980  1.00 1.00 ? 217 GLN A CA   1 
ATOM 1496 C C    . GLN A 1 94  ? 1.185   0.727   -11.091 1.00 1.00 ? 217 GLN A C    1 
ATOM 1497 O O    . GLN A 1 94  ? 1.355   0.260   -12.220 1.00 1.00 ? 217 GLN A O    1 
ATOM 1498 C CB   . GLN A 1 94  ? -0.524  0.527   -9.152  1.00 1.00 ? 217 GLN A CB   1 
ATOM 1499 C CG   . GLN A 1 94  ? -1.763  0.922   -9.966  1.00 1.00 ? 217 GLN A CG   1 
ATOM 1500 C CD   . GLN A 1 94  ? -2.413  -0.286  -10.632 1.00 1.00 ? 217 GLN A CD   1 
ATOM 1501 O OE1  . GLN A 1 94  ? -2.152  -0.579  -11.797 1.00 1.00 ? 217 GLN A OE1  1 
ATOM 1502 N NE2  . GLN A 1 94  ? -3.236  -1.025  -9.905  1.00 1.00 ? 217 GLN A NE2  1 
ATOM 1503 H H    . GLN A 1 94  ? 1.544   -0.200  -8.097  1.00 1.00 ? 217 GLN A H    1 
ATOM 1504 H HA   . GLN A 1 94  ? 0.188   -1.040  -10.485 1.00 1.00 ? 217 GLN A HA   1 
ATOM 1505 H HB2  . GLN A 1 94  ? -0.834  -0.150  -8.352  1.00 1.00 ? 217 GLN A HB2  1 
ATOM 1506 H HB3  . GLN A 1 94  ? -0.122  1.415   -8.658  1.00 1.00 ? 217 GLN A HB3  1 
ATOM 1507 H HG2  . GLN A 1 94  ? -2.482  1.391   -9.295  1.00 1.00 ? 217 GLN A HG2  1 
ATOM 1508 H HG3  . GLN A 1 94  ? -1.489  1.653   -10.728 1.00 1.00 ? 217 GLN A HG3  1 
ATOM 1509 H HE21 . GLN A 1 94  ? -3.439  -0.752  -8.960  1.00 1.00 ? 217 GLN A HE21 1 
ATOM 1510 H HE22 . GLN A 1 94  ? -3.644  -1.887  -10.270 1.00 1.00 ? 217 GLN A HE22 1 
ATOM 1511 N N    . TYR A 1 95  ? 1.455   2.010   -10.824 1.00 1.00 ? 218 TYR A N    1 
ATOM 1512 C CA   . TYR A 1 95  ? 1.832   2.979   -11.860 1.00 1.00 ? 218 TYR A CA   1 
ATOM 1513 C C    . TYR A 1 95  ? 3.303   2.863   -12.324 1.00 1.00 ? 218 TYR A C    1 
ATOM 1514 O O    . TYR A 1 95  ? 3.732   3.578   -13.233 1.00 1.00 ? 218 TYR A O    1 
ATOM 1515 C CB   . TYR A 1 95  ? 1.397   4.401   -11.462 1.00 1.00 ? 218 TYR A CB   1 
ATOM 1516 C CG   . TYR A 1 95  ? 2.431   5.256   -10.772 1.00 1.00 ? 218 TYR A CG   1 
ATOM 1517 C CD1  . TYR A 1 95  ? 2.984   4.818   -9.571  1.00 1.00 ? 218 TYR A CD1  1 
ATOM 1518 C CD2  . TYR A 1 95  ? 2.876   6.456   -11.351 1.00 1.00 ? 218 TYR A CD2  1 
ATOM 1519 C CE1  . TYR A 1 95  ? 4.028   5.530   -8.964  1.00 1.00 ? 218 TYR A CE1  1 
ATOM 1520 C CE2  . TYR A 1 95  ? 3.915   7.184   -10.751 1.00 1.00 ? 218 TYR A CE2  1 
ATOM 1521 C CZ   . TYR A 1 95  ? 4.511   6.706   -9.562  1.00 1.00 ? 218 TYR A CZ   1 
ATOM 1522 O OH   . TYR A 1 95  ? 5.636   7.283   -9.068  1.00 1.00 ? 218 TYR A OH   1 
ATOM 1523 H H    . TYR A 1 95  ? 1.364   2.338   -9.871  1.00 1.00 ? 218 TYR A H    1 
ATOM 1524 H HA   . TYR A 1 95  ? 1.230   2.732   -12.735 1.00 1.00 ? 218 TYR A HA   1 
ATOM 1525 H HB2  . TYR A 1 95  ? 1.135   4.908   -12.376 1.00 1.00 ? 218 TYR A HB2  1 
ATOM 1526 H HB3  . TYR A 1 95  ? 0.494   4.359   -10.849 1.00 1.00 ? 218 TYR A HB3  1 
ATOM 1527 H HD1  . TYR A 1 95  ? 2.606   3.909   -9.151  1.00 1.00 ? 218 TYR A HD1  1 
ATOM 1528 H HD2  . TYR A 1 95  ? 2.452   6.795   -12.284 1.00 1.00 ? 218 TYR A HD2  1 
ATOM 1529 H HE1  . TYR A 1 95  ? 4.488   5.169   -8.065  1.00 1.00 ? 218 TYR A HE1  1 
ATOM 1530 H HE2  . TYR A 1 95  ? 4.296   8.065   -11.244 1.00 1.00 ? 218 TYR A HE2  1 
ATOM 1531 H HH   . TYR A 1 95  ? 6.257   7.357   -9.816  1.00 1.00 ? 218 TYR A HH   1 
ATOM 1532 N N    . GLN A 1 96  ? 4.066   1.908   -11.773 1.00 1.00 ? 219 GLN A N    1 
ATOM 1533 C CA   . GLN A 1 96  ? 5.373   1.408   -12.218 1.00 1.00 ? 219 GLN A CA   1 
ATOM 1534 C C    . GLN A 1 96  ? 5.438   1.220   -13.728 1.00 1.00 ? 219 GLN A C    1 
ATOM 1535 O O    . GLN A 1 96  ? 6.512   1.324   -14.307 1.00 1.00 ? 219 GLN A O    1 
ATOM 1536 C CB   . GLN A 1 96  ? 5.672   0.034   -11.571 1.00 1.00 ? 219 GLN A CB   1 
ATOM 1537 C CG   . GLN A 1 96  ? 6.519   0.091   -10.297 1.00 1.00 ? 219 GLN A CG   1 
ATOM 1538 C CD   . GLN A 1 96  ? 7.959   0.472   -10.590 1.00 1.00 ? 219 GLN A CD   1 
ATOM 1539 O OE1  . GLN A 1 96  ? 8.766   -0.338  -11.026 1.00 1.00 ? 219 GLN A OE1  1 
ATOM 1540 N NE2  . GLN A 1 96  ? 8.308   1.721   -10.354 1.00 1.00 ? 219 GLN A NE2  1 
ATOM 1541 H H    . GLN A 1 96  ? 3.695   1.480   -10.926 1.00 1.00 ? 219 GLN A H    1 
ATOM 1542 H HA   . GLN A 1 96  ? 6.141   2.127   -11.941 1.00 1.00 ? 219 GLN A HA   1 
ATOM 1543 H HB2  . GLN A 1 96  ? 4.733   -0.475  -11.355 1.00 1.00 ? 219 GLN A HB2  1 
ATOM 1544 H HB3  . GLN A 1 96  ? 6.211   -0.595  -12.281 1.00 1.00 ? 219 GLN A HB3  1 
ATOM 1545 H HG2  . GLN A 1 96  ? 6.096   0.814   -9.619  1.00 1.00 ? 219 GLN A HG2  1 
ATOM 1546 H HG3  . GLN A 1 96  ? 6.508   -0.876  -9.796  1.00 1.00 ? 219 GLN A HG3  1 
ATOM 1547 H HE21 . GLN A 1 96  ? 7.673   2.373   -9.925  1.00 1.00 ? 219 GLN A HE21 1 
ATOM 1548 H HE22 . GLN A 1 96  ? 9.261   2.001   -10.538 1.00 1.00 ? 219 GLN A HE22 1 
ATOM 1549 N N    . LYS A 1 97  ? 4.306   0.947   -14.376 1.00 1.00 ? 220 LYS A N    1 
ATOM 1550 C CA   . LYS A 1 97  ? 4.242   0.781   -15.820 1.00 1.00 ? 220 LYS A CA   1 
ATOM 1551 C C    . LYS A 1 97  ? 4.752   2.029   -16.562 1.00 1.00 ? 220 LYS A C    1 
ATOM 1552 O O    . LYS A 1 97  ? 5.174   1.898   -17.709 1.00 1.00 ? 220 LYS A O    1 
ATOM 1553 C CB   . LYS A 1 97  ? 2.822   0.321   -16.193 1.00 1.00 ? 220 LYS A CB   1 
ATOM 1554 C CG   . LYS A 1 97  ? 2.699   -1.215  -16.241 1.00 1.00 ? 220 LYS A CG   1 
ATOM 1555 C CD   . LYS A 1 97  ? 2.817   -1.956  -14.891 1.00 1.00 ? 220 LYS A CD   1 
ATOM 1556 C CE   . LYS A 1 97  ? 4.241   -2.221  -14.364 1.00 1.00 ? 220 LYS A CE   1 
ATOM 1557 N NZ   . LYS A 1 97  ? 5.045   -3.124  -15.213 1.00 1.00 ? 220 LYS A NZ   1 
ATOM 1558 H H    . LYS A 1 97  ? 3.450   0.901   -13.840 1.00 1.00 ? 220 LYS A H    1 
ATOM 1559 H HA   . LYS A 1 97  ? 4.942   -0.007  -16.098 1.00 1.00 ? 220 LYS A HA   1 
ATOM 1560 H HB2  . LYS A 1 97  ? 2.089   0.721   -15.487 1.00 1.00 ? 220 LYS A HB2  1 
ATOM 1561 H HB3  . LYS A 1 97  ? 2.569   0.703   -17.180 1.00 1.00 ? 220 LYS A HB3  1 
ATOM 1562 H HG2  . LYS A 1 97  ? 1.714   -1.443  -16.650 1.00 1.00 ? 220 LYS A HG2  1 
ATOM 1563 H HG3  . LYS A 1 97  ? 3.433   -1.608  -16.943 1.00 1.00 ? 220 LYS A HG3  1 
ATOM 1564 H HD2  . LYS A 1 97  ? 2.266   -1.395  -14.138 1.00 1.00 ? 220 LYS A HD2  1 
ATOM 1565 H HD3  . LYS A 1 97  ? 2.313   -2.916  -14.990 1.00 1.00 ? 220 LYS A HD3  1 
ATOM 1566 H HE2  . LYS A 1 97  ? 4.780   -1.283  -14.270 1.00 1.00 ? 220 LYS A HE2  1 
ATOM 1567 H HE3  . LYS A 1 97  ? 4.170   -2.656  -13.363 1.00 1.00 ? 220 LYS A HE3  1 
ATOM 1568 H HZ1  . LYS A 1 97  ? 5.100   -2.817  -16.179 1.00 1.00 ? 220 LYS A HZ1  1 
ATOM 1569 H HZ2  . LYS A 1 97  ? 5.992   -3.179  -14.845 1.00 1.00 ? 220 LYS A HZ2  1 
ATOM 1570 H HZ3  . LYS A 1 97  ? 4.668   -4.064  -15.228 1.00 1.00 ? 220 LYS A HZ3  1 
ATOM 1571 N N    . GLU A 1 98  ? 4.815   3.192   -15.909 1.00 1.00 ? 221 GLU A N    1 
ATOM 1572 C CA   . GLU A 1 98  ? 5.662   4.314   -16.308 1.00 1.00 ? 221 GLU A CA   1 
ATOM 1573 C C    . GLU A 1 98  ? 6.831   4.404   -15.312 1.00 1.00 ? 221 GLU A C    1 
ATOM 1574 O O    . GLU A 1 98  ? 8.002   4.336   -15.691 1.00 1.00 ? 221 GLU A O    1 
ATOM 1575 C CB   . GLU A 1 98  ? 4.819   5.600   -16.307 1.00 1.00 ? 221 GLU A CB   1 
ATOM 1576 C CG   . GLU A 1 98  ? 5.621   6.844   -16.716 1.00 1.00 ? 221 GLU A CG   1 
ATOM 1577 C CD   . GLU A 1 98  ? 5.871   6.893   -18.219 1.00 1.00 ? 221 GLU A CD   1 
ATOM 1578 O OE1  . GLU A 1 98  ? 4.955   7.310   -18.963 1.00 1.00 ? 221 GLU A OE1  1 
ATOM 1579 O OE2  . GLU A 1 98  ? 6.987   6.527   -18.646 1.00 1.00 ? 221 GLU A OE2  1 
ATOM 1580 H H    . GLU A 1 98  ? 4.426   3.229   -14.977 1.00 1.00 ? 221 GLU A H    1 
ATOM 1581 H HA   . GLU A 1 98  ? 6.063   4.152   -17.312 1.00 1.00 ? 221 GLU A HA   1 
ATOM 1582 H HB2  . GLU A 1 98  ? 3.976   5.478   -16.986 1.00 1.00 ? 221 GLU A HB2  1 
ATOM 1583 H HB3  . GLU A 1 98  ? 4.418   5.760   -15.304 1.00 1.00 ? 221 GLU A HB3  1 
ATOM 1584 H HG2  . GLU A 1 98  ? 5.066   7.734   -16.426 1.00 1.00 ? 221 GLU A HG2  1 
ATOM 1585 H HG3  . GLU A 1 98  ? 6.574   6.874   -16.188 1.00 1.00 ? 221 GLU A HG3  1 
ATOM 1586 N N    . SER A 1 99  ? 6.507   4.549   -14.024 1.00 1.00 ? 222 SER A N    1 
ATOM 1587 C CA   . SER A 1 99  ? 7.399   4.923   -12.934 1.00 1.00 ? 222 SER A CA   1 
ATOM 1588 C C    . SER A 1 99  ? 8.531   3.949   -12.600 1.00 1.00 ? 222 SER A C    1 
ATOM 1589 O O    . SER A 1 99  ? 9.277   4.214   -11.659 1.00 1.00 ? 222 SER A O    1 
ATOM 1590 C CB   . SER A 1 99  ? 6.597   5.363   -11.707 1.00 1.00 ? 222 SER A CB   1 
ATOM 1591 O OG   . SER A 1 99  ? 6.853   6.735   -11.463 1.00 1.00 ? 222 SER A OG   1 
ATOM 1592 H H    . SER A 1 99  ? 5.516   4.549   -13.802 1.00 1.00 ? 222 SER A H    1 
ATOM 1593 H HA   . SER A 1 99  ? 7.930   5.807   -13.298 1.00 1.00 ? 222 SER A HA   1 
ATOM 1594 H HB2  . SER A 1 99  ? 5.530   5.221   -11.884 1.00 1.00 ? 222 SER A HB2  1 
ATOM 1595 H HB3  . SER A 1 99  ? 6.885   4.779   -10.831 1.00 1.00 ? 222 SER A HB3  1 
ATOM 1596 H HG   . SER A 1 99  ? 6.737   7.217   -12.314 1.00 1.00 ? 222 SER A HG   1 
ATOM 1597 N N    . GLN A 1 100 ? 8.697   2.828   -13.301 1.00 1.00 ? 223 GLN A N    1 
ATOM 1598 C CA   . GLN A 1 100 ? 9.964   2.100   -13.270 1.00 1.00 ? 223 GLN A CA   1 
ATOM 1599 C C    . GLN A 1 100 ? 11.149  3.028   -13.603 1.00 1.00 ? 223 GLN A C    1 
ATOM 1600 O O    . GLN A 1 100 ? 12.273  2.763   -13.177 1.00 1.00 ? 223 GLN A O    1 
ATOM 1601 C CB   . GLN A 1 100 ? 9.901   0.924   -14.245 1.00 1.00 ? 223 GLN A CB   1 
ATOM 1602 C CG   . GLN A 1 100 ? 10.887  -0.180  -13.854 1.00 1.00 ? 223 GLN A CG   1 
ATOM 1603 C CD   . GLN A 1 100 ? 11.286  -0.980  -15.081 1.00 1.00 ? 223 GLN A CD   1 
ATOM 1604 O OE1  . GLN A 1 100 ? 10.434  -1.568  -15.742 1.00 1.00 ? 223 GLN A OE1  1 
ATOM 1605 N NE2  . GLN A 1 100 ? 12.556  -0.976  -15.444 1.00 1.00 ? 223 GLN A NE2  1 
ATOM 1606 H H    . GLN A 1 100 ? 8.044   2.584   -14.038 1.00 1.00 ? 223 GLN A H    1 
ATOM 1607 H HA   . GLN A 1 100 ? 10.114  1.708   -12.266 1.00 1.00 ? 223 GLN A HA   1 
ATOM 1608 H HB2  . GLN A 1 100 ? 8.904   0.485   -14.242 1.00 1.00 ? 223 GLN A HB2  1 
ATOM 1609 H HB3  . GLN A 1 100 ? 10.118  1.287   -15.250 1.00 1.00 ? 223 GLN A HB3  1 
ATOM 1610 H HG2  . GLN A 1 100 ? 11.773  0.242   -13.384 1.00 1.00 ? 223 GLN A HG2  1 
ATOM 1611 H HG3  . GLN A 1 100 ? 10.403  -0.838  -13.134 1.00 1.00 ? 223 GLN A HG3  1 
ATOM 1612 H HE21 . GLN A 1 100 ? 13.247  -0.458  -14.902 1.00 1.00 ? 223 GLN A HE21 1 
ATOM 1613 H HE22 . GLN A 1 100 ? 12.821  -1.372  -16.339 1.00 1.00 ? 223 GLN A HE22 1 
ATOM 1614 N N    . ALA A 1 101 ? 10.907  4.142   -14.305 1.00 1.00 ? 224 ALA A N    1 
ATOM 1615 C CA   . ALA A 1 101 ? 11.877  5.214   -14.470 1.00 1.00 ? 224 ALA A CA   1 
ATOM 1616 C C    . ALA A 1 101 ? 12.313  5.832   -13.129 1.00 1.00 ? 224 ALA A C    1 
ATOM 1617 O O    . ALA A 1 101 ? 13.483  6.180   -12.976 1.00 1.00 ? 224 ALA A O    1 
ATOM 1618 C CB   . ALA A 1 101 ? 11.276  6.288   -15.382 1.00 1.00 ? 224 ALA A CB   1 
ATOM 1619 H H    . ALA A 1 101 ? 9.986   4.268   -14.710 1.00 1.00 ? 224 ALA A H    1 
ATOM 1620 H HA   . ALA A 1 101 ? 12.760  4.796   -14.952 1.00 1.00 ? 224 ALA A HA   1 
ATOM 1621 H HB1  . ALA A 1 101 ? 11.033  5.858   -16.357 1.00 1.00 ? 224 ALA A HB1  1 
ATOM 1622 H HB2  . ALA A 1 101 ? 10.373  6.704   -14.935 1.00 1.00 ? 224 ALA A HB2  1 
ATOM 1623 H HB3  . ALA A 1 101 ? 12.001  7.090   -15.522 1.00 1.00 ? 224 ALA A HB3  1 
ATOM 1624 N N    . TYR A 1 102 ? 11.386  5.998   -12.182 1.00 1.00 ? 225 TYR A N    1 
ATOM 1625 C CA   . TYR A 1 102 ? 11.600  6.622   -10.883 1.00 1.00 ? 225 TYR A CA   1 
ATOM 1626 C C    . TYR A 1 102 ? 12.083  5.651   -9.795  1.00 1.00 ? 225 TYR A C    1 
ATOM 1627 O O    . TYR A 1 102 ? 12.990  5.998   -9.035  1.00 1.00 ? 225 TYR A O    1 
ATOM 1628 C CB   . TYR A 1 102 ? 10.273  7.253   -10.433 1.00 1.00 ? 225 TYR A CB   1 
ATOM 1629 C CG   . TYR A 1 102 ? 10.075  8.690   -10.855 1.00 1.00 ? 225 TYR A CG   1 
ATOM 1630 C CD1  . TYR A 1 102 ? 10.632  9.718   -10.075 1.00 1.00 ? 225 TYR A CD1  1 
ATOM 1631 C CD2  . TYR A 1 102 ? 9.351   9.008   -12.017 1.00 1.00 ? 225 TYR A CD2  1 
ATOM 1632 C CE1  . TYR A 1 102 ? 10.487  11.057  -10.469 1.00 1.00 ? 225 TYR A CE1  1 
ATOM 1633 C CE2  . TYR A 1 102 ? 9.168   10.351  -12.388 1.00 1.00 ? 225 TYR A CE2  1 
ATOM 1634 C CZ   . TYR A 1 102 ? 9.739   11.388  -11.622 1.00 1.00 ? 225 TYR A CZ   1 
ATOM 1635 O OH   . TYR A 1 102 ? 9.592   12.679  -12.025 1.00 1.00 ? 225 TYR A OH   1 
ATOM 1636 H H    . TYR A 1 102 ? 10.438  5.693   -12.349 1.00 1.00 ? 225 TYR A H    1 
ATOM 1637 H HA   . TYR A 1 102 ? 12.350  7.407   -10.981 1.00 1.00 ? 225 TYR A HA   1 
ATOM 1638 H HB2  . TYR A 1 102 ? 9.435   6.651   -10.776 1.00 1.00 ? 225 TYR A HB2  1 
ATOM 1639 H HB3  . TYR A 1 102 ? 10.236  7.222   -9.352  1.00 1.00 ? 225 TYR A HB3  1 
ATOM 1640 H HD1  . TYR A 1 102 ? 11.186  9.478   -9.180  1.00 1.00 ? 225 TYR A HD1  1 
ATOM 1641 H HD2  . TYR A 1 102 ? 8.925   8.223   -12.626 1.00 1.00 ? 225 TYR A HD2  1 
ATOM 1642 H HE1  . TYR A 1 102 ? 10.989  11.819  -9.899  1.00 1.00 ? 225 TYR A HE1  1 
ATOM 1643 H HE2  . TYR A 1 102 ? 8.595   10.598  -13.268 1.00 1.00 ? 225 TYR A HE2  1 
ATOM 1644 H HH   . TYR A 1 102 ? 9.906   13.347  -11.390 1.00 1.00 ? 225 TYR A HH   1 
ATOM 1645 N N    . TYR A 1 103 ? 11.390  4.520   -9.614  1.00 1.00 ? 226 TYR A N    1 
ATOM 1646 C CA   . TYR A 1 103 ? 11.526  3.678   -8.418  1.00 1.00 ? 226 TYR A CA   1 
ATOM 1647 C C    . TYR A 1 103 ? 12.684  2.698   -8.563  1.00 1.00 ? 226 TYR A C    1 
ATOM 1648 O O    . TYR A 1 103 ? 13.563  2.911   -9.421  1.00 1.00 ? 226 TYR A O    1 
ATOM 1649 C CB   . TYR A 1 103 ? 10.198  2.956   -8.129  1.00 1.00 ? 226 TYR A CB   1 
ATOM 1650 C CG   . TYR A 1 103 ? 9.841   2.662   -6.675  1.00 1.00 ? 226 TYR A CG   1 
ATOM 1651 C CD1  . TYR A 1 103 ? 10.025  3.629   -5.668  1.00 1.00 ? 226 TYR A CD1  1 
ATOM 1652 C CD2  . TYR A 1 103 ? 9.171   1.464   -6.351  1.00 1.00 ? 226 TYR A CD2  1 
ATOM 1653 C CE1  . TYR A 1 103 ? 9.515   3.422   -4.377  1.00 1.00 ? 226 TYR A CE1  1 
ATOM 1654 C CE2  . TYR A 1 103 ? 8.682   1.238   -5.053  1.00 1.00 ? 226 TYR A CE2  1 
ATOM 1655 C CZ   . TYR A 1 103 ? 8.848   2.220   -4.053  1.00 1.00 ? 226 TYR A CZ   1 
ATOM 1656 O OH   . TYR A 1 103 ? 8.369   2.016   -2.793  1.00 1.00 ? 226 TYR A OH   1 
ATOM 1657 O OXT  . TYR A 1 103 ? 12.719  1.698   -7.816  1.00 1.00 ? 226 TYR A OXT  1 
ATOM 1658 H H    . TYR A 1 103 ? 10.684  4.286   -10.299 1.00 1.00 ? 226 TYR A H    1 
ATOM 1659 H HA   . TYR A 1 103 ? 11.755  4.328   -7.581  1.00 1.00 ? 226 TYR A HA   1 
ATOM 1660 H HB2  . TYR A 1 103 ? 9.387   3.565   -8.527  1.00 1.00 ? 226 TYR A HB2  1 
ATOM 1661 H HB3  . TYR A 1 103 ? 10.213  2.014   -8.675  1.00 1.00 ? 226 TYR A HB3  1 
ATOM 1662 H HD1  . TYR A 1 103 ? 10.519  4.566   -5.868  1.00 1.00 ? 226 TYR A HD1  1 
ATOM 1663 H HD2  . TYR A 1 103 ? 8.988   0.710   -7.099  1.00 1.00 ? 226 TYR A HD2  1 
ATOM 1664 H HE1  . TYR A 1 103 ? 9.630   4.203   -3.646  1.00 1.00 ? 226 TYR A HE1  1 
ATOM 1665 H HE2  . TYR A 1 103 ? 8.154   0.320   -4.843  1.00 1.00 ? 226 TYR A HE2  1 
ATOM 1666 H HH   . TYR A 1 103 ? 8.444   2.826   -2.261  1.00 1.00 ? 226 TYR A HH   1 
# 
